data_3P45
#
_entry.id   3P45
#
_cell.length_a   81.230
_cell.length_b   161.240
_cell.length_c   88.920
_cell.angle_alpha   90.000
_cell.angle_beta   94.800
_cell.angle_gamma   90.000
#
_symmetry.space_group_name_H-M   'P 1 21 1'
#
loop_
_entity.id
_entity.type
_entity.pdbx_description
1 polymer caspase-6
2 polymer caspase-6
3 water water
#
loop_
_entity_poly.entity_id
_entity_poly.type
_entity_poly.pdbx_seq_one_letter_code
_entity_poly.pdbx_strand_id
1 'polypeptide(L)'
;MSSASGLRRGHPAGGEENMTETDAFYKREMFDPAEKYKMDHRRRGIALIFNHERFFWHLTLPERRGTCADRDNLTRRFSD
LGFEVKCFNDLKAEELLLKIHEVSTVSHADADCFVCVFLSHGEGNHIYAYDAKIEIQTLTGLFKGDKCHSLVGKPKIFII
QACRGNQHDVPVIPLDVVD
;
A,C,E,G,I,K,M,O
2 'polypeptide(L)'
;DAASVYTLPAGADFLMCYSVAEGYYSHRETVNGSWYIQDLCEMLGKYGSSLEFTELLTLVNRKVSQRRVDFCKDPSAIGK
KQVPCFASMLTKKLHFFPKSNRHHHHHH
;
B,D,F,H,J,L,N,P
#
# COMPACT_ATOMS: atom_id res chain seq x y z
N PHE A 31 38.84 -30.83 -53.66
CA PHE A 31 38.23 -30.30 -52.41
C PHE A 31 39.30 -29.91 -51.35
N ASP A 32 39.54 -28.62 -51.19
CA ASP A 32 40.82 -28.15 -50.68
C ASP A 32 40.81 -27.70 -49.23
N PRO A 33 41.42 -28.47 -48.32
CA PRO A 33 41.45 -28.10 -46.90
C PRO A 33 42.00 -26.71 -46.60
N ALA A 34 42.78 -26.14 -47.51
CA ALA A 34 43.29 -24.78 -47.35
C ALA A 34 42.34 -23.67 -47.86
N GLU A 35 41.12 -24.04 -48.27
CA GLU A 35 40.24 -23.09 -48.94
C GLU A 35 39.77 -21.92 -48.07
N LYS A 36 39.85 -20.71 -48.64
CA LYS A 36 39.44 -19.46 -48.00
C LYS A 36 38.21 -18.89 -48.67
N TYR A 37 37.28 -18.37 -47.89
CA TYR A 37 36.26 -17.49 -48.44
C TYR A 37 36.92 -16.47 -49.38
N LYS A 38 36.34 -16.25 -50.56
CA LYS A 38 36.85 -15.20 -51.50
C LYS A 38 36.69 -13.84 -50.82
N MET A 39 37.76 -13.09 -50.68
CA MET A 39 37.66 -11.85 -49.94
C MET A 39 38.17 -10.69 -50.76
N ASP A 40 37.79 -10.67 -52.04
CA ASP A 40 38.39 -9.75 -53.00
C ASP A 40 37.33 -8.99 -53.76
N HIS A 41 36.25 -8.69 -53.07
CA HIS A 41 35.15 -7.93 -53.64
C HIS A 41 35.49 -6.44 -53.51
N ARG A 42 34.80 -5.57 -54.26
CA ARG A 42 35.02 -4.10 -54.12
C ARG A 42 34.93 -3.61 -52.67
N ARG A 43 33.99 -4.14 -51.92
CA ARG A 43 33.77 -3.66 -50.58
C ARG A 43 33.91 -4.82 -49.61
N ARG A 44 34.44 -4.54 -48.43
CA ARG A 44 34.48 -5.54 -47.36
C ARG A 44 33.07 -5.89 -46.93
N GLY A 45 32.22 -4.89 -46.83
CA GLY A 45 30.86 -5.13 -46.33
C GLY A 45 30.48 -4.27 -45.14
N ILE A 46 29.25 -4.45 -44.67
CA ILE A 46 28.74 -3.61 -43.59
C ILE A 46 29.01 -4.25 -42.27
N ALA A 47 29.30 -3.41 -41.28
CA ALA A 47 29.35 -3.84 -39.88
C ALA A 47 28.23 -3.06 -39.17
N LEU A 48 27.20 -3.75 -38.75
CA LEU A 48 26.03 -3.14 -38.07
C LEU A 48 26.19 -3.27 -36.56
N ILE A 49 26.14 -2.17 -35.79
CA ILE A 49 26.28 -2.31 -34.32
C ILE A 49 25.03 -1.75 -33.65
N PHE A 50 24.24 -2.56 -32.92
CA PHE A 50 23.13 -2.02 -32.13
C PHE A 50 23.58 -1.85 -30.69
N ASN A 51 23.69 -0.61 -30.23
CA ASN A 51 24.25 -0.30 -28.90
C ASN A 51 23.13 0.18 -27.96
N HIS A 52 22.89 -0.58 -26.90
CA HIS A 52 21.80 -0.29 -25.99
C HIS A 52 22.36 -0.04 -24.63
N GLU A 53 22.14 1.16 -24.12
CA GLU A 53 22.68 1.65 -22.86
C GLU A 53 21.65 1.76 -21.74
N ARG A 54 20.54 2.41 -22.05
CA ARG A 54 19.49 2.71 -21.07
C ARG A 54 18.24 2.12 -21.70
N PHE A 55 17.25 1.82 -20.87
CA PHE A 55 16.08 1.08 -21.33
C PHE A 55 14.77 1.68 -20.91
N PHE A 56 13.71 1.34 -21.64
CA PHE A 56 12.38 1.81 -21.23
C PHE A 56 12.19 1.53 -19.75
N TRP A 57 11.86 2.58 -19.05
CA TRP A 57 11.70 2.58 -17.62
C TRP A 57 10.97 1.35 -17.05
N HIS A 58 9.83 1.00 -17.63
CA HIS A 58 8.98 -0.06 -17.07
C HIS A 58 9.50 -1.46 -17.19
N LEU A 59 10.49 -1.66 -18.06
CA LEU A 59 11.18 -2.94 -18.15
C LEU A 59 12.10 -3.08 -16.95
N THR A 60 12.34 -1.99 -16.22
CA THR A 60 13.08 -2.10 -14.97
C THR A 60 14.44 -2.83 -15.15
N LEU A 61 15.27 -2.37 -16.09
CA LEU A 61 16.58 -2.96 -16.44
C LEU A 61 17.67 -1.93 -16.18
N PRO A 62 18.83 -2.32 -15.63
CA PRO A 62 19.81 -1.24 -15.32
C PRO A 62 20.59 -0.80 -16.53
N GLU A 63 21.22 0.36 -16.40
CA GLU A 63 22.08 0.89 -17.47
C GLU A 63 23.25 0.00 -17.67
N ARG A 64 23.69 -0.03 -18.91
CA ARG A 64 24.89 -0.71 -19.27
C ARG A 64 26.01 0.34 -19.37
N ARG A 65 26.69 0.58 -18.27
CA ARG A 65 27.58 1.73 -18.18
C ARG A 65 28.83 1.63 -19.12
N GLY A 66 29.34 0.49 -19.40
CA GLY A 66 30.43 0.57 -20.37
C GLY A 66 30.10 0.46 -21.84
N THR A 67 28.84 0.40 -22.23
CA THR A 67 28.58 -0.07 -23.56
C THR A 67 29.04 0.87 -24.68
N CYS A 68 29.04 2.19 -24.47
CA CYS A 68 29.47 3.14 -25.50
C CYS A 68 30.99 3.02 -25.85
N ALA A 69 31.78 2.70 -24.83
CA ALA A 69 33.20 2.43 -25.01
C ALA A 69 33.32 1.23 -25.87
N ASP A 70 32.57 0.16 -25.55
CA ASP A 70 32.62 -1.02 -26.38
C ASP A 70 32.25 -0.63 -27.80
N ARG A 71 31.19 0.18 -27.96
CA ARG A 71 30.68 0.51 -29.32
C ARG A 71 31.73 1.20 -30.17
N ASP A 72 32.43 2.15 -29.59
CA ASP A 72 33.46 2.90 -30.33
C ASP A 72 34.67 2.01 -30.63
N ASN A 73 34.94 1.07 -29.73
CA ASN A 73 36.07 0.20 -29.83
C ASN A 73 35.89 -0.77 -31.00
N LEU A 74 34.68 -1.25 -31.22
CA LEU A 74 34.39 -2.12 -32.32
C LEU A 74 34.38 -1.28 -33.56
N THR A 75 33.80 -0.09 -33.45
CA THR A 75 33.76 0.79 -34.60
C THR A 75 35.17 1.05 -35.17
N ARG A 76 36.14 1.22 -34.30
CA ARG A 76 37.47 1.60 -34.78
C ARG A 76 38.12 0.39 -35.48
N ARG A 77 38.00 -0.75 -34.83
CA ARG A 77 38.59 -1.99 -35.28
C ARG A 77 38.07 -2.47 -36.59
N PHE A 78 36.75 -2.43 -36.72
CA PHE A 78 36.06 -2.92 -37.89
C PHE A 78 36.25 -1.99 -39.08
N SER A 79 36.46 -0.70 -38.82
CA SER A 79 36.86 0.21 -39.89
C SER A 79 38.23 -0.10 -40.44
N ASP A 80 39.19 -0.32 -39.54
CA ASP A 80 40.57 -0.64 -39.95
C ASP A 80 40.61 -1.89 -40.83
N LEU A 81 39.62 -2.76 -40.65
CA LEU A 81 39.53 -3.96 -41.44
C LEU A 81 38.68 -3.73 -42.68
N GLY A 82 38.26 -2.48 -42.91
CA GLY A 82 37.58 -2.12 -44.16
C GLY A 82 36.07 -2.06 -44.11
N PHE A 83 35.47 -2.47 -42.98
CA PHE A 83 34.03 -2.43 -42.82
C PHE A 83 33.49 -1.02 -42.83
N GLU A 84 32.28 -0.91 -43.34
CA GLU A 84 31.47 0.26 -43.28
C GLU A 84 30.56 0.06 -42.05
N VAL A 85 30.97 0.76 -40.99
CA VAL A 85 30.40 0.62 -39.70
C VAL A 85 29.20 1.51 -39.60
N LYS A 86 28.04 0.92 -39.34
CA LYS A 86 26.82 1.70 -39.14
C LYS A 86 26.38 1.41 -37.74
N CYS A 87 26.44 2.42 -36.87
CA CYS A 87 25.94 2.33 -35.46
C CYS A 87 24.55 2.90 -35.20
N PHE A 88 23.79 2.27 -34.33
CA PHE A 88 22.46 2.79 -33.94
C PHE A 88 22.34 2.66 -32.46
N ASN A 89 22.02 3.73 -31.75
CA ASN A 89 21.95 3.64 -30.30
C ASN A 89 20.54 3.65 -29.72
N ASP A 90 20.21 2.68 -28.87
CA ASP A 90 18.95 2.60 -28.19
C ASP A 90 17.75 2.59 -29.12
N LEU A 91 17.82 1.86 -30.21
CA LEU A 91 16.64 1.71 -31.02
C LEU A 91 15.52 1.04 -30.25
N LYS A 92 14.32 1.57 -30.40
CA LYS A 92 13.09 0.85 -30.05
C LYS A 92 12.97 -0.33 -30.99
N ALA A 93 12.10 -1.28 -30.66
CA ALA A 93 12.10 -2.53 -31.38
C ALA A 93 11.67 -2.29 -32.80
N GLU A 94 10.65 -1.47 -33.01
CA GLU A 94 10.24 -1.15 -34.39
C GLU A 94 11.39 -0.61 -35.28
N GLU A 95 12.15 0.34 -34.72
CA GLU A 95 13.21 1.00 -35.44
C GLU A 95 14.29 -0.05 -35.67
N LEU A 96 14.59 -0.85 -34.67
CA LEU A 96 15.63 -1.87 -34.81
C LEU A 96 15.28 -2.86 -35.93
N LEU A 97 14.07 -3.38 -35.91
CA LEU A 97 13.67 -4.38 -36.86
C LEU A 97 13.59 -3.81 -38.27
N LEU A 98 13.14 -2.56 -38.42
CA LEU A 98 13.09 -2.06 -39.76
C LEU A 98 14.48 -1.70 -40.27
N LYS A 99 15.37 -1.30 -39.38
CA LYS A 99 16.74 -1.02 -39.77
C LYS A 99 17.46 -2.29 -40.22
N ILE A 100 17.53 -3.29 -39.36
CA ILE A 100 18.17 -4.54 -39.77
C ILE A 100 17.47 -5.21 -40.99
N HIS A 101 16.16 -5.03 -41.15
CA HIS A 101 15.46 -5.56 -42.34
C HIS A 101 15.94 -4.81 -43.55
N GLU A 102 16.17 -3.52 -43.37
CA GLU A 102 16.65 -2.73 -44.47
C GLU A 102 18.01 -3.24 -44.93
N VAL A 103 18.91 -3.54 -44.00
CA VAL A 103 20.20 -3.94 -44.48
C VAL A 103 20.19 -5.36 -44.99
N SER A 104 19.27 -6.15 -44.48
CA SER A 104 19.13 -7.51 -44.97
C SER A 104 18.69 -7.50 -46.44
N THR A 105 18.02 -6.41 -46.88
CA THR A 105 17.41 -6.31 -48.21
C THR A 105 18.16 -5.46 -49.27
N VAL A 106 19.32 -4.90 -48.90
CA VAL A 106 20.21 -4.19 -49.84
C VAL A 106 21.02 -5.29 -50.51
N SER A 107 21.44 -5.14 -51.76
CA SER A 107 22.45 -6.05 -52.32
C SER A 107 23.76 -6.01 -51.52
N HIS A 108 24.25 -7.21 -51.17
CA HIS A 108 25.62 -7.39 -50.69
C HIS A 108 26.46 -8.11 -51.81
N ALA A 109 26.02 -7.95 -53.04
CA ALA A 109 26.66 -8.62 -54.16
C ALA A 109 28.17 -8.27 -54.29
N ASP A 110 28.52 -7.01 -54.05
CA ASP A 110 29.90 -6.49 -54.02
C ASP A 110 30.69 -6.64 -52.74
N ALA A 111 30.17 -7.34 -51.76
CA ALA A 111 30.77 -7.32 -50.42
C ALA A 111 31.37 -8.65 -50.07
N ASP A 112 32.45 -8.63 -49.30
CA ASP A 112 33.08 -9.85 -48.82
C ASP A 112 32.18 -10.64 -47.85
N CYS A 113 31.59 -9.92 -46.89
CA CYS A 113 30.88 -10.51 -45.76
C CYS A 113 29.99 -9.50 -45.04
N PHE A 114 29.37 -9.90 -43.94
CA PHE A 114 28.49 -9.03 -43.18
C PHE A 114 28.72 -9.28 -41.71
N VAL A 115 28.89 -8.20 -40.95
CA VAL A 115 29.02 -8.29 -39.52
C VAL A 115 27.82 -7.61 -38.89
N CYS A 116 27.32 -8.16 -37.80
CA CYS A 116 26.27 -7.50 -37.01
C CYS A 116 26.56 -7.70 -35.50
N VAL A 117 26.49 -6.65 -34.71
CA VAL A 117 26.82 -6.76 -33.29
C VAL A 117 25.66 -6.31 -32.45
N PHE A 118 25.30 -7.03 -31.38
CA PHE A 118 24.31 -6.58 -30.41
C PHE A 118 24.99 -6.42 -29.07
N LEU A 119 24.87 -5.21 -28.54
CA LEU A 119 25.35 -4.86 -27.22
C LEU A 119 24.17 -4.51 -26.40
N SER A 120 23.60 -5.43 -25.65
CA SER A 120 22.40 -5.12 -24.87
C SER A 120 22.26 -6.06 -23.72
N HIS A 121 21.09 -6.05 -23.07
CA HIS A 121 20.72 -7.13 -22.11
C HIS A 121 20.12 -8.30 -22.86
N GLY A 122 20.29 -9.50 -22.31
CA GLY A 122 19.76 -10.74 -22.91
C GLY A 122 18.82 -11.50 -21.97
N GLU A 123 18.14 -12.49 -22.50
CA GLU A 123 17.07 -13.18 -21.78
C GLU A 123 16.59 -14.31 -22.65
N GLY A 124 16.82 -15.53 -22.20
CA GLY A 124 16.52 -16.70 -22.98
C GLY A 124 17.27 -16.48 -24.25
N ASN A 125 16.59 -16.64 -25.40
CA ASN A 125 17.22 -16.45 -26.70
C ASN A 125 16.80 -15.10 -27.30
N HIS A 126 16.70 -14.06 -26.44
CA HIS A 126 16.28 -12.71 -26.88
C HIS A 126 17.26 -11.63 -26.50
N ILE A 127 17.35 -10.57 -27.28
CA ILE A 127 18.06 -9.37 -26.84
C ILE A 127 17.05 -8.26 -26.59
N TYR A 128 17.37 -7.34 -25.71
CA TYR A 128 16.50 -6.20 -25.57
C TYR A 128 16.82 -5.09 -26.50
N ALA A 129 15.77 -4.59 -27.14
CA ALA A 129 15.79 -3.24 -27.70
C ALA A 129 15.48 -2.31 -26.52
N TYR A 130 15.20 -1.05 -26.79
CA TYR A 130 14.90 -0.08 -25.72
C TYR A 130 13.59 -0.42 -25.03
N ASP A 131 12.70 -0.91 -25.86
CA ASP A 131 11.27 -1.21 -25.69
C ASP A 131 10.91 -2.59 -25.09
N ALA A 132 11.58 -3.60 -25.58
CA ALA A 132 11.03 -4.93 -25.62
C ALA A 132 12.12 -5.87 -26.04
N LYS A 133 11.87 -7.14 -25.89
CA LYS A 133 12.82 -8.16 -26.22
C LYS A 133 12.51 -8.70 -27.62
N ILE A 134 13.54 -9.11 -28.33
CA ILE A 134 13.38 -9.66 -29.66
C ILE A 134 14.16 -10.94 -29.75
N GLU A 135 13.57 -11.92 -30.42
CA GLU A 135 14.16 -13.21 -30.51
C GLU A 135 15.33 -13.12 -31.43
N ILE A 136 16.47 -13.66 -31.02
CA ILE A 136 17.62 -13.61 -31.84
C ILE A 136 17.39 -14.31 -33.17
N GLN A 137 16.77 -15.47 -33.19
CA GLN A 137 16.51 -16.17 -34.45
C GLN A 137 15.85 -15.25 -35.48
N THR A 138 15.04 -14.34 -35.00
CA THR A 138 14.22 -13.57 -35.86
C THR A 138 15.08 -12.60 -36.64
N LEU A 139 16.16 -12.13 -35.99
CA LEU A 139 17.14 -11.27 -36.60
C LEU A 139 18.16 -12.04 -37.50
N THR A 140 18.60 -13.22 -37.06
CA THR A 140 19.58 -13.96 -37.79
C THR A 140 18.94 -14.48 -39.07
N GLY A 141 17.78 -15.09 -38.95
CA GLY A 141 17.02 -15.56 -40.11
C GLY A 141 16.86 -14.56 -41.24
N LEU A 142 16.96 -13.24 -40.98
CA LEU A 142 16.81 -12.27 -42.08
C LEU A 142 17.92 -12.39 -43.15
N PHE A 143 19.00 -13.08 -42.79
CA PHE A 143 20.18 -13.27 -43.61
C PHE A 143 20.48 -14.72 -44.06
N LYS A 144 19.68 -15.70 -43.64
CA LYS A 144 19.72 -17.02 -44.30
C LYS A 144 19.69 -16.89 -45.85
N GLY A 145 20.01 -17.94 -46.57
CA GLY A 145 20.05 -17.86 -48.04
C GLY A 145 18.73 -17.52 -48.72
N ASP A 146 17.66 -18.18 -48.34
CA ASP A 146 16.38 -17.96 -49.01
C ASP A 146 15.84 -16.52 -48.86
N LYS A 147 16.50 -15.69 -48.05
CA LYS A 147 16.04 -14.35 -47.73
C LYS A 147 17.06 -13.25 -48.03
N CYS A 148 18.29 -13.67 -48.31
CA CYS A 148 19.31 -12.73 -48.68
C CYS A 148 20.30 -13.42 -49.66
N HIS A 149 19.90 -13.49 -50.92
CA HIS A 149 20.63 -14.22 -51.96
C HIS A 149 22.05 -13.68 -52.11
N SER A 150 22.25 -12.39 -51.84
CA SER A 150 23.54 -11.80 -52.16
C SER A 150 24.59 -12.13 -51.12
N LEU A 151 24.20 -12.75 -50.01
CA LEU A 151 25.19 -13.21 -48.99
C LEU A 151 25.40 -14.72 -49.02
N VAL A 152 24.68 -15.44 -49.88
CA VAL A 152 24.91 -16.87 -49.96
C VAL A 152 26.38 -17.12 -50.20
N GLY A 153 26.98 -17.96 -49.37
CA GLY A 153 28.40 -18.31 -49.53
C GLY A 153 29.38 -17.31 -48.90
N LYS A 154 28.87 -16.21 -48.36
CA LYS A 154 29.76 -15.26 -47.76
C LYS A 154 29.51 -15.36 -46.29
N PRO A 155 30.48 -14.94 -45.46
CA PRO A 155 30.31 -15.05 -44.03
C PRO A 155 29.33 -14.04 -43.50
N LYS A 156 28.49 -14.46 -42.58
CA LYS A 156 27.59 -13.59 -41.89
C LYS A 156 27.92 -13.68 -40.41
N ILE A 157 28.66 -12.70 -39.89
CA ILE A 157 29.20 -12.77 -38.50
C ILE A 157 28.36 -12.00 -37.42
N PHE A 158 27.92 -12.69 -36.37
CA PHE A 158 27.15 -12.05 -35.31
C PHE A 158 27.91 -12.12 -33.94
N ILE A 159 28.16 -10.96 -33.38
CA ILE A 159 28.81 -10.79 -32.10
C ILE A 159 27.67 -10.34 -31.13
N ILE A 160 27.37 -11.17 -30.14
CA ILE A 160 26.37 -10.83 -29.17
C ILE A 160 27.00 -10.71 -27.80
N GLN A 161 26.96 -9.49 -27.27
CA GLN A 161 27.42 -9.20 -25.91
C GLN A 161 26.18 -8.87 -25.09
N ALA A 162 25.61 -9.90 -24.45
CA ALA A 162 24.36 -9.83 -23.61
C ALA A 162 24.47 -10.56 -22.27
N CYS A 163 23.46 -10.41 -21.42
CA CYS A 163 23.25 -11.23 -20.21
C CYS A 163 23.18 -12.76 -20.41
N TYR B 6 21.37 -20.14 -25.57
CA TYR B 6 22.00 -19.44 -26.71
C TYR B 6 21.53 -19.97 -28.07
N THR B 7 21.81 -19.26 -29.16
CA THR B 7 21.01 -19.54 -30.36
C THR B 7 21.60 -20.41 -31.48
N LEU B 8 22.92 -20.47 -31.59
CA LEU B 8 23.53 -21.35 -32.59
C LEU B 8 23.26 -20.84 -34.04
N PRO B 9 24.19 -21.13 -34.95
CA PRO B 9 24.13 -20.56 -36.28
C PRO B 9 22.81 -20.82 -37.01
N ALA B 10 22.27 -19.78 -37.64
CA ALA B 10 21.04 -19.89 -38.36
C ALA B 10 21.18 -20.78 -39.60
N GLY B 11 22.40 -20.96 -40.11
CA GLY B 11 22.62 -21.72 -41.35
C GLY B 11 24.04 -21.59 -41.88
N ALA B 12 24.28 -22.10 -43.09
CA ALA B 12 25.59 -22.15 -43.72
C ALA B 12 26.34 -20.83 -43.67
N ASP B 13 27.59 -20.86 -43.26
CA ASP B 13 28.44 -19.68 -43.29
C ASP B 13 28.07 -18.60 -42.31
N PHE B 14 27.33 -18.96 -41.28
CA PHE B 14 27.14 -18.09 -40.10
C PHE B 14 28.18 -18.37 -39.00
N LEU B 15 28.75 -17.34 -38.42
CA LEU B 15 29.54 -17.47 -37.18
C LEU B 15 28.89 -16.65 -36.06
N MET B 16 28.60 -17.27 -34.94
CA MET B 16 28.09 -16.48 -33.78
C MET B 16 29.18 -16.29 -32.78
N CYS B 17 29.39 -15.08 -32.32
CA CYS B 17 30.37 -14.86 -31.25
C CYS B 17 29.70 -14.35 -29.99
N TYR B 18 29.73 -15.13 -28.89
CA TYR B 18 29.10 -14.73 -27.63
C TYR B 18 30.07 -14.42 -26.53
N SER B 19 29.71 -13.41 -25.75
CA SER B 19 30.52 -12.93 -24.65
C SER B 19 30.61 -13.89 -23.49
N VAL B 20 29.55 -14.61 -23.14
CA VAL B 20 29.62 -15.27 -21.82
C VAL B 20 29.20 -16.74 -21.77
N THR B 30 32.43 -2.05 -15.64
CA THR B 30 33.16 -0.79 -15.58
C THR B 30 33.03 0.10 -16.84
N VAL B 31 33.43 1.36 -16.65
CA VAL B 31 33.18 2.44 -17.63
C VAL B 31 34.05 2.41 -18.91
N ASN B 32 35.18 1.72 -18.88
CA ASN B 32 36.08 1.62 -20.04
C ASN B 32 35.72 0.48 -20.95
N GLY B 33 34.64 -0.21 -20.62
CA GLY B 33 34.08 -1.26 -21.45
C GLY B 33 34.08 -2.60 -20.73
N SER B 34 33.96 -3.66 -21.53
CA SER B 34 33.74 -4.99 -21.10
C SER B 34 34.88 -5.87 -21.53
N TRP B 35 35.23 -6.82 -20.65
CA TRP B 35 36.38 -7.68 -20.83
C TRP B 35 36.47 -8.26 -22.20
N TYR B 36 35.33 -8.69 -22.70
CA TYR B 36 35.24 -9.46 -23.94
C TYR B 36 35.50 -8.56 -25.12
N ILE B 37 34.82 -7.43 -25.18
CA ILE B 37 34.98 -6.57 -26.30
C ILE B 37 36.40 -6.00 -26.25
N GLN B 38 36.91 -5.68 -25.07
CA GLN B 38 38.25 -5.13 -24.98
C GLN B 38 39.26 -6.11 -25.56
N ASP B 39 39.13 -7.36 -25.13
CA ASP B 39 40.05 -8.37 -25.57
C ASP B 39 39.77 -8.72 -27.02
N LEU B 40 38.52 -8.75 -27.42
CA LEU B 40 38.19 -8.95 -28.82
C LEU B 40 38.85 -7.85 -29.64
N CYS B 41 38.76 -6.60 -29.19
CA CYS B 41 39.23 -5.45 -29.98
C CYS B 41 40.77 -5.43 -30.02
N GLU B 42 41.39 -5.63 -28.89
CA GLU B 42 42.84 -5.64 -28.83
C GLU B 42 43.34 -6.62 -29.88
N MET B 43 42.76 -7.81 -29.90
CA MET B 43 43.16 -8.85 -30.83
C MET B 43 42.88 -8.48 -32.28
N LEU B 44 41.74 -7.86 -32.59
CA LEU B 44 41.50 -7.43 -33.98
C LEU B 44 42.58 -6.43 -34.43
N GLY B 45 43.02 -5.57 -33.54
CA GLY B 45 43.95 -4.52 -33.87
C GLY B 45 45.36 -5.03 -34.08
N LYS B 46 45.61 -6.17 -33.51
CA LYS B 46 46.93 -6.74 -33.44
C LYS B 46 47.03 -7.80 -34.55
N TYR B 47 45.93 -8.53 -34.79
CA TYR B 47 45.98 -9.66 -35.73
C TYR B 47 44.83 -9.76 -36.71
N GLY B 48 43.85 -8.88 -36.63
CA GLY B 48 42.70 -9.02 -37.49
C GLY B 48 43.10 -9.12 -38.93
N SER B 49 44.12 -8.35 -39.27
CA SER B 49 44.49 -8.26 -40.65
C SER B 49 45.36 -9.43 -41.15
N SER B 50 45.72 -10.39 -40.30
CA SER B 50 46.58 -11.51 -40.76
C SER B 50 46.09 -12.91 -40.39
N LEU B 51 45.65 -13.12 -39.14
CA LEU B 51 45.21 -14.44 -38.71
C LEU B 51 43.87 -14.80 -39.30
N GLU B 52 43.59 -16.10 -39.28
CA GLU B 52 42.26 -16.64 -39.55
C GLU B 52 41.31 -16.27 -38.41
N PHE B 53 40.08 -15.93 -38.76
CA PHE B 53 39.24 -15.23 -37.80
C PHE B 53 38.94 -16.05 -36.54
N THR B 54 38.86 -17.37 -36.69
CA THR B 54 38.46 -18.24 -35.59
C THR B 54 39.66 -18.51 -34.73
N GLU B 55 40.81 -18.67 -35.39
CA GLU B 55 42.11 -18.60 -34.73
C GLU B 55 42.13 -17.36 -33.82
N LEU B 56 41.75 -16.24 -34.40
CA LEU B 56 41.76 -15.00 -33.67
C LEU B 56 40.80 -15.10 -32.48
N LEU B 57 39.60 -15.61 -32.75
CA LEU B 57 38.61 -15.73 -31.69
C LEU B 57 39.08 -16.66 -30.58
N THR B 58 39.82 -17.67 -30.99
CA THR B 58 40.34 -18.59 -30.04
C THR B 58 41.31 -17.85 -29.18
N LEU B 59 42.10 -16.93 -29.75
CA LEU B 59 42.98 -16.07 -28.91
C LEU B 59 42.14 -15.20 -27.97
N VAL B 60 40.96 -14.79 -28.41
CA VAL B 60 40.11 -14.05 -27.51
C VAL B 60 39.70 -14.97 -26.34
N ASN B 61 39.34 -16.24 -26.61
CA ASN B 61 38.95 -17.15 -25.53
C ASN B 61 40.08 -17.22 -24.47
N ARG B 62 41.35 -17.32 -24.91
CA ARG B 62 42.44 -17.46 -23.96
C ARG B 62 42.66 -16.20 -23.17
N LYS B 63 42.63 -15.07 -23.88
CA LYS B 63 42.87 -13.77 -23.27
C LYS B 63 41.91 -13.52 -22.13
N VAL B 64 40.63 -13.75 -22.40
CA VAL B 64 39.57 -13.54 -21.42
C VAL B 64 39.64 -14.48 -20.21
N SER B 65 39.87 -15.77 -20.44
CA SER B 65 39.84 -16.72 -19.36
C SER B 65 40.92 -16.48 -18.31
N GLN B 66 41.90 -15.64 -18.59
CA GLN B 66 42.90 -15.33 -17.57
C GLN B 66 42.48 -14.14 -16.65
N ARG B 67 41.58 -13.30 -17.12
CA ARG B 67 41.09 -12.17 -16.32
C ARG B 67 40.49 -12.58 -14.97
N ARG B 68 40.85 -11.84 -13.93
CA ARG B 68 40.32 -12.01 -12.56
C ARG B 68 40.76 -10.83 -11.69
N GLN B 82 34.66 -16.08 -16.26
CA GLN B 82 34.04 -15.85 -17.57
C GLN B 82 34.87 -16.52 -18.69
N VAL B 83 34.17 -17.11 -19.66
CA VAL B 83 34.77 -17.56 -20.91
C VAL B 83 33.84 -17.23 -22.08
N PRO B 84 34.36 -16.53 -23.07
CA PRO B 84 33.48 -16.34 -24.21
C PRO B 84 33.48 -17.63 -24.98
N CYS B 85 32.85 -17.61 -26.13
CA CYS B 85 32.60 -18.80 -26.87
C CYS B 85 32.36 -18.35 -28.28
N PHE B 86 32.57 -19.24 -29.25
CA PHE B 86 32.07 -18.98 -30.57
C PHE B 86 31.60 -20.25 -31.21
N ALA B 87 30.58 -20.12 -32.05
CA ALA B 87 29.93 -21.27 -32.64
C ALA B 87 30.00 -21.05 -34.14
N SER B 88 30.60 -21.99 -34.84
CA SER B 88 30.85 -21.81 -36.24
C SER B 88 30.09 -22.75 -37.12
N MET B 89 29.45 -22.16 -38.10
CA MET B 89 28.91 -22.87 -39.22
C MET B 89 29.66 -22.45 -40.46
N LEU B 90 30.82 -21.85 -40.25
CA LEU B 90 31.71 -21.51 -41.36
C LEU B 90 32.13 -22.76 -42.13
N THR B 91 32.30 -22.61 -43.44
CA THR B 91 32.63 -23.70 -44.33
C THR B 91 33.97 -23.51 -45.00
N LYS B 92 34.69 -22.45 -44.65
CA LYS B 92 36.03 -22.21 -45.19
C LYS B 92 36.81 -21.35 -44.23
N LYS B 93 38.09 -21.15 -44.54
CA LYS B 93 38.96 -20.28 -43.76
C LYS B 93 38.64 -18.84 -44.09
N LEU B 94 38.66 -18.01 -43.03
CA LEU B 94 38.24 -16.60 -43.08
C LEU B 94 39.39 -15.76 -42.65
N HIS B 95 39.78 -14.84 -43.51
CA HIS B 95 40.88 -13.93 -43.24
C HIS B 95 40.45 -12.54 -43.66
N PHE B 96 40.89 -11.51 -42.95
CA PHE B 96 40.70 -10.15 -43.41
C PHE B 96 41.98 -9.43 -43.88
N PHE B 97 42.54 -9.90 -44.97
CA PHE B 97 43.76 -9.29 -45.45
C PHE B 97 43.44 -7.89 -45.98
N PRO B 98 44.36 -6.92 -45.81
CA PRO B 98 44.08 -5.61 -46.36
C PRO B 98 43.74 -5.75 -47.83
N LYS B 99 42.75 -4.97 -48.25
CA LYS B 99 42.15 -5.06 -49.57
C LYS B 99 42.93 -4.18 -50.54
N PHE C 31 53.46 -13.78 -25.65
CA PHE C 31 52.20 -14.54 -25.63
C PHE C 31 51.75 -14.87 -27.06
N ASP C 32 51.62 -16.15 -27.37
CA ASP C 32 51.92 -16.63 -28.71
C ASP C 32 50.71 -17.10 -29.52
N PRO C 33 50.37 -16.36 -30.60
CA PRO C 33 49.24 -16.75 -31.41
C PRO C 33 49.36 -18.15 -32.01
N ALA C 34 50.57 -18.67 -32.19
CA ALA C 34 50.72 -20.00 -32.77
C ALA C 34 50.51 -21.11 -31.73
N GLU C 35 50.34 -20.75 -30.46
CA GLU C 35 50.38 -21.71 -29.34
C GLU C 35 49.44 -22.88 -29.51
N LYS C 36 49.93 -24.07 -29.21
CA LYS C 36 49.16 -25.29 -29.37
C LYS C 36 49.09 -26.09 -28.06
N TYR C 37 48.03 -26.87 -27.88
CA TYR C 37 47.93 -27.65 -26.65
C TYR C 37 49.11 -28.61 -26.53
N LYS C 38 49.63 -28.80 -25.30
CA LYS C 38 50.52 -29.94 -25.00
C LYS C 38 49.86 -31.25 -25.37
N MET C 39 50.47 -31.97 -26.30
CA MET C 39 49.95 -33.24 -26.75
C MET C 39 51.04 -34.28 -26.62
N ASP C 40 51.89 -34.10 -25.61
CA ASP C 40 53.13 -34.84 -25.44
C ASP C 40 53.07 -35.77 -24.23
N HIS C 41 51.86 -36.09 -23.77
CA HIS C 41 51.69 -36.84 -22.53
C HIS C 41 51.84 -38.32 -22.85
N ARG C 42 51.78 -39.18 -21.83
CA ARG C 42 51.90 -40.62 -22.01
C ARG C 42 50.80 -41.12 -22.93
N ARG C 43 49.55 -40.97 -22.50
CA ARG C 43 48.39 -41.47 -23.30
C ARG C 43 47.63 -40.32 -23.90
N ARG C 44 46.93 -40.61 -25.00
CA ARG C 44 46.14 -39.60 -25.68
C ARG C 44 44.99 -39.24 -24.78
N GLY C 45 44.37 -40.27 -24.20
CA GLY C 45 43.17 -40.08 -23.40
C GLY C 45 42.07 -41.00 -23.84
N ILE C 46 40.93 -40.84 -23.16
CA ILE C 46 39.82 -41.74 -23.32
C ILE C 46 38.84 -41.11 -24.26
N ALA C 47 38.15 -41.98 -25.01
CA ALA C 47 37.15 -41.60 -26.00
C ALA C 47 35.94 -42.43 -25.69
N LEU C 48 35.04 -41.89 -24.88
CA LEU C 48 33.83 -42.55 -24.50
C LEU C 48 32.83 -42.36 -25.59
N ILE C 49 32.24 -43.45 -26.05
CA ILE C 49 31.07 -43.41 -26.91
C ILE C 49 29.83 -43.99 -26.22
N PHE C 50 28.71 -43.28 -26.24
CA PHE C 50 27.43 -43.76 -25.71
C PHE C 50 26.48 -43.80 -26.85
N ASN C 51 26.09 -45.02 -27.23
CA ASN C 51 25.44 -45.29 -28.48
C ASN C 51 24.10 -45.86 -28.18
N HIS C 52 23.06 -45.23 -28.67
CA HIS C 52 21.73 -45.65 -28.33
C HIS C 52 20.95 -45.89 -29.54
N GLU C 53 20.47 -47.13 -29.65
CA GLU C 53 19.77 -47.68 -30.79
C GLU C 53 18.27 -47.82 -30.52
N ARG C 54 17.90 -48.36 -29.35
CA ARG C 54 16.47 -48.66 -29.05
C ARG C 54 16.14 -48.04 -27.68
N PHE C 55 14.87 -47.93 -27.33
CA PHE C 55 14.51 -47.17 -26.14
C PHE C 55 13.38 -47.80 -25.37
N PHE C 56 13.34 -47.52 -24.07
CA PHE C 56 12.30 -47.98 -23.21
C PHE C 56 11.02 -47.62 -23.90
N TRP C 57 10.22 -48.62 -24.20
CA TRP C 57 9.23 -48.48 -25.25
C TRP C 57 8.14 -47.45 -24.97
N HIS C 58 7.95 -47.06 -23.70
CA HIS C 58 6.98 -45.98 -23.33
C HIS C 58 7.49 -44.57 -23.57
N LEU C 59 8.79 -44.44 -23.74
CA LEU C 59 9.36 -43.24 -24.37
C LEU C 59 8.78 -42.99 -25.74
N THR C 60 8.33 -44.06 -26.42
CA THR C 60 7.86 -44.04 -27.82
C THR C 60 8.87 -43.31 -28.75
N LEU C 61 10.10 -43.76 -28.78
CA LEU C 61 11.09 -43.15 -29.63
C LEU C 61 11.48 -44.17 -30.70
N PRO C 62 11.60 -43.72 -31.97
CA PRO C 62 11.90 -44.69 -33.03
C PRO C 62 13.30 -45.25 -32.84
N GLU C 63 13.52 -46.45 -33.37
CA GLU C 63 14.85 -47.07 -33.40
C GLU C 63 15.81 -46.16 -34.22
N ARG C 64 17.09 -46.14 -33.87
CA ARG C 64 18.04 -45.32 -34.61
C ARG C 64 18.92 -46.23 -35.46
N ARG C 65 18.48 -46.46 -36.67
CA ARG C 65 18.97 -47.61 -37.42
C ARG C 65 20.47 -47.62 -37.72
N GLY C 66 20.97 -46.63 -38.42
CA GLY C 66 22.42 -46.57 -38.66
C GLY C 66 23.34 -46.32 -37.45
N THR C 67 22.81 -46.31 -36.24
CA THR C 67 23.70 -45.83 -35.19
C THR C 67 24.95 -46.72 -34.95
N CYS C 68 24.86 -48.02 -35.14
CA CYS C 68 26.01 -48.88 -34.86
C CYS C 68 27.16 -48.72 -35.89
N ALA C 69 26.80 -48.52 -37.17
CA ALA C 69 27.75 -48.05 -38.19
C ALA C 69 28.43 -46.81 -37.70
N ASP C 70 27.67 -45.81 -37.27
CA ASP C 70 28.32 -44.62 -36.70
C ASP C 70 29.24 -45.07 -35.56
N ARG C 71 28.78 -45.84 -34.62
CA ARG C 71 29.62 -46.16 -33.46
C ARG C 71 30.95 -46.82 -33.82
N ASP C 72 30.89 -47.81 -34.69
CA ASP C 72 32.08 -48.46 -35.17
C ASP C 72 32.99 -47.51 -35.96
N ASN C 73 32.43 -46.63 -36.78
CA ASN C 73 33.24 -45.77 -37.61
C ASN C 73 34.00 -44.78 -36.69
N LEU C 74 33.30 -44.24 -35.70
CA LEU C 74 33.93 -43.42 -34.68
C LEU C 74 35.02 -44.21 -33.94
N THR C 75 34.76 -45.47 -33.62
CA THR C 75 35.74 -46.27 -32.92
C THR C 75 37.04 -46.37 -33.74
N ARG C 76 36.92 -46.65 -35.03
CA ARG C 76 38.03 -46.85 -35.92
C ARG C 76 38.93 -45.59 -35.98
N ARG C 77 38.30 -44.44 -36.13
CA ARG C 77 39.05 -43.23 -36.40
C ARG C 77 39.73 -42.68 -35.19
N PHE C 78 39.03 -42.74 -34.07
CA PHE C 78 39.58 -42.18 -32.86
C PHE C 78 40.71 -43.11 -32.35
N SER C 79 40.48 -44.41 -32.50
CA SER C 79 41.46 -45.37 -32.09
C SER C 79 42.71 -45.22 -32.94
N ASP C 80 42.50 -44.79 -34.19
CA ASP C 80 43.61 -44.51 -35.06
C ASP C 80 44.40 -43.29 -34.63
N LEU C 81 43.75 -42.34 -33.96
CA LEU C 81 44.44 -41.20 -33.37
C LEU C 81 45.00 -41.50 -31.97
N GLY C 82 44.84 -42.76 -31.52
CA GLY C 82 45.52 -43.25 -30.32
C GLY C 82 44.67 -43.09 -29.09
N PHE C 83 43.42 -42.79 -29.29
CA PHE C 83 42.50 -42.85 -28.16
C PHE C 83 42.29 -44.25 -27.67
N GLU C 84 41.96 -44.37 -26.39
CA GLU C 84 41.47 -45.59 -25.79
C GLU C 84 39.97 -45.52 -25.89
N VAL C 85 39.40 -46.23 -26.85
CA VAL C 85 37.99 -46.13 -27.12
C VAL C 85 37.17 -47.12 -26.31
N LYS C 86 36.10 -46.63 -25.71
CA LYS C 86 35.28 -47.41 -24.78
C LYS C 86 33.80 -47.16 -25.11
N CYS C 87 33.12 -48.16 -25.66
CA CYS C 87 31.70 -48.01 -26.05
C CYS C 87 30.77 -48.62 -25.08
N PHE C 88 29.56 -48.08 -25.06
CA PHE C 88 28.47 -48.63 -24.25
C PHE C 88 27.17 -48.49 -25.03
N ASN C 89 26.45 -49.58 -25.11
CA ASN C 89 25.27 -49.63 -25.92
C ASN C 89 24.04 -49.66 -25.08
N ASP C 90 23.11 -48.76 -25.37
CA ASP C 90 21.80 -48.71 -24.75
C ASP C 90 21.75 -48.61 -23.21
N LEU C 91 22.78 -48.05 -22.60
CA LEU C 91 22.77 -47.85 -21.13
C LEU C 91 21.59 -47.03 -20.65
N LYS C 92 21.05 -47.43 -19.50
CA LYS C 92 20.05 -46.67 -18.77
C LYS C 92 20.68 -45.48 -18.04
N ALA C 93 19.86 -44.53 -17.61
CA ALA C 93 20.35 -43.28 -17.06
C ALA C 93 21.31 -43.54 -15.91
N GLU C 94 20.93 -44.41 -15.00
CA GLU C 94 21.77 -44.63 -13.84
C GLU C 94 23.14 -45.20 -14.24
N GLU C 95 23.15 -46.22 -15.10
CA GLU C 95 24.39 -46.80 -15.58
C GLU C 95 25.19 -45.75 -16.36
N LEU C 96 24.55 -45.09 -17.29
CA LEU C 96 25.22 -44.05 -18.04
C LEU C 96 25.89 -43.11 -17.04
N LEU C 97 25.12 -42.64 -16.06
CA LEU C 97 25.68 -41.65 -15.19
C LEU C 97 26.85 -42.21 -14.43
N LEU C 98 26.70 -43.32 -13.72
CA LEU C 98 27.84 -43.77 -12.88
C LEU C 98 29.06 -44.14 -13.72
N LYS C 99 28.86 -44.43 -15.02
CA LYS C 99 30.00 -44.64 -15.93
C LYS C 99 30.78 -43.37 -16.20
N ILE C 100 30.08 -42.37 -16.75
CA ILE C 100 30.68 -41.10 -17.02
C ILE C 100 31.24 -40.50 -15.74
N HIS C 101 30.57 -40.74 -14.63
CA HIS C 101 31.06 -40.28 -13.32
C HIS C 101 32.37 -40.93 -12.92
N GLU C 102 32.49 -42.21 -13.23
CA GLU C 102 33.72 -42.93 -13.07
C GLU C 102 34.78 -42.25 -13.96
N VAL C 103 34.52 -42.16 -15.26
CA VAL C 103 35.58 -41.71 -16.17
C VAL C 103 36.08 -40.32 -15.79
N SER C 104 35.25 -39.56 -15.08
CA SER C 104 35.59 -38.21 -14.67
C SER C 104 36.23 -38.18 -13.29
N THR C 105 36.17 -39.30 -12.59
CA THR C 105 36.78 -39.42 -11.26
C THR C 105 38.12 -40.17 -11.33
N VAL C 106 38.43 -40.83 -12.45
CA VAL C 106 39.77 -41.38 -12.70
C VAL C 106 40.72 -40.21 -13.04
N SER C 107 42.01 -40.37 -12.73
CA SER C 107 43.04 -39.38 -13.10
C SER C 107 43.29 -39.36 -14.57
N HIS C 108 43.21 -38.18 -15.16
CA HIS C 108 43.70 -37.97 -16.50
C HIS C 108 45.11 -37.33 -16.46
N ALA C 109 45.77 -37.40 -15.30
CA ALA C 109 47.05 -36.77 -15.15
C ALA C 109 47.93 -37.05 -16.36
N ASP C 110 47.88 -38.25 -16.89
CA ASP C 110 48.87 -38.65 -17.87
C ASP C 110 48.30 -38.78 -19.27
N ALA C 111 47.26 -38.00 -19.57
CA ALA C 111 46.59 -37.99 -20.89
C ALA C 111 46.61 -36.61 -21.60
N ASP C 112 46.60 -36.61 -22.93
CA ASP C 112 46.58 -35.39 -23.72
C ASP C 112 45.21 -34.65 -23.66
N CYS C 113 44.11 -35.38 -23.70
CA CYS C 113 42.80 -34.76 -23.79
C CYS C 113 41.70 -35.77 -23.51
N PHE C 114 40.45 -35.38 -23.65
CA PHE C 114 39.34 -36.29 -23.41
C PHE C 114 38.25 -36.04 -24.44
N VAL C 115 37.67 -37.14 -24.90
CA VAL C 115 36.63 -37.15 -25.88
C VAL C 115 35.45 -37.95 -25.39
N CYS C 116 34.24 -37.50 -25.73
CA CYS C 116 33.05 -38.16 -25.26
C CYS C 116 31.97 -37.97 -26.27
N VAL C 117 31.43 -39.05 -26.84
CA VAL C 117 30.42 -38.96 -27.89
C VAL C 117 29.09 -39.49 -27.38
N PHE C 118 28.01 -38.83 -27.77
CA PHE C 118 26.67 -39.28 -27.49
C PHE C 118 25.93 -39.38 -28.79
N LEU C 119 25.48 -40.59 -29.11
CA LEU C 119 24.75 -40.88 -30.34
C LEU C 119 23.40 -41.36 -29.90
N SER C 120 22.38 -40.51 -30.02
CA SER C 120 21.09 -40.79 -29.43
C SER C 120 20.05 -39.84 -29.97
N HIS C 121 18.91 -39.83 -29.27
CA HIS C 121 17.89 -38.80 -29.43
C HIS C 121 18.07 -37.64 -28.46
N GLY C 122 17.66 -36.46 -28.88
CA GLY C 122 17.91 -35.25 -28.10
C GLY C 122 16.70 -34.35 -28.11
N GLU C 123 16.37 -33.81 -26.96
CA GLU C 123 15.25 -32.84 -26.79
C GLU C 123 15.78 -31.74 -25.85
N GLY C 124 15.65 -30.48 -26.26
CA GLY C 124 16.10 -29.36 -25.47
C GLY C 124 17.59 -29.49 -25.33
N ASN C 125 18.09 -29.18 -24.14
CA ASN C 125 19.46 -29.48 -23.80
C ASN C 125 19.53 -30.84 -23.11
N HIS C 126 18.83 -31.85 -23.61
CA HIS C 126 18.83 -33.19 -22.99
C HIS C 126 19.19 -34.23 -23.99
N ILE C 127 19.91 -35.28 -23.59
CA ILE C 127 19.95 -36.52 -24.38
C ILE C 127 19.28 -37.60 -23.60
N TYR C 128 18.86 -38.61 -24.34
CA TYR C 128 18.15 -39.74 -23.80
C TYR C 128 19.09 -40.87 -23.62
N ALA C 129 19.08 -41.50 -22.44
CA ALA C 129 19.65 -42.83 -22.26
C ALA C 129 18.53 -43.76 -22.68
N TYR C 130 18.54 -45.04 -22.28
CA TYR C 130 17.50 -46.00 -22.70
C TYR C 130 16.12 -45.65 -22.13
N ASP C 131 16.21 -44.88 -21.09
CA ASP C 131 15.46 -44.94 -19.87
C ASP C 131 14.65 -43.64 -19.73
N ALA C 132 15.39 -42.54 -19.84
CA ALA C 132 14.90 -41.25 -19.47
C ALA C 132 15.87 -40.24 -20.05
N LYS C 133 15.50 -38.98 -20.04
CA LYS C 133 16.40 -37.96 -20.54
C LYS C 133 17.29 -37.39 -19.44
N ILE C 134 18.48 -36.95 -19.84
CA ILE C 134 19.49 -36.38 -18.96
C ILE C 134 20.01 -35.09 -19.52
N GLU C 135 20.13 -34.05 -18.73
CA GLU C 135 20.53 -32.78 -19.29
C GLU C 135 22.01 -32.76 -19.51
N ILE C 136 22.41 -32.30 -20.69
CA ILE C 136 23.80 -32.28 -21.11
C ILE C 136 24.74 -31.42 -20.22
N GLN C 137 24.25 -30.34 -19.63
CA GLN C 137 25.06 -29.64 -18.65
C GLN C 137 25.44 -30.57 -17.50
N THR C 138 24.54 -31.42 -17.06
CA THR C 138 24.90 -32.36 -16.00
C THR C 138 26.10 -33.15 -16.44
N LEU C 139 26.14 -33.60 -17.69
CA LEU C 139 27.19 -34.53 -18.10
C LEU C 139 28.53 -33.82 -18.25
N THR C 140 28.51 -32.65 -18.86
CA THR C 140 29.76 -31.92 -19.13
C THR C 140 30.33 -31.34 -17.85
N GLY C 141 29.46 -31.10 -16.87
CA GLY C 141 29.85 -30.35 -15.69
C GLY C 141 30.82 -31.18 -14.89
N LEU C 142 30.68 -32.49 -14.99
CA LEU C 142 31.58 -33.43 -14.35
C LEU C 142 33.01 -33.29 -14.82
N PHE C 143 33.25 -32.52 -15.87
CA PHE C 143 34.62 -32.29 -16.32
C PHE C 143 35.08 -30.82 -16.24
N LYS C 144 34.22 -29.93 -15.80
CA LYS C 144 34.65 -28.55 -15.61
C LYS C 144 35.69 -28.62 -14.49
N GLY C 145 36.56 -27.62 -14.42
CA GLY C 145 37.80 -27.72 -13.68
C GLY C 145 37.65 -27.98 -12.21
N ASP C 146 36.63 -27.39 -11.61
CA ASP C 146 36.46 -27.39 -10.16
C ASP C 146 36.12 -28.80 -9.64
N LYS C 147 35.62 -29.66 -10.54
CA LYS C 147 35.25 -31.05 -10.24
C LYS C 147 36.22 -32.10 -10.81
N CYS C 148 36.92 -31.79 -11.90
CA CYS C 148 37.88 -32.72 -12.54
C CYS C 148 39.28 -32.11 -12.68
N HIS C 149 39.94 -31.84 -11.56
CA HIS C 149 41.33 -31.34 -11.54
C HIS C 149 42.21 -31.64 -12.75
N SER C 150 42.34 -32.92 -13.08
CA SER C 150 43.40 -33.41 -13.98
C SER C 150 43.16 -33.24 -15.48
N LEU C 151 42.03 -32.61 -15.85
CA LEU C 151 41.83 -32.15 -17.20
C LEU C 151 41.96 -30.63 -17.31
N VAL C 152 42.20 -29.94 -16.21
CA VAL C 152 42.46 -28.53 -16.25
C VAL C 152 43.55 -28.22 -17.30
N GLY C 153 43.18 -27.39 -18.27
CA GLY C 153 44.08 -26.95 -19.32
C GLY C 153 44.09 -27.89 -20.51
N LYS C 154 43.26 -28.93 -20.46
CA LYS C 154 43.26 -29.93 -21.52
C LYS C 154 41.95 -29.93 -22.28
N PRO C 155 42.01 -30.16 -23.59
CA PRO C 155 40.78 -30.18 -24.41
C PRO C 155 39.84 -31.25 -23.93
N LYS C 156 38.56 -30.89 -23.84
CA LYS C 156 37.48 -31.78 -23.52
C LYS C 156 36.51 -31.71 -24.69
N ILE C 157 36.52 -32.72 -25.56
CA ILE C 157 35.73 -32.67 -26.76
C ILE C 157 34.47 -33.50 -26.57
N PHE C 158 33.29 -32.90 -26.82
CA PHE C 158 31.98 -33.57 -26.80
C PHE C 158 31.37 -33.55 -28.16
N ILE C 159 30.78 -34.67 -28.58
CA ILE C 159 30.30 -34.79 -29.95
C ILE C 159 28.92 -35.39 -29.85
N ILE C 160 27.91 -34.63 -30.25
CA ILE C 160 26.54 -35.02 -29.99
C ILE C 160 25.78 -35.12 -31.26
N GLN C 161 25.32 -36.33 -31.53
CA GLN C 161 24.50 -36.61 -32.69
C GLN C 161 23.15 -36.90 -32.10
N ALA C 162 22.33 -35.87 -31.87
CA ALA C 162 20.93 -36.04 -31.33
C ALA C 162 19.86 -36.11 -32.43
N LEU D 8 25.81 -25.09 -25.50
CA LEU D 8 27.02 -24.27 -25.33
C LEU D 8 27.97 -24.79 -24.26
N PRO D 9 29.29 -24.73 -24.53
CA PRO D 9 30.33 -25.42 -23.75
C PRO D 9 30.27 -25.06 -22.26
N ALA D 10 30.78 -25.95 -21.42
CA ALA D 10 30.65 -25.79 -20.00
C ALA D 10 31.65 -24.82 -19.34
N GLY D 11 32.75 -24.46 -20.03
CA GLY D 11 33.94 -23.82 -19.41
C GLY D 11 35.16 -23.80 -20.33
N ALA D 12 36.26 -23.22 -19.89
CA ALA D 12 37.51 -23.21 -20.69
C ALA D 12 37.96 -24.58 -21.24
N ASP D 13 38.34 -24.58 -22.51
CA ASP D 13 38.82 -25.78 -23.24
C ASP D 13 37.76 -26.87 -23.50
N PHE D 14 36.49 -26.50 -23.45
CA PHE D 14 35.45 -27.38 -23.91
C PHE D 14 35.22 -27.08 -25.36
N LEU D 15 35.02 -28.11 -26.13
CA LEU D 15 34.65 -27.97 -27.53
C LEU D 15 33.48 -28.92 -27.73
N MET D 16 32.38 -28.38 -28.23
CA MET D 16 31.14 -29.10 -28.46
C MET D 16 30.87 -29.15 -29.96
N CYS D 17 30.72 -30.35 -30.48
CA CYS D 17 30.46 -30.51 -31.89
C CYS D 17 28.99 -31.03 -32.00
N TYR D 18 28.16 -30.41 -32.83
CA TYR D 18 26.77 -30.83 -32.90
C TYR D 18 26.30 -31.24 -34.34
N SER D 19 25.55 -32.31 -34.49
CA SER D 19 25.16 -32.77 -35.85
C SER D 19 24.32 -31.78 -36.64
N VAL D 20 23.40 -31.09 -35.95
CA VAL D 20 22.37 -30.31 -36.62
C VAL D 20 22.23 -28.91 -35.97
N THR D 30 18.22 -45.94 -43.07
CA THR D 30 19.61 -45.56 -43.41
C THR D 30 20.63 -46.35 -42.55
N VAL D 31 20.73 -47.66 -42.82
CA VAL D 31 21.59 -48.56 -42.05
C VAL D 31 23.11 -48.34 -42.17
N ASN D 32 23.56 -47.37 -42.98
CA ASN D 32 25.00 -47.16 -43.22
C ASN D 32 25.60 -45.95 -42.47
N GLY D 33 24.75 -45.19 -41.79
CA GLY D 33 25.22 -44.11 -40.92
C GLY D 33 24.56 -42.77 -41.17
N SER D 34 24.83 -41.83 -40.27
CA SER D 34 24.36 -40.45 -40.38
C SER D 34 25.26 -39.71 -41.33
N TRP D 35 24.73 -38.74 -42.07
CA TRP D 35 25.59 -37.91 -42.90
C TRP D 35 26.68 -37.24 -42.09
N TYR D 36 26.34 -36.72 -40.91
CA TYR D 36 27.30 -36.00 -40.07
C TYR D 36 28.46 -36.88 -39.68
N ILE D 37 28.18 -38.07 -39.16
CA ILE D 37 29.25 -38.91 -38.62
C ILE D 37 30.11 -39.54 -39.74
N GLN D 38 29.48 -39.99 -40.83
CA GLN D 38 30.25 -40.50 -41.96
C GLN D 38 31.26 -39.45 -42.40
N ASP D 39 30.83 -38.20 -42.48
CA ASP D 39 31.70 -37.10 -42.92
C ASP D 39 32.72 -36.63 -41.90
N LEU D 40 32.32 -36.53 -40.65
CA LEU D 40 33.27 -36.29 -39.59
C LEU D 40 34.30 -37.39 -39.65
N CYS D 41 33.88 -38.65 -39.77
CA CYS D 41 34.81 -39.79 -39.76
C CYS D 41 35.81 -39.83 -40.95
N GLU D 42 35.32 -39.47 -42.13
CA GLU D 42 36.11 -39.52 -43.33
C GLU D 42 37.20 -38.47 -43.21
N MET D 43 36.83 -37.33 -42.62
CA MET D 43 37.76 -36.24 -42.51
C MET D 43 38.75 -36.56 -41.39
N LEU D 44 38.28 -37.14 -40.30
CA LEU D 44 39.21 -37.59 -39.28
C LEU D 44 40.28 -38.50 -39.90
N GLY D 45 39.90 -39.35 -40.85
CA GLY D 45 40.81 -40.40 -41.34
C GLY D 45 41.84 -39.89 -42.32
N LYS D 46 41.49 -38.80 -42.97
CA LYS D 46 42.22 -38.24 -44.08
C LYS D 46 43.18 -37.15 -43.58
N TYR D 47 42.67 -36.33 -42.69
CA TYR D 47 43.24 -35.09 -42.29
C TYR D 47 43.35 -35.00 -40.76
N GLY D 48 42.81 -35.96 -40.03
CA GLY D 48 42.81 -35.87 -38.56
C GLY D 48 44.17 -35.85 -37.85
N SER D 49 45.20 -36.37 -38.46
CA SER D 49 46.47 -36.42 -37.78
C SER D 49 47.44 -35.38 -38.31
N SER D 50 46.97 -34.49 -39.19
CA SER D 50 47.74 -33.32 -39.66
C SER D 50 47.06 -31.93 -39.46
N LEU D 51 45.73 -31.80 -39.54
CA LEU D 51 45.09 -30.47 -39.52
C LEU D 51 44.71 -30.02 -38.15
N GLU D 52 44.63 -28.73 -37.91
CA GLU D 52 44.11 -28.31 -36.63
C GLU D 52 42.63 -28.78 -36.59
N PHE D 53 42.18 -29.18 -35.40
CA PHE D 53 40.90 -29.85 -35.26
C PHE D 53 39.72 -28.96 -35.62
N THR D 54 39.74 -27.70 -35.21
CA THR D 54 38.66 -26.80 -35.68
C THR D 54 38.68 -26.63 -37.20
N GLU D 55 39.87 -26.60 -37.81
CA GLU D 55 40.00 -26.52 -39.29
C GLU D 55 39.32 -27.70 -39.90
N LEU D 56 39.58 -28.87 -39.30
CA LEU D 56 38.96 -30.10 -39.77
C LEU D 56 37.46 -30.08 -39.59
N LEU D 57 36.98 -29.57 -38.46
CA LEU D 57 35.53 -29.48 -38.21
C LEU D 57 34.86 -28.53 -39.19
N THR D 58 35.60 -27.52 -39.61
CA THR D 58 35.08 -26.60 -40.60
C THR D 58 34.95 -27.29 -41.95
N LEU D 59 35.90 -28.16 -42.26
CA LEU D 59 35.81 -28.94 -43.49
C LEU D 59 34.57 -29.80 -43.42
N VAL D 60 34.30 -30.34 -42.23
CA VAL D 60 33.09 -31.12 -42.05
C VAL D 60 31.83 -30.29 -42.24
N ASN D 61 31.81 -29.05 -41.78
CA ASN D 61 30.67 -28.21 -42.08
C ASN D 61 30.48 -28.17 -43.60
N ARG D 62 31.54 -27.93 -44.35
CA ARG D 62 31.46 -27.78 -45.79
C ARG D 62 30.97 -29.07 -46.47
N LYS D 63 31.49 -30.19 -46.03
CA LYS D 63 31.22 -31.48 -46.64
C LYS D 63 29.76 -31.86 -46.40
N VAL D 64 29.23 -31.53 -45.22
CA VAL D 64 27.83 -31.80 -44.97
C VAL D 64 26.88 -30.83 -45.72
N SER D 65 27.23 -29.56 -45.89
CA SER D 65 26.37 -28.69 -46.70
C SER D 65 26.32 -29.11 -48.16
N GLN D 66 27.40 -29.70 -48.68
CA GLN D 66 27.40 -30.20 -50.05
C GLN D 66 26.39 -31.35 -50.30
N ARG D 67 25.85 -31.99 -49.26
CA ARG D 67 24.91 -33.12 -49.41
C ARG D 67 23.47 -32.67 -49.70
N ARG D 68 22.92 -33.10 -50.84
CA ARG D 68 21.63 -32.63 -51.36
C ARG D 68 20.63 -33.79 -51.59
N GLN D 82 21.17 -30.05 -44.40
CA GLN D 82 21.79 -30.08 -43.07
C GLN D 82 23.12 -29.25 -43.01
N VAL D 83 23.34 -28.56 -41.89
CA VAL D 83 24.62 -27.94 -41.59
C VAL D 83 24.93 -28.22 -40.12
N PRO D 84 26.03 -28.90 -39.86
CA PRO D 84 26.46 -29.06 -38.50
C PRO D 84 27.17 -27.80 -37.97
N CYS D 85 27.68 -27.84 -36.76
CA CYS D 85 28.38 -26.69 -36.25
C CYS D 85 29.16 -27.03 -35.00
N PHE D 86 30.09 -26.17 -34.64
CA PHE D 86 30.84 -26.41 -33.44
C PHE D 86 31.04 -25.16 -32.62
N ALA D 87 31.10 -25.34 -31.32
CA ALA D 87 31.20 -24.25 -30.36
C ALA D 87 32.43 -24.51 -29.50
N SER D 88 33.35 -23.58 -29.63
CA SER D 88 34.67 -23.74 -29.10
C SER D 88 34.81 -22.87 -27.88
N MET D 89 35.19 -23.46 -26.79
CA MET D 89 35.82 -22.66 -25.72
C MET D 89 37.33 -23.00 -25.60
N LEU D 90 37.91 -23.46 -26.72
CA LEU D 90 39.29 -23.84 -26.76
C LEU D 90 40.12 -22.59 -26.59
N THR D 91 41.21 -22.71 -25.87
CA THR D 91 42.07 -21.58 -25.59
C THR D 91 43.32 -21.59 -26.48
N LYS D 92 43.59 -22.67 -27.20
CA LYS D 92 44.81 -22.80 -27.99
C LYS D 92 44.55 -23.68 -29.18
N LYS D 93 45.55 -23.84 -30.04
CA LYS D 93 45.41 -24.76 -31.18
C LYS D 93 45.55 -26.23 -30.75
N LEU D 94 44.80 -27.08 -31.45
CA LEU D 94 44.70 -28.50 -31.15
C LEU D 94 45.04 -29.37 -32.35
N HIS D 95 46.03 -30.23 -32.21
CA HIS D 95 46.37 -31.18 -33.25
C HIS D 95 46.45 -32.54 -32.65
N PHE D 96 46.29 -33.54 -33.51
CA PHE D 96 46.42 -34.92 -33.09
C PHE D 96 47.56 -35.55 -33.87
N PHE D 97 48.73 -34.94 -33.78
CA PHE D 97 49.89 -35.46 -34.46
C PHE D 97 50.15 -36.86 -33.91
N PRO D 98 50.74 -37.77 -34.70
CA PRO D 98 50.91 -39.11 -34.14
C PRO D 98 51.94 -39.19 -33.04
N LYS D 99 51.76 -40.14 -32.14
CA LYS D 99 52.72 -40.40 -31.06
C LYS D 99 53.55 -41.64 -31.37
N PHE E 31 -13.87 -20.37 11.44
CA PHE E 31 -13.50 -20.19 9.99
C PHE E 31 -14.64 -20.68 9.08
N ASP E 32 -14.80 -20.06 7.91
CA ASP E 32 -16.08 -20.16 7.15
C ASP E 32 -15.97 -20.59 5.67
N PRO E 33 -16.37 -21.84 5.39
CA PRO E 33 -16.37 -22.33 4.01
C PRO E 33 -17.28 -21.57 3.03
N ALA E 34 -18.16 -20.71 3.53
CA ALA E 34 -19.07 -20.01 2.62
C ALA E 34 -18.60 -18.58 2.30
N GLU E 35 -17.43 -18.20 2.80
CA GLU E 35 -16.95 -16.82 2.67
C GLU E 35 -16.85 -16.37 1.21
N LYS E 36 -17.46 -15.21 0.94
CA LYS E 36 -17.36 -14.48 -0.31
C LYS E 36 -16.61 -13.19 -0.12
N TYR E 37 -15.87 -12.77 -1.12
CA TYR E 37 -15.17 -11.48 -1.05
C TYR E 37 -16.13 -10.37 -0.72
N LYS E 38 -15.71 -9.34 0.00
CA LYS E 38 -16.56 -8.16 0.14
C LYS E 38 -16.76 -7.56 -1.23
N MET E 39 -18.01 -7.53 -1.67
CA MET E 39 -18.32 -6.89 -2.94
C MET E 39 -19.28 -5.71 -2.75
N ASP E 40 -19.19 -5.03 -1.65
CA ASP E 40 -20.14 -4.00 -1.38
C ASP E 40 -19.43 -2.66 -1.32
N HIS E 41 -18.37 -2.55 -2.10
CA HIS E 41 -17.59 -1.32 -2.17
C HIS E 41 -18.40 -0.31 -2.97
N ARG E 42 -18.03 0.95 -2.91
CA ARG E 42 -18.71 1.94 -3.75
C ARG E 42 -18.72 1.57 -5.25
N ARG E 43 -17.57 1.18 -5.80
CA ARG E 43 -17.48 0.82 -7.20
C ARG E 43 -17.15 -0.64 -7.39
N ARG E 44 -17.62 -1.18 -8.49
CA ARG E 44 -17.17 -2.52 -8.90
C ARG E 44 -15.72 -2.56 -9.21
N GLY E 45 -15.24 -1.53 -9.91
CA GLY E 45 -13.82 -1.48 -10.35
C GLY E 45 -13.66 -1.39 -11.85
N ILE E 46 -12.40 -1.36 -12.28
CA ILE E 46 -12.06 -1.14 -13.66
C ILE E 46 -11.96 -2.45 -14.37
N ALA E 47 -12.46 -2.53 -15.59
CA ALA E 47 -12.14 -3.66 -16.44
C ALA E 47 -11.34 -3.08 -17.61
N LEU E 48 -10.15 -3.57 -17.81
CA LEU E 48 -9.23 -2.99 -18.78
C LEU E 48 -9.18 -3.94 -19.98
N ILE E 49 -9.38 -3.46 -21.21
CA ILE E 49 -9.34 -4.35 -22.37
C ILE E 49 -8.33 -3.90 -23.44
N PHE E 50 -7.31 -4.72 -23.69
CA PHE E 50 -6.33 -4.40 -24.73
C PHE E 50 -6.67 -5.23 -25.94
N ASN E 51 -7.05 -4.55 -27.01
CA ASN E 51 -7.58 -5.20 -28.18
C ASN E 51 -6.59 -5.06 -29.31
N HIS E 52 -6.13 -6.16 -29.87
CA HIS E 52 -5.14 -6.11 -30.93
C HIS E 52 -5.68 -6.85 -32.17
N GLU E 53 -5.79 -6.15 -33.31
CA GLU E 53 -6.21 -6.80 -34.57
C GLU E 53 -5.17 -6.80 -35.68
N ARG E 54 -4.39 -5.74 -35.77
CA ARG E 54 -3.33 -5.64 -36.75
C ARG E 54 -2.02 -5.53 -36.00
N PHE E 55 -0.95 -6.06 -36.57
CA PHE E 55 0.40 -5.97 -36.00
C PHE E 55 1.46 -5.51 -36.95
N PHE E 56 2.47 -4.84 -36.41
CA PHE E 56 3.65 -4.44 -37.13
C PHE E 56 4.06 -5.43 -38.25
N TRP E 57 4.32 -4.87 -39.40
CA TRP E 57 4.55 -5.63 -40.61
C TRP E 57 5.59 -6.72 -40.38
N HIS E 58 6.69 -6.38 -39.72
CA HIS E 58 7.81 -7.31 -39.65
C HIS E 58 7.56 -8.41 -38.66
N LEU E 59 6.43 -8.36 -37.96
CA LEU E 59 6.10 -9.44 -37.04
C LEU E 59 5.47 -10.62 -37.78
N THR E 60 5.06 -10.41 -39.03
CA THR E 60 4.52 -11.50 -39.86
C THR E 60 3.34 -12.22 -39.20
N LEU E 61 2.55 -11.48 -38.42
CA LEU E 61 1.36 -12.02 -37.73
C LEU E 61 0.06 -11.69 -38.47
N PRO E 62 -0.84 -12.66 -38.55
CA PRO E 62 -2.06 -12.40 -39.31
C PRO E 62 -2.99 -11.46 -38.57
N GLU E 63 -3.71 -10.65 -39.32
CA GLU E 63 -4.68 -9.77 -38.64
C GLU E 63 -5.77 -10.65 -37.97
N ARG E 64 -6.46 -10.09 -37.00
CA ARG E 64 -7.44 -10.90 -36.23
C ARG E 64 -8.86 -10.35 -36.41
N ARG E 65 -9.57 -10.81 -37.45
CA ARG E 65 -10.77 -10.13 -37.99
C ARG E 65 -11.96 -9.93 -37.02
N GLY E 66 -12.27 -10.93 -36.22
CA GLY E 66 -13.36 -10.73 -35.29
C GLY E 66 -13.07 -9.90 -34.02
N THR E 67 -11.86 -9.47 -33.70
CA THR E 67 -11.68 -8.98 -32.33
C THR E 67 -12.54 -7.80 -31.90
N CYS E 68 -12.85 -6.84 -32.76
CA CYS E 68 -13.56 -5.66 -32.28
C CYS E 68 -15.00 -5.99 -31.84
N ALA E 69 -15.65 -6.94 -32.52
CA ALA E 69 -16.89 -7.50 -32.02
C ALA E 69 -16.68 -8.07 -30.60
N ASP E 70 -15.59 -8.82 -30.39
CA ASP E 70 -15.26 -9.48 -29.07
C ASP E 70 -15.10 -8.43 -28.01
N ARG E 71 -14.23 -7.47 -28.32
CA ARG E 71 -14.00 -6.35 -27.40
C ARG E 71 -15.28 -5.63 -26.91
N ASP E 72 -16.20 -5.33 -27.83
CA ASP E 72 -17.40 -4.59 -27.45
C ASP E 72 -18.39 -5.51 -26.74
N ASN E 73 -18.26 -6.82 -26.94
CA ASN E 73 -19.16 -7.78 -26.38
C ASN E 73 -18.75 -7.87 -24.93
N LEU E 74 -17.45 -7.99 -24.69
CA LEU E 74 -16.90 -7.94 -23.33
C LEU E 74 -17.25 -6.62 -22.62
N THR E 75 -17.13 -5.50 -23.32
CA THR E 75 -17.58 -4.21 -22.79
C THR E 75 -19.03 -4.24 -22.27
N ARG E 76 -19.95 -4.74 -23.09
CA ARG E 76 -21.35 -4.76 -22.70
C ARG E 76 -21.54 -5.57 -21.38
N ARG E 77 -21.00 -6.78 -21.39
CA ARG E 77 -21.15 -7.72 -20.32
C ARG E 77 -20.47 -7.25 -19.07
N PHE E 78 -19.26 -6.70 -19.18
CA PHE E 78 -18.63 -6.19 -17.96
C PHE E 78 -19.25 -4.90 -17.43
N SER E 79 -19.82 -4.06 -18.29
CA SER E 79 -20.53 -2.89 -17.75
C SER E 79 -21.89 -3.24 -17.20
N ASP E 80 -22.57 -4.28 -17.74
CA ASP E 80 -23.82 -4.82 -17.16
C ASP E 80 -23.57 -5.25 -15.70
N LEU E 81 -22.36 -5.71 -15.38
CA LEU E 81 -22.02 -6.18 -14.04
C LEU E 81 -21.41 -5.09 -13.16
N GLY E 82 -21.31 -3.88 -13.72
CA GLY E 82 -20.91 -2.68 -12.98
C GLY E 82 -19.51 -2.15 -13.24
N PHE E 83 -18.74 -2.81 -14.08
CA PHE E 83 -17.36 -2.34 -14.30
C PHE E 83 -17.29 -1.05 -15.06
N GLU E 84 -16.23 -0.30 -14.82
CA GLU E 84 -15.89 0.86 -15.63
C GLU E 84 -14.92 0.34 -16.65
N VAL E 85 -15.43 0.03 -17.82
CA VAL E 85 -14.66 -0.54 -18.90
C VAL E 85 -13.90 0.54 -19.68
N LYS E 86 -12.59 0.29 -19.86
CA LYS E 86 -11.69 1.19 -20.58
C LYS E 86 -11.05 0.36 -21.66
N CYS E 87 -11.26 0.71 -22.92
CA CYS E 87 -10.79 -0.12 -24.01
C CYS E 87 -9.60 0.53 -24.67
N PHE E 88 -8.66 -0.28 -25.15
CA PHE E 88 -7.50 0.21 -25.86
C PHE E 88 -7.18 -0.61 -27.09
N ASN E 89 -6.98 0.04 -28.22
CA ASN E 89 -6.76 -0.69 -29.44
C ASN E 89 -5.39 -0.49 -30.00
N ASP E 90 -4.70 -1.61 -30.26
CA ASP E 90 -3.44 -1.65 -31.03
C ASP E 90 -2.31 -0.81 -30.46
N LEU E 91 -2.25 -0.74 -29.14
CA LEU E 91 -1.15 -0.08 -28.45
C LEU E 91 0.14 -0.80 -28.85
N LYS E 92 1.19 -0.01 -29.03
CA LYS E 92 2.54 -0.52 -29.04
C LYS E 92 3.00 -0.87 -27.59
N ALA E 93 4.11 -1.60 -27.47
CA ALA E 93 4.49 -2.17 -26.20
C ALA E 93 4.68 -1.10 -25.16
N GLU E 94 5.33 -0.02 -25.57
CA GLU E 94 5.56 1.10 -24.71
C GLU E 94 4.27 1.67 -24.16
N GLU E 95 3.31 1.93 -25.01
CA GLU E 95 2.11 2.60 -24.54
C GLU E 95 1.24 1.62 -23.80
N LEU E 96 1.21 0.38 -24.23
CA LEU E 96 0.54 -0.64 -23.44
C LEU E 96 1.06 -0.67 -22.01
N LEU E 97 2.35 -0.90 -21.83
CA LEU E 97 2.95 -0.96 -20.53
C LEU E 97 2.69 0.31 -19.72
N LEU E 98 2.63 1.46 -20.39
CA LEU E 98 2.43 2.75 -19.72
C LEU E 98 1.00 2.85 -19.18
N LYS E 99 0.04 2.55 -20.02
CA LYS E 99 -1.34 2.50 -19.59
C LYS E 99 -1.53 1.53 -18.41
N ILE E 100 -1.09 0.29 -18.56
CA ILE E 100 -1.30 -0.68 -17.52
C ILE E 100 -0.59 -0.32 -16.22
N HIS E 101 0.58 0.32 -16.29
CA HIS E 101 1.21 0.76 -15.09
C HIS E 101 0.38 1.88 -14.47
N GLU E 102 -0.22 2.69 -15.32
CA GLU E 102 -1.05 3.80 -14.88
C GLU E 102 -2.23 3.23 -14.10
N VAL E 103 -2.96 2.29 -14.70
CA VAL E 103 -4.05 1.70 -13.93
C VAL E 103 -3.65 0.88 -12.70
N SER E 104 -2.47 0.26 -12.70
CA SER E 104 -1.97 -0.41 -11.46
C SER E 104 -1.65 0.57 -10.32
N THR E 105 -1.72 1.87 -10.58
CA THR E 105 -1.08 2.91 -9.79
C THR E 105 -2.12 3.90 -9.18
N VAL E 106 -3.20 4.06 -9.92
CA VAL E 106 -4.47 4.64 -9.54
C VAL E 106 -5.06 3.95 -8.25
N SER E 107 -5.95 4.61 -7.53
CA SER E 107 -6.49 3.99 -6.33
C SER E 107 -7.64 3.07 -6.66
N HIS E 108 -7.60 1.84 -6.12
CA HIS E 108 -8.69 0.90 -6.21
C HIS E 108 -9.29 0.68 -4.81
N ALA E 109 -9.13 1.64 -3.93
CA ALA E 109 -9.52 1.43 -2.53
C ALA E 109 -11.03 1.24 -2.42
N ASP E 110 -11.79 2.04 -3.17
CA ASP E 110 -13.24 1.96 -3.19
C ASP E 110 -13.77 1.11 -4.34
N ALA E 111 -13.00 0.10 -4.72
CA ALA E 111 -13.45 -0.83 -5.77
C ALA E 111 -13.50 -2.28 -5.23
N ASP E 112 -14.38 -3.06 -5.86
CA ASP E 112 -14.63 -4.42 -5.45
C ASP E 112 -13.49 -5.30 -5.91
N CYS E 113 -13.03 -5.04 -7.14
CA CYS E 113 -12.09 -5.92 -7.76
C CYS E 113 -11.48 -5.30 -9.03
N PHE E 114 -10.90 -6.11 -9.92
CA PHE E 114 -10.15 -5.61 -11.09
C PHE E 114 -10.08 -6.71 -12.12
N VAL E 115 -10.35 -6.34 -13.36
CA VAL E 115 -10.37 -7.25 -14.50
C VAL E 115 -9.42 -6.72 -15.52
N CYS E 116 -8.81 -7.60 -16.31
CA CYS E 116 -7.95 -7.11 -17.41
C CYS E 116 -7.92 -8.14 -18.47
N VAL E 117 -8.21 -7.74 -19.71
CA VAL E 117 -8.39 -8.67 -20.78
C VAL E 117 -7.35 -8.41 -21.85
N PHE E 118 -6.67 -9.43 -22.37
CA PHE E 118 -5.91 -9.24 -23.60
C PHE E 118 -6.46 -10.10 -24.69
N LEU E 119 -6.84 -9.46 -25.80
CA LEU E 119 -7.23 -10.12 -27.03
C LEU E 119 -6.14 -9.95 -28.06
N SER E 120 -5.22 -10.89 -28.14
CA SER E 120 -4.11 -10.76 -29.09
C SER E 120 -3.54 -12.11 -29.49
N HIS E 121 -2.37 -12.13 -30.12
CA HIS E 121 -1.58 -13.37 -30.27
C HIS E 121 -0.62 -13.54 -29.08
N GLY E 122 -0.25 -14.78 -28.80
CA GLY E 122 0.67 -15.07 -27.72
C GLY E 122 1.71 -16.03 -28.22
N GLU E 123 2.62 -16.43 -27.33
CA GLU E 123 3.71 -17.36 -27.68
C GLU E 123 4.28 -18.20 -26.48
N GLY E 124 4.02 -17.76 -25.26
CA GLY E 124 4.22 -18.59 -24.07
C GLY E 124 4.83 -17.76 -22.95
N ASN E 125 3.99 -17.22 -22.13
CA ASN E 125 4.35 -16.19 -21.17
C ASN E 125 4.41 -14.86 -21.79
N HIS E 126 4.25 -14.83 -23.13
CA HIS E 126 4.18 -13.60 -23.88
C HIS E 126 2.84 -13.40 -24.56
N ILE E 127 2.32 -12.18 -24.52
CA ILE E 127 1.30 -11.75 -25.46
C ILE E 127 1.94 -10.63 -26.29
N TYR E 128 1.43 -10.45 -27.51
CA TYR E 128 1.96 -9.46 -28.39
C TYR E 128 1.22 -8.16 -28.20
N ALA E 129 1.94 -7.03 -28.08
CA ALA E 129 1.37 -5.73 -28.37
C ALA E 129 1.46 -5.55 -29.91
N TYR E 130 1.18 -4.37 -30.42
CA TYR E 130 1.28 -4.13 -31.84
C TYR E 130 2.63 -4.49 -32.46
N ASP E 131 3.70 -4.18 -31.75
CA ASP E 131 5.05 -4.20 -32.28
C ASP E 131 5.99 -5.15 -31.60
N ALA E 132 5.54 -5.80 -30.56
CA ALA E 132 6.47 -6.53 -29.72
C ALA E 132 5.73 -7.38 -28.74
N LYS E 133 6.38 -8.42 -28.32
CA LYS E 133 5.85 -9.30 -27.35
C LYS E 133 6.32 -8.86 -25.99
N ILE E 134 5.46 -9.01 -24.98
CA ILE E 134 5.63 -8.61 -23.58
C ILE E 134 5.41 -9.80 -22.67
N GLU E 135 6.31 -10.02 -21.71
CA GLU E 135 6.06 -11.06 -20.71
C GLU E 135 4.78 -10.82 -19.87
N ILE E 136 3.85 -11.77 -19.87
CA ILE E 136 2.73 -11.79 -18.93
C ILE E 136 3.15 -11.63 -17.44
N GLN E 137 4.21 -12.25 -16.97
CA GLN E 137 4.58 -12.02 -15.50
C GLN E 137 4.78 -10.49 -15.24
N THR E 138 5.15 -9.73 -16.26
CA THR E 138 5.39 -8.32 -16.11
C THR E 138 4.13 -7.51 -15.94
N LEU E 139 3.11 -7.90 -16.68
CA LEU E 139 1.80 -7.29 -16.64
C LEU E 139 1.05 -7.68 -15.37
N THR E 140 1.10 -8.94 -15.00
CA THR E 140 0.39 -9.33 -13.78
C THR E 140 1.15 -8.91 -12.52
N GLY E 141 2.47 -8.87 -12.60
CA GLY E 141 3.27 -8.48 -11.46
C GLY E 141 2.94 -7.11 -10.88
N LEU E 142 2.41 -6.23 -11.73
CA LEU E 142 2.18 -4.84 -11.32
C LEU E 142 1.04 -4.72 -10.29
N PHE E 143 0.16 -5.72 -10.32
CA PHE E 143 -0.96 -5.81 -9.41
C PHE E 143 -0.69 -6.64 -8.19
N LYS E 144 0.52 -7.15 -8.03
CA LYS E 144 0.78 -7.95 -6.84
C LYS E 144 0.63 -7.07 -5.58
N GLY E 145 0.46 -7.72 -4.41
CA GLY E 145 0.21 -7.03 -3.14
C GLY E 145 1.19 -5.92 -2.80
N ASP E 146 2.46 -6.31 -2.73
CA ASP E 146 3.65 -5.42 -2.60
C ASP E 146 3.75 -4.24 -3.56
N LYS E 147 2.76 -4.02 -4.39
CA LYS E 147 2.86 -2.98 -5.45
C LYS E 147 1.55 -2.23 -5.69
N CYS E 148 0.44 -2.85 -5.30
CA CYS E 148 -0.88 -2.33 -5.51
C CYS E 148 -1.66 -2.60 -4.24
N HIS E 149 -1.39 -1.80 -3.22
CA HIS E 149 -1.86 -2.03 -1.86
C HIS E 149 -3.38 -2.03 -1.83
N SER E 150 -4.00 -1.22 -2.70
CA SER E 150 -5.45 -1.05 -2.71
C SER E 150 -6.18 -2.15 -3.38
N LEU E 151 -5.47 -3.12 -3.94
CA LEU E 151 -6.13 -4.33 -4.43
C LEU E 151 -5.78 -5.56 -3.59
N VAL E 152 -5.07 -5.35 -2.50
CA VAL E 152 -4.74 -6.46 -1.61
C VAL E 152 -6.01 -7.00 -1.00
N GLY E 153 -6.17 -8.32 -1.06
CA GLY E 153 -7.38 -8.98 -0.57
C GLY E 153 -8.52 -9.00 -1.57
N LYS E 154 -8.30 -8.43 -2.77
CA LYS E 154 -9.36 -8.30 -3.79
C LYS E 154 -9.08 -9.13 -5.05
N PRO E 155 -10.14 -9.58 -5.72
CA PRO E 155 -9.89 -10.45 -6.86
C PRO E 155 -9.22 -9.70 -7.99
N LYS E 156 -8.23 -10.31 -8.62
CA LYS E 156 -7.55 -9.72 -9.75
C LYS E 156 -7.68 -10.71 -10.89
N ILE E 157 -8.53 -10.37 -11.85
CA ILE E 157 -8.98 -11.33 -12.86
C ILE E 157 -8.37 -10.95 -14.18
N PHE E 158 -7.57 -11.86 -14.74
CA PHE E 158 -6.99 -11.68 -16.09
C PHE E 158 -7.50 -12.74 -17.04
N ILE E 159 -7.97 -12.31 -18.21
CA ILE E 159 -8.57 -13.19 -19.19
C ILE E 159 -7.75 -12.99 -20.42
N ILE E 160 -7.20 -14.05 -20.93
CA ILE E 160 -6.32 -13.93 -22.06
C ILE E 160 -6.72 -14.85 -23.14
N GLN E 161 -6.83 -14.30 -24.36
CA GLN E 161 -7.22 -15.05 -25.51
C GLN E 161 -6.10 -14.75 -26.45
N ALA E 162 -5.19 -15.73 -26.59
CA ALA E 162 -3.90 -15.62 -27.33
C ALA E 162 -3.93 -16.37 -28.67
N ALA F 10 0.38 -16.02 -10.23
CA ALA F 10 0.90 -14.65 -10.02
C ALA F 10 1.05 -14.30 -8.51
N GLY F 11 -0.07 -14.33 -7.75
CA GLY F 11 -0.07 -14.17 -6.26
C GLY F 11 -1.47 -14.38 -5.70
N ALA F 12 -1.64 -14.23 -4.39
CA ALA F 12 -2.95 -14.34 -3.75
C ALA F 12 -4.06 -13.51 -4.42
N ASP F 13 -5.18 -14.17 -4.68
CA ASP F 13 -6.39 -13.59 -5.19
C ASP F 13 -6.36 -13.27 -6.65
N PHE F 14 -5.47 -13.92 -7.40
CA PHE F 14 -5.43 -13.74 -8.83
C PHE F 14 -6.24 -14.84 -9.44
N LEU F 15 -6.89 -14.59 -10.57
CA LEU F 15 -7.53 -15.60 -11.41
C LEU F 15 -7.15 -15.34 -12.86
N MET F 16 -6.61 -16.36 -13.52
CA MET F 16 -6.24 -16.28 -14.88
C MET F 16 -7.19 -17.18 -15.67
N CYS F 17 -7.74 -16.66 -16.77
CA CYS F 17 -8.64 -17.43 -17.57
C CYS F 17 -8.09 -17.50 -18.97
N TYR F 18 -8.01 -18.69 -19.59
CA TYR F 18 -7.29 -18.84 -20.84
C TYR F 18 -8.13 -19.45 -21.96
N SER F 19 -8.22 -18.78 -23.10
CA SER F 19 -8.98 -19.30 -24.26
C SER F 19 -8.62 -20.71 -24.63
N VAL F 20 -7.31 -20.91 -24.82
CA VAL F 20 -6.79 -22.03 -25.62
C VAL F 20 -6.00 -22.96 -24.69
N VAL F 31 -14.75 -13.62 -38.00
CA VAL F 31 -15.89 -12.80 -38.38
C VAL F 31 -16.86 -12.55 -37.20
N ASN F 32 -17.72 -13.55 -36.91
CA ASN F 32 -18.51 -13.60 -35.68
C ASN F 32 -17.77 -13.13 -34.41
N GLY F 33 -16.51 -13.59 -34.23
CA GLY F 33 -15.76 -13.42 -32.95
C GLY F 33 -15.22 -14.77 -32.47
N SER F 34 -14.33 -14.82 -31.47
CA SER F 34 -13.87 -16.15 -31.01
C SER F 34 -14.96 -16.89 -30.19
N TRP F 35 -14.91 -18.21 -30.27
CA TRP F 35 -15.82 -19.07 -29.55
C TRP F 35 -15.69 -18.80 -28.07
N TYR F 36 -14.46 -18.75 -27.59
CA TYR F 36 -14.24 -18.60 -26.16
C TYR F 36 -14.91 -17.36 -25.64
N ILE F 37 -14.73 -16.26 -26.35
CA ILE F 37 -15.26 -15.00 -25.86
C ILE F 37 -16.82 -14.96 -25.96
N GLN F 38 -17.34 -15.36 -27.11
CA GLN F 38 -18.78 -15.52 -27.30
C GLN F 38 -19.42 -16.26 -26.13
N ASP F 39 -18.86 -17.43 -25.78
CA ASP F 39 -19.44 -18.28 -24.76
C ASP F 39 -19.26 -17.70 -23.37
N LEU F 40 -18.05 -17.24 -23.09
CA LEU F 40 -17.83 -16.46 -21.87
C LEU F 40 -18.89 -15.35 -21.78
N CYS F 41 -19.10 -14.58 -22.84
CA CYS F 41 -20.03 -13.42 -22.76
C CYS F 41 -21.47 -13.90 -22.62
N GLU F 42 -21.78 -14.99 -23.30
CA GLU F 42 -23.09 -15.59 -23.20
C GLU F 42 -23.34 -15.95 -21.74
N MET F 43 -22.41 -16.67 -21.13
CA MET F 43 -22.56 -17.08 -19.75
C MET F 43 -22.54 -15.89 -18.80
N LEU F 44 -21.76 -14.85 -19.09
CA LEU F 44 -21.85 -13.63 -18.27
C LEU F 44 -23.24 -13.02 -18.35
N GLY F 45 -23.82 -12.92 -19.54
CA GLY F 45 -25.11 -12.21 -19.70
C GLY F 45 -26.28 -12.85 -18.98
N LYS F 46 -26.12 -14.14 -18.76
CA LYS F 46 -27.18 -15.02 -18.39
C LYS F 46 -27.06 -15.41 -16.94
N TYR F 47 -25.82 -15.56 -16.47
CA TYR F 47 -25.52 -16.07 -15.14
C TYR F 47 -24.52 -15.21 -14.40
N GLY F 48 -23.95 -14.22 -15.04
CA GLY F 48 -22.93 -13.44 -14.39
C GLY F 48 -23.39 -12.84 -13.07
N SER F 49 -24.62 -12.35 -13.07
CA SER F 49 -25.16 -11.64 -11.92
C SER F 49 -25.61 -12.55 -10.73
N SER F 50 -25.51 -13.88 -10.85
CA SER F 50 -25.94 -14.76 -9.73
C SER F 50 -24.95 -15.83 -9.35
N LEU F 51 -24.38 -16.51 -10.33
CA LEU F 51 -23.47 -17.60 -10.06
C LEU F 51 -22.13 -17.14 -9.55
N GLU F 52 -21.49 -18.00 -8.78
CA GLU F 52 -20.12 -17.85 -8.41
C GLU F 52 -19.26 -17.85 -9.68
N PHE F 53 -18.22 -17.04 -9.71
CA PHE F 53 -17.54 -16.80 -10.99
C PHE F 53 -16.85 -18.04 -11.57
N THR F 54 -16.34 -18.91 -10.71
CA THR F 54 -15.69 -20.12 -11.15
C THR F 54 -16.71 -21.13 -11.57
N GLU F 55 -17.89 -21.08 -10.98
CA GLU F 55 -18.95 -21.96 -11.43
C GLU F 55 -19.18 -21.56 -12.86
N LEU F 56 -19.41 -20.28 -13.09
CA LEU F 56 -19.62 -19.74 -14.45
C LEU F 56 -18.49 -20.11 -15.41
N LEU F 57 -17.24 -20.02 -14.97
CA LEU F 57 -16.14 -20.41 -15.88
C LEU F 57 -16.14 -21.90 -16.23
N THR F 58 -16.65 -22.71 -15.30
CA THR F 58 -16.75 -24.15 -15.53
C THR F 58 -17.79 -24.44 -16.60
N LEU F 59 -18.82 -23.60 -16.65
CA LEU F 59 -19.81 -23.64 -17.73
C LEU F 59 -19.27 -23.23 -19.07
N VAL F 60 -18.46 -22.20 -19.09
CA VAL F 60 -17.80 -21.81 -20.35
C VAL F 60 -16.99 -23.02 -20.84
N ASN F 61 -16.23 -23.63 -19.94
CA ASN F 61 -15.48 -24.83 -20.30
C ASN F 61 -16.38 -25.82 -21.00
N ARG F 62 -17.48 -26.21 -20.35
CA ARG F 62 -18.42 -27.20 -20.90
C ARG F 62 -18.97 -26.79 -22.27
N LYS F 63 -19.42 -25.55 -22.36
CA LYS F 63 -20.01 -25.03 -23.58
C LYS F 63 -19.03 -25.12 -24.72
N VAL F 64 -17.85 -24.55 -24.53
CA VAL F 64 -16.82 -24.53 -25.55
C VAL F 64 -16.35 -25.93 -25.94
N SER F 65 -16.32 -26.88 -25.02
CA SER F 65 -15.91 -28.24 -25.35
C SER F 65 -16.94 -28.99 -26.18
N GLN F 66 -18.20 -28.57 -26.14
CA GLN F 66 -19.26 -29.25 -26.90
C GLN F 66 -19.08 -29.02 -28.41
N ARG F 67 -18.50 -27.87 -28.77
CA ARG F 67 -18.31 -27.47 -30.18
C ARG F 67 -17.48 -28.46 -31.06
N ARG F 68 -18.00 -28.79 -32.25
CA ARG F 68 -17.42 -29.84 -33.13
C ARG F 68 -16.75 -29.29 -34.39
N GLN F 82 -10.60 -28.65 -28.47
CA GLN F 82 -10.23 -27.44 -27.77
C GLN F 82 -10.96 -27.24 -26.44
N VAL F 83 -10.18 -26.95 -25.39
CA VAL F 83 -10.74 -26.70 -24.08
C VAL F 83 -10.03 -25.53 -23.44
N PRO F 84 -10.80 -24.52 -23.03
CA PRO F 84 -10.23 -23.43 -22.25
C PRO F 84 -10.01 -23.87 -20.83
N CYS F 85 -9.71 -22.91 -19.99
CA CYS F 85 -9.12 -23.30 -18.76
C CYS F 85 -9.10 -22.13 -17.86
N PHE F 86 -9.05 -22.35 -16.58
CA PHE F 86 -8.78 -21.27 -15.70
C PHE F 86 -7.97 -21.67 -14.47
N ALA F 87 -7.16 -20.73 -13.97
CA ALA F 87 -6.20 -21.01 -12.94
C ALA F 87 -6.52 -20.07 -11.77
N SER F 88 -7.03 -20.63 -10.68
CA SER F 88 -7.43 -19.82 -9.54
C SER F 88 -6.49 -19.82 -8.37
N MET F 89 -6.11 -18.63 -7.98
CA MET F 89 -5.56 -18.36 -6.66
C MET F 89 -6.52 -17.57 -5.78
N LEU F 90 -7.82 -17.72 -5.99
CA LEU F 90 -8.80 -17.02 -5.18
C LEU F 90 -8.86 -17.72 -3.85
N THR F 91 -9.14 -16.96 -2.81
CA THR F 91 -9.09 -17.41 -1.43
C THR F 91 -10.47 -17.47 -0.84
N LYS F 92 -11.44 -16.89 -1.53
CA LYS F 92 -12.84 -16.91 -1.13
C LYS F 92 -13.68 -17.04 -2.41
N LYS F 93 -14.97 -17.24 -2.18
CA LYS F 93 -15.94 -17.31 -3.23
C LYS F 93 -16.26 -15.90 -3.79
N LEU F 94 -16.53 -15.83 -5.09
CA LEU F 94 -16.69 -14.56 -5.79
C LEU F 94 -18.00 -14.43 -6.55
N HIS F 95 -18.82 -13.46 -6.20
CA HIS F 95 -20.10 -13.27 -6.89
C HIS F 95 -20.18 -11.87 -7.35
N PHE F 96 -20.91 -11.63 -8.43
CA PHE F 96 -21.17 -10.27 -8.90
C PHE F 96 -22.64 -9.91 -8.78
N PHE F 97 -23.18 -9.94 -7.58
CA PHE F 97 -24.57 -9.57 -7.36
C PHE F 97 -24.73 -8.09 -7.70
N PRO F 98 -25.93 -7.69 -8.19
CA PRO F 98 -26.07 -6.31 -8.65
C PRO F 98 -25.90 -5.38 -7.47
N LYS F 99 -25.18 -4.30 -7.72
CA LYS F 99 -24.79 -3.39 -6.68
C LYS F 99 -25.93 -2.48 -6.39
N SER F 100 -26.10 -2.15 -5.12
CA SER F 100 -27.15 -1.24 -4.68
C SER F 100 -26.83 0.17 -5.18
N ASP G 32 -27.85 -26.95 -18.16
CA ASP G 32 -28.12 -26.69 -16.70
C ASP G 32 -26.87 -26.35 -15.91
N PRO G 33 -26.78 -25.13 -15.39
CA PRO G 33 -25.60 -24.74 -14.60
C PRO G 33 -25.27 -25.61 -13.36
N ALA G 34 -26.18 -26.45 -12.92
CA ALA G 34 -25.96 -27.29 -11.74
C ALA G 34 -25.50 -28.73 -12.07
N GLU G 35 -25.33 -29.07 -13.36
CA GLU G 35 -24.78 -30.39 -13.70
C GLU G 35 -23.61 -30.70 -12.79
N LYS G 36 -23.59 -31.95 -12.35
CA LYS G 36 -22.53 -32.50 -11.53
C LYS G 36 -22.04 -33.75 -12.23
N TYR G 37 -20.73 -34.00 -12.24
CA TYR G 37 -20.26 -35.31 -12.66
C TYR G 37 -21.04 -36.43 -11.96
N LYS G 38 -21.49 -37.41 -12.74
CA LYS G 38 -22.02 -38.68 -12.21
C LYS G 38 -20.95 -39.36 -11.36
N MET G 39 -21.25 -39.57 -10.10
CA MET G 39 -20.32 -40.20 -9.19
C MET G 39 -21.11 -41.30 -8.46
N ASP G 40 -21.96 -41.99 -9.21
CA ASP G 40 -22.73 -43.14 -8.73
C ASP G 40 -22.28 -44.43 -9.41
N HIS G 41 -21.05 -44.44 -9.89
CA HIS G 41 -20.45 -45.67 -10.39
C HIS G 41 -20.21 -46.60 -9.19
N ARG G 42 -19.87 -47.85 -9.48
CA ARG G 42 -19.66 -48.88 -8.45
C ARG G 42 -18.51 -48.55 -7.51
N ARG G 43 -17.44 -47.95 -8.05
CA ARG G 43 -16.29 -47.55 -7.24
C ARG G 43 -15.92 -46.09 -7.45
N ARG G 44 -15.09 -45.59 -6.55
CA ARG G 44 -14.67 -44.22 -6.62
C ARG G 44 -13.62 -44.12 -7.72
N GLY G 45 -12.66 -45.05 -7.71
CA GLY G 45 -11.55 -45.05 -8.65
C GLY G 45 -10.21 -45.13 -7.95
N ILE G 46 -9.13 -45.03 -8.70
CA ILE G 46 -7.81 -45.19 -8.13
C ILE G 46 -7.21 -43.87 -7.65
N ALA G 47 -6.54 -43.91 -6.49
CA ALA G 47 -5.65 -42.82 -6.10
C ALA G 47 -4.22 -43.33 -6.13
N LEU G 48 -3.48 -42.86 -7.10
CA LEU G 48 -2.04 -43.15 -7.27
C LEU G 48 -1.23 -42.13 -6.52
N ILE G 49 -0.27 -42.57 -5.71
CA ILE G 49 0.63 -41.61 -5.04
C ILE G 49 2.11 -41.95 -5.27
N PHE G 50 2.78 -41.15 -6.08
CA PHE G 50 4.18 -41.35 -6.25
C PHE G 50 4.86 -40.47 -5.21
N ASN G 51 5.47 -41.09 -4.21
CA ASN G 51 6.15 -40.35 -3.12
C ASN G 51 7.68 -40.42 -3.21
N HIS G 52 8.38 -39.28 -3.28
CA HIS G 52 9.84 -39.31 -3.40
C HIS G 52 10.58 -38.54 -2.32
N GLU G 53 11.54 -39.23 -1.70
CA GLU G 53 12.23 -38.79 -0.50
C GLU G 53 13.74 -38.78 -0.70
N ARG G 54 14.29 -39.89 -1.16
CA ARG G 54 15.74 -40.02 -1.45
C ARG G 54 15.88 -39.89 -2.96
N PHE G 55 17.04 -39.49 -3.45
CA PHE G 55 17.28 -39.44 -4.91
C PHE G 55 18.65 -39.96 -5.31
N PHE G 56 18.73 -40.47 -6.53
CA PHE G 56 20.00 -40.93 -7.09
C PHE G 56 21.01 -39.83 -6.90
N TRP G 57 22.21 -40.26 -6.59
CA TRP G 57 23.09 -39.44 -5.82
C TRP G 57 23.87 -38.49 -6.73
N HIS G 58 24.10 -38.91 -7.98
CA HIS G 58 24.70 -38.01 -9.00
C HIS G 58 23.68 -36.97 -9.56
N LEU G 59 22.55 -36.82 -8.87
CA LEU G 59 21.58 -35.79 -9.19
C LEU G 59 21.67 -34.64 -8.18
N THR G 60 22.30 -34.88 -7.03
CA THR G 60 22.49 -33.84 -5.99
C THR G 60 21.20 -33.09 -5.75
N LEU G 61 20.22 -33.83 -5.29
CA LEU G 61 18.96 -33.28 -4.86
C LEU G 61 18.87 -33.51 -3.37
N PRO G 62 18.50 -32.46 -2.62
CA PRO G 62 18.36 -32.74 -1.21
C PRO G 62 17.19 -33.71 -0.92
N GLU G 63 17.27 -34.34 0.24
CA GLU G 63 16.23 -35.22 0.72
C GLU G 63 15.00 -34.37 1.04
N ARG G 64 13.82 -34.92 0.80
CA ARG G 64 12.57 -34.19 1.08
C ARG G 64 12.01 -34.69 2.41
N ARG G 65 12.42 -34.03 3.51
CA ARG G 65 12.42 -34.67 4.82
C ARG G 65 11.08 -35.13 5.39
N GLY G 66 9.98 -34.53 5.02
CA GLY G 66 8.68 -34.97 5.56
C GLY G 66 7.70 -35.56 4.58
N THR G 67 8.14 -35.93 3.38
CA THR G 67 7.20 -36.37 2.36
C THR G 67 6.35 -37.58 2.81
N CYS G 68 6.83 -38.39 3.74
CA CYS G 68 6.05 -39.55 4.25
C CYS G 68 4.82 -39.13 5.05
N ALA G 69 4.97 -38.08 5.84
CA ALA G 69 3.81 -37.53 6.55
C ALA G 69 2.73 -37.20 5.50
N ASP G 70 3.11 -36.44 4.48
CA ASP G 70 2.19 -36.07 3.42
C ASP G 70 1.54 -37.27 2.79
N ARG G 71 2.32 -38.28 2.49
CA ARG G 71 1.81 -39.46 1.85
C ARG G 71 0.75 -40.20 2.68
N ASP G 72 1.01 -40.38 3.97
CA ASP G 72 0.10 -41.20 4.78
C ASP G 72 -1.16 -40.40 5.07
N ASN G 73 -0.94 -39.12 5.35
CA ASN G 73 -2.01 -38.16 5.44
C ASN G 73 -2.89 -38.28 4.18
N LEU G 74 -2.32 -38.10 3.01
CA LEU G 74 -3.12 -38.25 1.76
C LEU G 74 -3.85 -39.59 1.63
N THR G 75 -3.24 -40.66 2.14
CA THR G 75 -3.81 -42.00 2.05
C THR G 75 -5.04 -42.13 2.94
N ARG G 76 -4.99 -41.62 4.17
CA ARG G 76 -6.14 -41.69 5.03
C ARG G 76 -7.32 -40.95 4.39
N ARG G 77 -7.08 -39.75 3.90
CA ARG G 77 -8.21 -38.93 3.44
C ARG G 77 -8.88 -39.45 2.19
N PHE G 78 -8.09 -39.89 1.23
CA PHE G 78 -8.65 -40.40 -0.01
C PHE G 78 -9.30 -41.79 0.21
N SER G 79 -8.69 -42.62 1.07
CA SER G 79 -9.36 -43.80 1.54
C SER G 79 -10.78 -43.43 1.95
N ASP G 80 -10.89 -42.48 2.87
CA ASP G 80 -12.18 -42.12 3.43
C ASP G 80 -13.15 -41.52 2.41
N LEU G 81 -12.63 -40.95 1.32
CA LEU G 81 -13.53 -40.53 0.24
C LEU G 81 -13.86 -41.67 -0.70
N GLY G 82 -13.27 -42.85 -0.47
CA GLY G 82 -13.60 -44.11 -1.16
C GLY G 82 -12.58 -44.64 -2.17
N PHE G 83 -11.44 -43.95 -2.34
CA PHE G 83 -10.43 -44.36 -3.31
C PHE G 83 -9.70 -45.63 -2.89
N GLU G 84 -9.25 -46.36 -3.92
CA GLU G 84 -8.26 -47.43 -3.79
C GLU G 84 -6.93 -46.71 -3.90
N VAL G 85 -6.18 -46.61 -2.82
CA VAL G 85 -4.95 -45.88 -2.85
C VAL G 85 -3.75 -46.78 -3.07
N LYS G 86 -3.03 -46.53 -4.14
CA LYS G 86 -1.81 -47.25 -4.41
C LYS G 86 -0.64 -46.26 -4.32
N CYS G 87 0.29 -46.56 -3.42
CA CYS G 87 1.47 -45.75 -3.20
C CYS G 87 2.67 -46.48 -3.70
N PHE G 88 3.64 -45.70 -4.14
CA PHE G 88 4.90 -46.19 -4.61
C PHE G 88 5.93 -45.20 -4.17
N ASN G 89 7.04 -45.69 -3.67
CA ASN G 89 8.03 -44.84 -3.07
C ASN G 89 9.30 -44.93 -3.86
N ASP G 90 9.81 -43.77 -4.25
CA ASP G 90 11.12 -43.67 -4.89
C ASP G 90 11.26 -44.57 -6.11
N LEU G 91 10.25 -44.60 -6.96
CA LEU G 91 10.37 -45.34 -8.20
C LEU G 91 11.34 -44.60 -9.11
N LYS G 92 12.08 -45.40 -9.88
CA LYS G 92 12.86 -44.93 -11.01
C LYS G 92 11.99 -44.53 -12.17
N ALA G 93 12.57 -43.84 -13.15
CA ALA G 93 11.76 -43.34 -14.23
C ALA G 93 11.08 -44.46 -15.00
N GLU G 94 11.75 -45.58 -15.23
CA GLU G 94 11.09 -46.57 -16.06
C GLU G 94 10.02 -47.26 -15.23
N GLU G 95 10.33 -47.49 -13.96
CA GLU G 95 9.38 -48.10 -13.04
C GLU G 95 8.14 -47.24 -13.01
N LEU G 96 8.28 -45.99 -12.66
CA LEU G 96 7.16 -45.03 -12.65
C LEU G 96 6.39 -45.00 -13.98
N LEU G 97 7.10 -45.07 -15.09
CA LEU G 97 6.41 -44.96 -16.38
C LEU G 97 5.54 -46.19 -16.61
N LEU G 98 6.09 -47.37 -16.31
CA LEU G 98 5.34 -48.59 -16.28
C LEU G 98 4.03 -48.44 -15.55
N LYS G 99 4.10 -48.09 -14.27
CA LYS G 99 2.93 -48.17 -13.44
C LYS G 99 1.89 -47.22 -13.95
N ILE G 100 2.33 -46.05 -14.45
CA ILE G 100 1.36 -45.06 -14.85
C ILE G 100 0.73 -45.39 -16.21
N HIS G 101 1.50 -45.85 -17.19
CA HIS G 101 0.87 -46.43 -18.40
C HIS G 101 -0.13 -47.55 -18.01
N GLU G 102 0.29 -48.35 -17.05
CA GLU G 102 -0.46 -49.50 -16.62
C GLU G 102 -1.84 -49.06 -16.12
N VAL G 103 -1.83 -47.98 -15.33
CA VAL G 103 -3.06 -47.51 -14.66
C VAL G 103 -3.91 -46.78 -15.66
N SER G 104 -3.24 -46.13 -16.61
CA SER G 104 -3.89 -45.53 -17.77
C SER G 104 -4.58 -46.53 -18.69
N THR G 105 -4.25 -47.81 -18.59
CA THR G 105 -4.82 -48.83 -19.49
C THR G 105 -5.63 -49.94 -18.76
N VAL G 106 -5.63 -49.85 -17.43
CA VAL G 106 -6.61 -50.58 -16.56
C VAL G 106 -8.05 -50.23 -16.95
N SER G 107 -9.01 -51.08 -16.63
CA SER G 107 -10.42 -50.73 -16.88
C SER G 107 -10.93 -49.75 -15.84
N HIS G 108 -11.50 -48.63 -16.31
CA HIS G 108 -11.96 -47.54 -15.44
C HIS G 108 -13.47 -47.34 -15.58
N ALA G 109 -14.15 -48.16 -16.39
CA ALA G 109 -15.58 -47.92 -16.69
C ALA G 109 -16.48 -47.84 -15.47
N ASP G 110 -16.09 -48.51 -14.39
CA ASP G 110 -16.97 -48.60 -13.25
C ASP G 110 -16.45 -47.71 -12.13
N ALA G 111 -15.61 -46.76 -12.51
CA ALA G 111 -15.01 -45.78 -11.61
C ALA G 111 -15.66 -44.40 -11.78
N ASP G 112 -15.58 -43.60 -10.74
CA ASP G 112 -16.16 -42.25 -10.73
C ASP G 112 -15.21 -41.26 -11.34
N CYS G 113 -13.93 -41.46 -11.02
CA CYS G 113 -12.90 -40.50 -11.32
C CYS G 113 -11.52 -41.12 -11.10
N PHE G 114 -10.49 -40.29 -11.27
CA PHE G 114 -9.11 -40.73 -11.14
C PHE G 114 -8.26 -39.68 -10.50
N VAL G 115 -7.51 -40.09 -9.49
CA VAL G 115 -6.61 -39.18 -8.84
C VAL G 115 -5.19 -39.70 -8.94
N CYS G 116 -4.25 -38.79 -9.18
CA CYS G 116 -2.88 -39.13 -9.22
C CYS G 116 -2.08 -38.02 -8.62
N VAL G 117 -1.26 -38.33 -7.63
CA VAL G 117 -0.51 -37.35 -6.86
C VAL G 117 0.97 -37.57 -7.14
N PHE G 118 1.77 -36.52 -7.23
CA PHE G 118 3.24 -36.71 -7.26
C PHE G 118 3.80 -35.92 -6.15
N LEU G 119 4.74 -36.49 -5.40
CA LEU G 119 5.36 -35.76 -4.31
C LEU G 119 6.88 -35.83 -4.53
N SER G 120 7.42 -34.74 -5.07
CA SER G 120 8.81 -34.76 -5.45
C SER G 120 9.34 -33.37 -5.70
N HIS G 121 10.61 -33.29 -6.12
CA HIS G 121 11.15 -32.10 -6.73
C HIS G 121 10.70 -31.98 -8.17
N GLY G 122 10.78 -30.78 -8.73
CA GLY G 122 10.20 -30.46 -10.02
C GLY G 122 10.88 -29.30 -10.72
N GLU G 123 11.72 -29.61 -11.73
CA GLU G 123 12.36 -28.61 -12.63
C GLU G 123 11.55 -28.32 -13.93
N GLY G 124 11.17 -27.06 -14.12
CA GLY G 124 10.48 -26.62 -15.33
C GLY G 124 9.12 -27.28 -15.34
N ASN G 125 8.72 -27.82 -16.50
CA ASN G 125 7.51 -28.67 -16.66
C ASN G 125 7.79 -30.18 -16.36
N HIS G 126 8.79 -30.46 -15.50
CA HIS G 126 9.25 -31.82 -15.23
C HIS G 126 9.18 -32.17 -13.74
N ILE G 127 8.93 -33.44 -13.45
CA ILE G 127 9.04 -33.98 -12.09
C ILE G 127 10.15 -35.02 -12.04
N TYR G 128 10.84 -35.11 -10.93
CA TYR G 128 11.89 -36.06 -10.78
C TYR G 128 11.40 -37.40 -10.24
N ALA G 129 11.66 -38.47 -10.98
CA ALA G 129 11.74 -39.80 -10.42
C ALA G 129 13.06 -39.80 -9.63
N TYR G 130 13.47 -40.95 -9.09
CA TYR G 130 14.72 -41.11 -8.32
C TYR G 130 15.94 -40.94 -9.22
N ASP G 131 15.66 -41.22 -10.46
CA ASP G 131 16.57 -41.60 -11.50
C ASP G 131 16.86 -40.35 -12.35
N ALA G 132 15.80 -39.60 -12.64
CA ALA G 132 15.74 -38.76 -13.82
C ALA G 132 14.46 -37.96 -13.77
N LYS G 133 14.39 -36.94 -14.62
CA LYS G 133 13.23 -36.09 -14.69
C LYS G 133 12.32 -36.59 -15.78
N ILE G 134 11.03 -36.37 -15.59
CA ILE G 134 10.00 -36.76 -16.57
C ILE G 134 9.08 -35.58 -16.82
N GLU G 135 8.76 -35.32 -18.09
CA GLU G 135 7.83 -34.24 -18.31
C GLU G 135 6.41 -34.60 -17.91
N ILE G 136 5.73 -33.65 -17.30
CA ILE G 136 4.35 -33.81 -16.89
C ILE G 136 3.40 -34.08 -18.06
N GLN G 137 3.61 -33.41 -19.20
CA GLN G 137 2.75 -33.59 -20.37
C GLN G 137 2.68 -35.10 -20.75
N THR G 138 3.77 -35.81 -20.51
CA THR G 138 3.88 -37.20 -20.86
C THR G 138 3.07 -38.08 -19.97
N LEU G 139 3.00 -37.73 -18.71
CA LEU G 139 2.26 -38.47 -17.75
C LEU G 139 0.74 -38.16 -17.89
N THR G 140 0.40 -36.88 -17.83
CA THR G 140 -0.97 -36.48 -18.01
C THR G 140 -1.51 -36.89 -19.37
N GLY G 141 -0.67 -36.93 -20.38
CA GLY G 141 -1.19 -37.21 -21.72
C GLY G 141 -1.78 -38.59 -21.87
N LEU G 142 -1.31 -39.51 -21.02
CA LEU G 142 -1.74 -40.92 -21.05
C LEU G 142 -3.19 -41.07 -20.62
N PHE G 143 -3.78 -40.04 -20.04
CA PHE G 143 -5.14 -40.16 -19.55
C PHE G 143 -6.16 -39.39 -20.36
N LYS G 144 -5.76 -38.87 -21.49
CA LYS G 144 -6.69 -38.05 -22.24
C LYS G 144 -7.66 -38.93 -23.00
N GLY G 145 -8.68 -38.32 -23.57
CA GLY G 145 -9.78 -39.08 -24.19
C GLY G 145 -9.33 -40.10 -25.21
N ASP G 146 -8.60 -39.63 -26.21
CA ASP G 146 -8.14 -40.49 -27.30
C ASP G 146 -7.43 -41.76 -26.83
N LYS G 147 -6.77 -41.69 -25.68
CA LYS G 147 -5.89 -42.77 -25.21
C LYS G 147 -6.44 -43.60 -24.09
N CYS G 148 -7.47 -43.10 -23.41
CA CYS G 148 -8.04 -43.75 -22.21
C CYS G 148 -9.55 -43.55 -22.16
N HIS G 149 -10.26 -44.36 -22.94
CA HIS G 149 -11.65 -44.12 -23.20
C HIS G 149 -12.54 -44.27 -21.95
N SER G 150 -12.11 -45.07 -20.97
CA SER G 150 -12.98 -45.32 -19.82
C SER G 150 -12.95 -44.18 -18.79
N LEU G 151 -12.17 -43.14 -19.07
CA LEU G 151 -12.27 -41.89 -18.32
C LEU G 151 -12.85 -40.72 -19.09
N VAL G 152 -13.22 -40.90 -20.34
CA VAL G 152 -13.85 -39.81 -21.06
C VAL G 152 -15.07 -39.25 -20.28
N GLY G 153 -15.08 -37.93 -20.11
CA GLY G 153 -16.14 -37.28 -19.33
C GLY G 153 -16.08 -37.54 -17.83
N LYS G 154 -15.00 -38.16 -17.34
CA LYS G 154 -14.81 -38.33 -15.88
C LYS G 154 -13.69 -37.43 -15.35
N PRO G 155 -13.75 -37.06 -14.08
CA PRO G 155 -12.66 -36.21 -13.65
C PRO G 155 -11.33 -36.90 -13.62
N LYS G 156 -10.28 -36.16 -13.97
CA LYS G 156 -8.93 -36.64 -13.91
C LYS G 156 -8.12 -35.64 -13.16
N ILE G 157 -7.84 -35.89 -11.89
CA ILE G 157 -7.30 -34.89 -10.98
C ILE G 157 -5.84 -35.18 -10.65
N PHE G 158 -4.91 -34.28 -10.99
CA PHE G 158 -3.47 -34.44 -10.62
C PHE G 158 -3.00 -33.44 -9.57
N ILE G 159 -2.42 -33.94 -8.49
CA ILE G 159 -1.98 -33.06 -7.42
C ILE G 159 -0.47 -33.06 -7.41
N ILE G 160 0.15 -31.91 -7.66
CA ILE G 160 1.59 -31.85 -7.82
C ILE G 160 2.20 -30.99 -6.73
N GLN G 161 2.74 -31.63 -5.71
CA GLN G 161 3.60 -30.94 -4.76
C GLN G 161 5.02 -30.95 -5.29
N ALA G 162 5.54 -29.82 -5.76
CA ALA G 162 6.96 -29.75 -6.24
C ALA G 162 7.54 -28.37 -6.05
N LEU H 8 -0.29 -27.16 -17.02
CA LEU H 8 -1.54 -26.71 -17.64
C LEU H 8 -2.34 -27.88 -18.21
N PRO H 9 -3.59 -28.08 -17.74
CA PRO H 9 -4.34 -29.32 -17.99
C PRO H 9 -4.25 -29.88 -19.43
N ALA H 10 -4.14 -31.19 -19.50
CA ALA H 10 -3.95 -31.89 -20.78
C ALA H 10 -5.16 -31.87 -21.72
N GLY H 11 -6.37 -31.69 -21.16
CA GLY H 11 -7.65 -31.67 -21.91
C GLY H 11 -8.89 -31.61 -21.01
N ALA H 12 -10.00 -32.17 -21.46
CA ALA H 12 -11.30 -31.91 -20.86
C ALA H 12 -11.45 -32.75 -19.64
N ASP H 13 -12.12 -32.20 -18.64
CA ASP H 13 -12.21 -32.81 -17.35
C ASP H 13 -10.89 -33.13 -16.60
N PHE H 14 -9.81 -32.46 -16.99
CA PHE H 14 -8.62 -32.41 -16.13
C PHE H 14 -8.70 -31.28 -15.13
N LEU H 15 -8.22 -31.58 -13.92
CA LEU H 15 -8.02 -30.60 -12.85
C LEU H 15 -6.60 -30.79 -12.30
N MET H 16 -5.75 -29.80 -12.46
CA MET H 16 -4.38 -29.80 -11.95
C MET H 16 -4.34 -28.97 -10.69
N CYS H 17 -3.90 -29.60 -9.60
CA CYS H 17 -3.75 -28.93 -8.36
C CYS H 17 -2.28 -28.79 -8.12
N TYR H 18 -1.80 -27.56 -7.90
CA TYR H 18 -0.39 -27.25 -7.78
C TYR H 18 -0.09 -26.57 -6.42
N SER H 19 1.06 -26.88 -5.85
CA SER H 19 1.40 -26.37 -4.53
C SER H 19 2.04 -24.98 -4.53
N VAL H 20 3.12 -24.81 -5.30
CA VAL H 20 3.92 -23.57 -5.19
C VAL H 20 3.35 -22.46 -6.12
N GLY H 33 3.97 -32.96 7.89
CA GLY H 33 4.13 -32.76 6.43
C GLY H 33 4.24 -31.32 5.87
N SER H 34 3.95 -31.14 4.58
CA SER H 34 4.10 -29.80 3.98
C SER H 34 2.84 -29.01 4.23
N TRP H 35 3.00 -27.69 4.31
CA TRP H 35 1.89 -26.74 4.42
C TRP H 35 0.73 -27.11 3.48
N TYR H 36 1.03 -27.30 2.21
CA TYR H 36 -0.02 -27.47 1.21
C TYR H 36 -0.80 -28.75 1.48
N ILE H 37 -0.09 -29.83 1.73
CA ILE H 37 -0.75 -31.12 1.92
C ILE H 37 -1.46 -31.16 3.28
N GLN H 38 -0.84 -30.59 4.29
CA GLN H 38 -1.46 -30.55 5.60
C GLN H 38 -2.80 -29.87 5.54
N ASP H 39 -2.86 -28.76 4.83
CA ASP H 39 -4.07 -28.01 4.67
C ASP H 39 -5.00 -28.69 3.68
N LEU H 40 -4.49 -29.28 2.61
CA LEU H 40 -5.36 -30.05 1.75
C LEU H 40 -6.04 -31.21 2.50
N CYS H 41 -5.31 -31.90 3.36
CA CYS H 41 -5.86 -33.07 4.02
C CYS H 41 -6.91 -32.67 5.07
N GLU H 42 -6.58 -31.69 5.88
CA GLU H 42 -7.53 -31.16 6.84
C GLU H 42 -8.87 -30.84 6.16
N MET H 43 -8.83 -30.03 5.12
CA MET H 43 -10.05 -29.69 4.39
C MET H 43 -10.69 -30.95 3.80
N LEU H 44 -9.91 -31.93 3.37
CA LEU H 44 -10.50 -33.14 2.81
C LEU H 44 -11.30 -33.86 3.91
N GLY H 45 -10.68 -33.99 5.07
CA GLY H 45 -11.32 -34.67 6.19
C GLY H 45 -12.51 -33.97 6.81
N LYS H 46 -12.53 -32.65 6.77
CA LYS H 46 -13.64 -31.88 7.33
C LYS H 46 -14.74 -31.55 6.30
N TYR H 47 -14.39 -31.36 5.02
CA TYR H 47 -15.39 -30.93 3.99
C TYR H 47 -15.45 -31.73 2.67
N GLY H 48 -14.50 -32.63 2.43
CA GLY H 48 -14.44 -33.33 1.15
C GLY H 48 -15.70 -34.15 0.89
N SER H 49 -16.23 -34.70 1.96
CA SER H 49 -17.41 -35.53 1.87
C SER H 49 -18.66 -34.69 1.47
N SER H 50 -18.56 -33.36 1.54
CA SER H 50 -19.70 -32.47 1.34
C SER H 50 -19.51 -31.30 0.32
N LEU H 51 -18.37 -30.58 0.33
CA LEU H 51 -18.23 -29.39 -0.51
C LEU H 51 -17.80 -29.77 -1.90
N GLU H 52 -18.20 -28.96 -2.88
CA GLU H 52 -17.75 -29.12 -4.23
C GLU H 52 -16.24 -29.02 -4.19
N PHE H 53 -15.54 -29.89 -4.92
CA PHE H 53 -14.08 -29.94 -4.82
C PHE H 53 -13.31 -28.64 -5.10
N THR H 54 -13.68 -27.89 -6.13
CA THR H 54 -12.99 -26.62 -6.33
C THR H 54 -13.17 -25.66 -5.17
N GLU H 55 -14.39 -25.53 -4.64
CA GLU H 55 -14.63 -24.73 -3.46
C GLU H 55 -13.65 -25.20 -2.41
N LEU H 56 -13.47 -26.51 -2.31
CA LEU H 56 -12.56 -27.04 -1.30
C LEU H 56 -11.16 -26.55 -1.50
N LEU H 57 -10.67 -26.66 -2.72
CA LEU H 57 -9.37 -26.17 -3.04
C LEU H 57 -9.28 -24.67 -2.81
N THR H 58 -10.38 -23.94 -2.96
CA THR H 58 -10.33 -22.51 -2.73
C THR H 58 -10.11 -22.25 -1.26
N LEU H 59 -10.60 -23.15 -0.45
CA LEU H 59 -10.39 -23.05 0.97
C LEU H 59 -8.91 -23.30 1.26
N VAL H 60 -8.32 -24.30 0.63
CA VAL H 60 -6.90 -24.55 0.83
C VAL H 60 -6.07 -23.33 0.50
N ASN H 61 -6.32 -22.71 -0.67
CA ASN H 61 -5.65 -21.49 -1.07
C ASN H 61 -5.66 -20.50 0.14
N ARG H 62 -6.83 -20.25 0.71
CA ARG H 62 -6.91 -19.34 1.87
C ARG H 62 -6.00 -19.83 3.01
N LYS H 63 -6.20 -21.08 3.39
CA LYS H 63 -5.58 -21.64 4.57
C LYS H 63 -4.06 -21.58 4.42
N VAL H 64 -3.58 -21.97 3.26
CA VAL H 64 -2.16 -21.88 2.99
C VAL H 64 -1.75 -20.41 2.98
N SER H 65 -2.51 -19.57 2.30
CA SER H 65 -2.07 -18.18 2.15
C SER H 65 -2.02 -17.41 3.49
N GLN H 66 -2.71 -17.91 4.49
CA GLN H 66 -2.69 -17.29 5.81
C GLN H 66 -1.41 -17.62 6.56
N ARG H 67 -0.79 -18.76 6.25
CA ARG H 67 0.33 -19.23 7.05
C ARG H 67 1.48 -18.25 6.98
N ARG H 68 2.29 -18.25 8.04
CA ARG H 68 3.59 -17.57 8.06
C ARG H 68 4.61 -18.41 8.84
N VAL H 69 5.87 -18.35 8.39
CA VAL H 69 6.97 -19.14 8.95
C VAL H 69 7.14 -19.08 10.49
N GLN H 82 3.60 -18.32 0.62
CA GLN H 82 3.14 -19.31 -0.36
C GLN H 82 1.66 -19.11 -0.73
N VAL H 83 1.32 -19.32 -2.00
CA VAL H 83 -0.09 -19.53 -2.41
C VAL H 83 -0.15 -20.64 -3.43
N PRO H 84 -1.01 -21.61 -3.20
CA PRO H 84 -1.18 -22.66 -4.15
C PRO H 84 -2.12 -22.25 -5.26
N CYS H 85 -2.50 -23.20 -6.08
CA CYS H 85 -3.14 -22.91 -7.33
C CYS H 85 -3.82 -24.17 -7.80
N PHE H 86 -5.00 -24.07 -8.36
CA PHE H 86 -5.55 -25.19 -9.09
C PHE H 86 -5.89 -24.72 -10.44
N ALA H 87 -5.83 -25.60 -11.43
CA ALA H 87 -6.12 -25.19 -12.81
C ALA H 87 -7.08 -26.19 -13.39
N SER H 88 -8.24 -25.69 -13.83
CA SER H 88 -9.38 -26.52 -14.04
C SER H 88 -9.84 -26.55 -15.46
N MET H 89 -9.92 -27.75 -16.03
CA MET H 89 -10.66 -27.97 -17.25
C MET H 89 -11.88 -28.84 -16.99
N LEU H 90 -12.37 -28.77 -15.77
CA LEU H 90 -13.58 -29.45 -15.42
C LEU H 90 -14.75 -28.77 -16.12
N THR H 91 -15.77 -29.57 -16.38
CA THR H 91 -16.93 -29.18 -17.17
C THR H 91 -18.21 -29.19 -16.35
N LYS H 92 -18.15 -29.69 -15.11
CA LYS H 92 -19.32 -29.85 -14.23
C LYS H 92 -18.90 -29.68 -12.79
N LYS H 93 -19.87 -29.64 -11.87
CA LYS H 93 -19.56 -29.52 -10.43
C LYS H 93 -19.10 -30.90 -9.97
N LEU H 94 -18.08 -30.98 -9.13
CA LEU H 94 -17.54 -32.26 -8.71
C LEU H 94 -17.68 -32.47 -7.22
N HIS H 95 -18.38 -33.55 -6.81
CA HIS H 95 -18.62 -33.82 -5.38
C HIS H 95 -18.20 -35.22 -4.95
N PHE H 96 -17.75 -35.38 -3.72
CA PHE H 96 -17.48 -36.73 -3.20
C PHE H 96 -18.46 -37.08 -2.11
N PHE H 97 -19.74 -37.06 -2.43
CA PHE H 97 -20.72 -37.51 -1.46
C PHE H 97 -20.40 -38.96 -1.12
N PRO H 98 -20.63 -39.33 0.14
CA PRO H 98 -20.35 -40.70 0.51
C PRO H 98 -21.22 -41.64 -0.33
N LYS H 99 -20.59 -42.58 -1.02
CA LYS H 99 -21.33 -43.45 -1.95
C LYS H 99 -22.35 -44.30 -1.20
N PHE I 31 -48.66 36.51 40.13
CA PHE I 31 -47.53 35.85 39.45
C PHE I 31 -47.52 34.36 39.88
N ASP I 32 -47.77 33.42 38.96
CA ASP I 32 -48.17 32.07 39.40
C ASP I 32 -47.05 31.04 39.36
N PRO I 33 -46.69 30.49 40.51
CA PRO I 33 -45.79 29.37 40.50
C PRO I 33 -46.36 28.18 39.78
N ALA I 34 -47.68 28.03 39.79
CA ALA I 34 -48.31 26.93 39.07
C ALA I 34 -48.59 27.23 37.59
N GLU I 35 -48.13 28.37 37.06
CA GLU I 35 -48.43 28.74 35.69
C GLU I 35 -47.94 27.66 34.70
N LYS I 36 -48.79 27.27 33.77
CA LYS I 36 -48.37 26.37 32.71
C LYS I 36 -48.49 26.93 31.32
N TYR I 37 -47.68 26.39 30.40
CA TYR I 37 -47.68 26.85 29.02
C TYR I 37 -49.10 26.73 28.46
N LYS I 38 -49.46 27.57 27.50
CA LYS I 38 -50.78 27.47 26.87
C LYS I 38 -50.77 26.34 25.85
N MET I 39 -51.42 25.22 26.17
CA MET I 39 -51.44 24.04 25.26
C MET I 39 -52.84 23.76 24.73
N ASP I 40 -53.59 24.82 24.45
CA ASP I 40 -54.96 24.69 23.96
C ASP I 40 -55.02 25.20 22.51
N HIS I 41 -53.86 25.24 21.86
CA HIS I 41 -53.82 25.59 20.43
C HIS I 41 -54.50 24.52 19.57
N ARG I 42 -54.81 24.85 18.33
CA ARG I 42 -55.51 23.88 17.46
C ARG I 42 -54.67 22.62 17.15
N ARG I 43 -53.39 22.78 16.93
CA ARG I 43 -52.53 21.63 16.69
C ARG I 43 -51.56 21.44 17.87
N ARG I 44 -51.06 20.23 18.06
CA ARG I 44 -50.05 20.04 19.09
C ARG I 44 -48.67 20.53 18.60
N GLY I 45 -48.36 20.27 17.32
CA GLY I 45 -47.08 20.60 16.69
C GLY I 45 -46.38 19.43 16.00
N ILE I 46 -45.26 19.77 15.37
CA ILE I 46 -44.46 18.83 14.64
C ILE I 46 -43.45 18.14 15.56
N ALA I 47 -43.33 16.83 15.40
CA ALA I 47 -42.20 16.10 15.94
C ALA I 47 -41.33 15.66 14.78
N LEU I 48 -40.16 16.28 14.70
CA LEU I 48 -39.17 15.95 13.67
C LEU I 48 -38.22 14.91 14.22
N ILE I 49 -38.12 13.80 13.53
CA ILE I 49 -37.12 12.82 13.85
C ILE I 49 -36.15 12.57 12.70
N PHE I 50 -34.87 12.72 13.02
CA PHE I 50 -33.80 12.45 12.09
C PHE I 50 -33.14 11.19 12.58
N ASN I 51 -33.28 10.09 11.85
CA ASN I 51 -32.81 8.79 12.36
C ASN I 51 -31.61 8.35 11.62
N HIS I 52 -30.47 8.17 12.28
CA HIS I 52 -29.26 7.83 11.52
C HIS I 52 -28.69 6.44 11.78
N GLU I 53 -28.79 5.56 10.77
CA GLU I 53 -28.40 4.16 10.89
C GLU I 53 -27.00 3.82 10.32
N ARG I 54 -26.82 4.14 9.02
CA ARG I 54 -25.57 3.87 8.28
C ARG I 54 -24.87 5.21 8.13
N PHE I 55 -23.59 5.21 7.80
CA PHE I 55 -22.87 6.44 7.56
C PHE I 55 -21.91 6.26 6.40
N PHE I 56 -21.39 7.38 5.89
CA PHE I 56 -20.48 7.44 4.79
C PHE I 56 -19.22 6.72 5.23
N TRP I 57 -18.79 5.82 4.37
CA TRP I 57 -17.68 4.94 4.62
C TRP I 57 -16.51 5.63 5.34
N HIS I 58 -16.03 6.73 4.77
CA HIS I 58 -14.75 7.29 5.22
C HIS I 58 -14.91 8.05 6.55
N LEU I 59 -16.15 8.26 6.97
CA LEU I 59 -16.41 8.86 8.25
C LEU I 59 -16.00 7.92 9.37
N THR I 60 -16.01 6.60 9.04
CA THR I 60 -15.53 5.51 9.91
C THR I 60 -16.34 5.32 11.20
N LEU I 61 -17.64 5.28 11.05
CA LEU I 61 -18.51 5.21 12.16
C LEU I 61 -19.32 3.89 12.07
N PRO I 62 -19.43 3.16 13.18
CA PRO I 62 -20.20 1.96 13.14
C PRO I 62 -21.70 2.22 12.91
N GLU I 63 -22.39 1.22 12.37
CA GLU I 63 -23.81 1.26 12.13
C GLU I 63 -24.50 1.21 13.43
N ARG I 64 -25.58 1.95 13.56
CA ARG I 64 -26.37 1.96 14.78
C ARG I 64 -27.54 0.94 14.72
N ARG I 65 -27.23 -0.31 15.05
CA ARG I 65 -28.15 -1.45 14.91
C ARG I 65 -29.56 -1.27 15.55
N GLY I 66 -29.73 -0.65 16.69
CA GLY I 66 -31.13 -0.55 17.17
C GLY I 66 -31.97 0.65 16.76
N THR I 67 -31.41 1.52 15.92
CA THR I 67 -31.97 2.86 15.81
C THR I 67 -33.38 2.90 15.19
N CYS I 68 -33.74 2.00 14.29
CA CYS I 68 -35.08 2.09 13.72
C CYS I 68 -36.17 1.72 14.73
N ALA I 69 -35.87 0.81 15.63
CA ALA I 69 -36.78 0.46 16.64
C ALA I 69 -37.00 1.71 17.52
N ASP I 70 -35.92 2.45 17.83
CA ASP I 70 -36.07 3.70 18.57
C ASP I 70 -36.90 4.68 17.76
N ARG I 71 -36.62 4.81 16.48
CA ARG I 71 -37.34 5.80 15.64
C ARG I 71 -38.85 5.53 15.59
N ASP I 72 -39.25 4.29 15.44
CA ASP I 72 -40.65 3.94 15.44
C ASP I 72 -41.24 4.06 16.85
N ASN I 73 -40.42 3.84 17.88
CA ASN I 73 -40.93 3.85 19.23
C ASN I 73 -41.29 5.27 19.58
N LEU I 74 -40.42 6.20 19.24
CA LEU I 74 -40.71 7.61 19.41
C LEU I 74 -41.85 8.05 18.48
N THR I 75 -41.92 7.50 17.28
CA THR I 75 -43.05 7.79 16.38
C THR I 75 -44.39 7.43 17.03
N ARG I 76 -44.48 6.25 17.63
CA ARG I 76 -45.69 5.85 18.34
C ARG I 76 -46.02 6.86 19.43
N ARG I 77 -45.09 7.05 20.36
CA ARG I 77 -45.38 7.89 21.50
C ARG I 77 -45.70 9.34 21.18
N PHE I 78 -44.92 10.01 20.34
CA PHE I 78 -45.28 11.42 20.09
C PHE I 78 -46.62 11.55 19.35
N SER I 79 -46.97 10.53 18.61
CA SER I 79 -48.21 10.44 17.90
C SER I 79 -49.37 10.35 18.86
N ASP I 80 -49.23 9.48 19.85
CA ASP I 80 -50.30 9.31 20.81
C ASP I 80 -50.49 10.58 21.62
N LEU I 81 -49.45 11.36 21.84
CA LEU I 81 -49.58 12.68 22.45
C LEU I 81 -50.02 13.75 21.46
N GLY I 82 -50.18 13.41 20.18
CA GLY I 82 -50.88 14.30 19.21
C GLY I 82 -50.01 15.08 18.29
N PHE I 83 -48.69 14.90 18.38
CA PHE I 83 -47.75 15.48 17.42
C PHE I 83 -47.90 14.91 16.01
N GLU I 84 -47.62 15.74 15.02
CA GLU I 84 -47.53 15.27 13.64
C GLU I 84 -46.04 14.86 13.45
N VAL I 85 -45.78 13.56 13.34
CA VAL I 85 -44.42 13.07 13.32
C VAL I 85 -43.93 12.99 11.92
N LYS I 86 -42.72 13.49 11.68
CA LYS I 86 -42.13 13.39 10.36
C LYS I 86 -40.75 12.80 10.54
N CYS I 87 -40.52 11.62 9.96
CA CYS I 87 -39.24 10.94 10.05
C CYS I 87 -38.39 11.06 8.81
N PHE I 88 -37.10 11.26 9.02
CA PHE I 88 -36.10 11.22 7.96
C PHE I 88 -34.92 10.29 8.27
N ASN I 89 -34.63 9.41 7.32
CA ASN I 89 -33.70 8.30 7.54
C ASN I 89 -32.50 8.56 6.73
N ASP I 90 -31.39 8.81 7.43
CA ASP I 90 -30.07 8.91 6.87
C ASP I 90 -29.94 10.07 5.88
N LEU I 91 -30.32 11.27 6.33
CA LEU I 91 -30.14 12.44 5.49
C LEU I 91 -28.65 12.81 5.43
N LYS I 92 -28.19 13.23 4.27
CA LYS I 92 -26.92 13.96 4.13
C LYS I 92 -27.12 15.33 4.74
N ALA I 93 -26.01 16.00 5.05
CA ALA I 93 -26.06 17.27 5.76
C ALA I 93 -26.86 18.34 4.99
N GLU I 94 -26.62 18.50 3.69
CA GLU I 94 -27.38 19.46 2.89
C GLU I 94 -28.90 19.19 3.04
N GLU I 95 -29.32 17.95 2.79
CA GLU I 95 -30.71 17.55 2.94
C GLU I 95 -31.26 17.80 4.39
N LEU I 96 -30.48 17.49 5.42
CA LEU I 96 -30.95 17.64 6.78
C LEU I 96 -31.14 19.10 7.04
N LEU I 97 -30.10 19.89 6.73
CA LEU I 97 -30.15 21.32 6.88
C LEU I 97 -31.33 21.95 6.13
N LEU I 98 -31.56 21.55 4.87
CA LEU I 98 -32.68 22.09 4.14
C LEU I 98 -33.96 21.79 4.89
N LYS I 99 -34.12 20.58 5.36
CA LYS I 99 -35.40 20.14 5.82
C LYS I 99 -35.67 20.77 7.15
N ILE I 100 -34.68 20.82 8.02
CA ILE I 100 -34.88 21.45 9.32
C ILE I 100 -35.10 22.94 9.15
N HIS I 101 -34.60 23.51 8.10
CA HIS I 101 -34.86 24.90 7.85
C HIS I 101 -36.25 25.06 7.24
N GLU I 102 -36.71 24.09 6.44
CA GLU I 102 -38.06 24.17 5.88
C GLU I 102 -39.00 24.30 7.09
N VAL I 103 -38.86 23.37 8.03
CA VAL I 103 -39.72 23.26 9.19
C VAL I 103 -39.58 24.50 10.07
N SER I 104 -38.41 25.12 10.15
CA SER I 104 -38.31 26.31 10.99
C SER I 104 -38.93 27.57 10.40
N THR I 105 -39.25 27.55 9.11
CA THR I 105 -39.82 28.71 8.44
C THR I 105 -41.32 28.58 8.18
N VAL I 106 -41.83 27.37 8.36
CA VAL I 106 -43.26 27.08 8.38
C VAL I 106 -43.90 27.75 9.58
N SER I 107 -45.22 27.87 9.54
CA SER I 107 -45.99 28.52 10.62
C SER I 107 -46.19 27.55 11.72
N HIS I 108 -45.85 27.95 12.94
CA HIS I 108 -46.20 27.21 14.17
C HIS I 108 -47.20 28.01 15.03
N ALA I 109 -47.86 28.98 14.42
CA ALA I 109 -48.75 29.84 15.15
C ALA I 109 -49.88 29.01 15.78
N ASP I 110 -50.40 28.03 15.04
CA ASP I 110 -51.53 27.23 15.53
C ASP I 110 -51.05 25.93 16.27
N ALA I 111 -49.78 25.87 16.64
CA ALA I 111 -49.21 24.71 17.34
C ALA I 111 -48.94 25.05 18.80
N ASP I 112 -49.03 24.06 19.68
CA ASP I 112 -48.66 24.24 21.08
C ASP I 112 -47.17 24.24 21.34
N CYS I 113 -46.40 23.51 20.56
CA CYS I 113 -44.97 23.38 20.81
C CYS I 113 -44.26 22.72 19.62
N PHE I 114 -42.95 22.50 19.75
CA PHE I 114 -42.13 21.87 18.70
C PHE I 114 -41.18 20.86 19.30
N VAL I 115 -41.07 19.69 18.70
CA VAL I 115 -40.10 18.67 19.14
C VAL I 115 -39.18 18.23 17.98
N CYS I 116 -37.87 18.19 18.24
CA CYS I 116 -36.93 17.66 17.32
C CYS I 116 -36.06 16.54 17.94
N VAL I 117 -35.91 15.39 17.26
CA VAL I 117 -35.07 14.34 17.79
C VAL I 117 -33.92 13.96 16.87
N PHE I 118 -32.71 13.82 17.45
CA PHE I 118 -31.57 13.33 16.69
C PHE I 118 -31.17 11.98 17.25
N LEU I 119 -31.14 10.98 16.36
CA LEU I 119 -30.61 9.63 16.63
C LEU I 119 -29.39 9.39 15.73
N SER I 120 -28.19 9.70 16.20
CA SER I 120 -27.00 9.52 15.39
C SER I 120 -25.80 9.36 16.29
N HIS I 121 -24.58 9.37 15.72
CA HIS I 121 -23.37 9.61 16.50
C HIS I 121 -23.12 11.08 16.69
N GLY I 122 -22.36 11.37 17.72
CA GLY I 122 -22.01 12.73 18.10
C GLY I 122 -20.51 12.90 18.22
N GLU I 123 -20.10 14.16 18.12
CA GLU I 123 -18.73 14.61 18.32
C GLU I 123 -18.83 16.05 18.88
N GLY I 124 -18.46 16.21 20.16
CA GLY I 124 -18.41 17.53 20.78
C GLY I 124 -19.81 18.12 20.81
N ASN I 125 -19.99 19.22 20.09
CA ASN I 125 -21.28 19.85 19.96
C ASN I 125 -21.84 19.66 18.57
N HIS I 126 -21.49 18.53 17.95
CA HIS I 126 -21.98 18.23 16.62
C HIS I 126 -22.65 16.88 16.62
N ILE I 127 -23.66 16.69 15.80
CA ILE I 127 -24.13 15.33 15.50
C ILE I 127 -23.73 15.04 14.03
N TYR I 128 -23.72 13.77 13.62
CA TYR I 128 -23.39 13.49 12.26
C TYR I 128 -24.65 13.32 11.45
N ALA I 129 -24.66 13.88 10.25
CA ALA I 129 -25.59 13.42 9.19
C ALA I 129 -24.93 12.18 8.61
N TYR I 130 -25.42 11.71 7.46
CA TYR I 130 -24.86 10.49 6.82
C TYR I 130 -23.40 10.61 6.54
N ASP I 131 -22.93 11.83 6.59
CA ASP I 131 -22.18 12.49 5.57
C ASP I 131 -20.99 13.24 6.14
N ALA I 132 -21.30 14.08 7.13
CA ALA I 132 -20.41 15.06 7.67
C ALA I 132 -21.05 15.42 8.98
N LYS I 133 -20.38 16.22 9.78
CA LYS I 133 -20.97 16.66 11.04
C LYS I 133 -21.53 18.05 11.00
N ILE I 134 -22.38 18.37 11.97
CA ILE I 134 -23.06 19.66 12.05
C ILE I 134 -23.16 20.15 13.49
N GLU I 135 -22.85 21.42 13.70
CA GLU I 135 -22.99 22.02 15.03
C GLU I 135 -24.42 22.02 15.48
N ILE I 136 -24.67 21.47 16.65
CA ILE I 136 -26.04 21.48 17.21
C ILE I 136 -26.63 22.89 17.35
N GLN I 137 -25.76 23.89 17.61
CA GLN I 137 -26.19 25.30 17.74
C GLN I 137 -26.71 25.83 16.41
N THR I 138 -26.05 25.49 15.31
CA THR I 138 -26.65 25.74 14.01
C THR I 138 -28.09 25.22 13.96
N LEU I 139 -28.31 24.00 14.43
CA LEU I 139 -29.64 23.38 14.35
C LEU I 139 -30.65 24.07 15.27
N THR I 140 -30.33 24.19 16.56
CA THR I 140 -31.29 24.77 17.50
C THR I 140 -31.52 26.24 17.21
N GLY I 141 -30.51 26.93 16.70
CA GLY I 141 -30.58 28.37 16.60
C GLY I 141 -31.61 28.82 15.62
N LEU I 142 -31.96 27.94 14.71
CA LEU I 142 -33.00 28.24 13.76
C LEU I 142 -34.38 28.41 14.37
N PHE I 143 -34.58 28.06 15.65
CA PHE I 143 -35.91 28.14 16.33
C PHE I 143 -35.97 29.19 17.46
N LYS I 144 -34.93 30.03 17.61
CA LYS I 144 -34.93 31.08 18.64
C LYS I 144 -35.94 32.14 18.28
N GLY I 145 -36.34 32.96 19.25
CA GLY I 145 -37.27 34.07 19.02
C GLY I 145 -37.07 34.84 17.72
N ASP I 146 -35.98 35.57 17.63
CA ASP I 146 -35.61 36.25 16.39
C ASP I 146 -35.91 35.42 15.08
N LYS I 147 -35.50 34.16 14.99
CA LYS I 147 -35.57 33.47 13.69
C LYS I 147 -36.90 32.79 13.40
N CYS I 148 -37.68 32.49 14.46
CA CYS I 148 -38.94 31.77 14.30
C CYS I 148 -40.05 32.28 15.25
N HIS I 149 -40.79 33.25 14.75
CA HIS I 149 -41.62 34.10 15.58
C HIS I 149 -42.80 33.34 16.14
N SER I 150 -43.39 32.48 15.32
CA SER I 150 -44.53 31.69 15.73
C SER I 150 -44.26 30.64 16.77
N LEU I 151 -43.00 30.42 17.20
CA LEU I 151 -42.72 29.56 18.36
C LEU I 151 -42.30 30.34 19.57
N VAL I 152 -42.29 31.66 19.51
CA VAL I 152 -41.94 32.46 20.67
C VAL I 152 -42.91 32.17 21.83
N GLY I 153 -42.36 31.88 23.02
CA GLY I 153 -43.21 31.57 24.20
C GLY I 153 -43.71 30.12 24.19
N LYS I 154 -43.34 29.34 23.17
CA LYS I 154 -43.77 27.93 23.12
C LYS I 154 -42.57 27.02 23.31
N PRO I 155 -42.80 25.83 23.85
CA PRO I 155 -41.69 24.96 24.09
C PRO I 155 -41.09 24.45 22.81
N LYS I 156 -39.76 24.40 22.80
CA LYS I 156 -38.95 23.81 21.75
C LYS I 156 -38.07 22.75 22.39
N ILE I 157 -38.36 21.51 22.11
CA ILE I 157 -37.79 20.37 22.85
C ILE I 157 -36.87 19.62 21.91
N PHE I 158 -35.59 19.49 22.30
CA PHE I 158 -34.63 18.73 21.46
C PHE I 158 -34.15 17.52 22.24
N ILE I 159 -34.27 16.34 21.64
CA ILE I 159 -33.85 15.08 22.25
C ILE I 159 -32.73 14.59 21.38
N ILE I 160 -31.53 14.53 21.92
CA ILE I 160 -30.32 14.14 21.15
C ILE I 160 -29.83 12.86 21.75
N GLN I 161 -29.83 11.81 20.93
CA GLN I 161 -29.35 10.50 21.28
C GLN I 161 -28.09 10.27 20.46
N ALA I 162 -26.93 10.62 21.01
CA ALA I 162 -25.70 10.61 20.27
C ALA I 162 -24.51 10.18 21.07
N CYS I 163 -23.86 9.10 20.62
CA CYS I 163 -22.51 8.66 21.05
C CYS I 163 -21.43 9.68 20.70
N PRO J 9 -27.20 24.79 24.92
CA PRO J 9 -28.48 25.09 25.62
C PRO J 9 -29.14 26.45 25.15
N ALA J 10 -30.11 26.38 24.23
CA ALA J 10 -30.28 27.38 23.11
C ALA J 10 -30.80 28.82 23.32
N GLY J 11 -31.72 29.03 24.28
CA GLY J 11 -32.42 30.34 24.44
C GLY J 11 -33.76 30.16 25.17
N ALA J 12 -34.50 31.23 25.44
CA ALA J 12 -35.78 31.11 26.20
C ALA J 12 -36.74 30.04 25.64
N ASP J 13 -37.17 29.11 26.52
CA ASP J 13 -38.10 27.98 26.22
C ASP J 13 -37.56 26.78 25.40
N PHE J 14 -36.25 26.64 25.46
CA PHE J 14 -35.56 25.46 24.96
C PHE J 14 -35.45 24.43 26.10
N LEU J 15 -35.71 23.17 25.77
CA LEU J 15 -35.47 22.04 26.64
C LEU J 15 -34.61 21.09 25.84
N MET J 16 -33.45 20.78 26.38
CA MET J 16 -32.54 19.87 25.70
C MET J 16 -32.49 18.62 26.50
N CYS J 17 -32.72 17.49 25.84
CA CYS J 17 -32.68 16.21 26.48
C CYS J 17 -31.65 15.39 25.80
N TYR J 18 -30.71 14.94 26.60
CA TYR J 18 -29.54 14.22 26.18
C TYR J 18 -29.52 12.86 26.88
N SER J 19 -28.99 11.85 26.17
CA SER J 19 -28.99 10.47 26.64
C SER J 19 -27.83 10.11 27.55
N VAL J 20 -26.67 10.74 27.38
CA VAL J 20 -25.53 10.40 28.26
C VAL J 20 -24.92 11.65 28.94
N THR J 30 -27.62 -4.17 19.20
CA THR J 30 -28.77 -4.41 20.08
C THR J 30 -30.08 -3.84 19.47
N VAL J 31 -30.80 -4.76 18.82
CA VAL J 31 -31.85 -4.42 17.84
C VAL J 31 -33.22 -4.04 18.41
N ASN J 32 -33.44 -4.19 19.71
CA ASN J 32 -34.71 -3.77 20.32
C ASN J 32 -34.69 -2.33 20.75
N GLY J 33 -33.57 -1.64 20.51
CA GLY J 33 -33.44 -0.19 20.79
C GLY J 33 -32.46 0.12 21.92
N SER J 34 -32.33 1.40 22.21
CA SER J 34 -31.36 1.89 23.18
C SER J 34 -32.03 2.14 24.53
N TRP J 35 -31.30 1.90 25.61
CA TRP J 35 -31.80 2.15 26.95
C TRP J 35 -32.55 3.47 27.06
N TYR J 36 -31.89 4.59 26.74
CA TYR J 36 -32.53 5.90 26.89
C TYR J 36 -33.85 5.98 26.17
N ILE J 37 -33.90 5.65 24.89
CA ILE J 37 -35.17 5.76 24.15
C ILE J 37 -36.20 4.74 24.66
N GLN J 38 -35.77 3.52 24.99
CA GLN J 38 -36.72 2.53 25.47
C GLN J 38 -37.40 3.07 26.68
N ASP J 39 -36.58 3.65 27.55
CA ASP J 39 -37.06 4.14 28.81
C ASP J 39 -37.82 5.45 28.66
N LEU J 40 -37.37 6.31 27.78
CA LEU J 40 -38.08 7.53 27.57
C LEU J 40 -39.45 7.18 27.07
N CYS J 41 -39.53 6.27 26.07
CA CYS J 41 -40.81 5.92 25.46
C CYS J 41 -41.71 5.17 26.44
N GLU J 42 -41.13 4.36 27.33
CA GLU J 42 -41.96 3.67 28.32
C GLU J 42 -42.74 4.67 29.17
N MET J 43 -42.04 5.74 29.54
CA MET J 43 -42.59 6.79 30.34
C MET J 43 -43.48 7.70 29.53
N LEU J 44 -43.21 7.94 28.27
CA LEU J 44 -44.15 8.75 27.51
C LEU J 44 -45.52 8.03 27.46
N GLY J 45 -45.49 6.71 27.32
CA GLY J 45 -46.68 5.90 27.32
C GLY J 45 -47.41 5.82 28.64
N LYS J 46 -46.74 5.54 29.73
CA LYS J 46 -47.46 5.43 30.99
C LYS J 46 -47.89 6.80 31.49
N TYR J 47 -47.02 7.78 31.36
CA TYR J 47 -47.16 9.03 32.11
C TYR J 47 -47.18 10.26 31.24
N GLY J 48 -46.96 10.08 29.93
CA GLY J 48 -46.79 11.17 29.01
C GLY J 48 -47.90 12.16 29.07
N SER J 49 -49.14 11.70 29.16
CA SER J 49 -50.26 12.62 29.09
C SER J 49 -50.83 13.08 30.42
N SER J 50 -50.14 12.81 31.53
CA SER J 50 -50.53 13.35 32.83
C SER J 50 -49.40 14.14 33.49
N LEU J 51 -48.20 13.58 33.61
CA LEU J 51 -47.15 14.23 34.39
C LEU J 51 -46.59 15.44 33.69
N GLU J 52 -46.15 16.44 34.44
CA GLU J 52 -45.37 17.56 33.88
C GLU J 52 -44.12 16.96 33.19
N PHE J 53 -43.73 17.52 32.08
CA PHE J 53 -42.78 16.85 31.24
C PHE J 53 -41.42 16.76 31.88
N THR J 54 -40.92 17.79 32.53
CA THR J 54 -39.63 17.62 33.23
C THR J 54 -39.71 16.61 34.39
N GLU J 55 -40.86 16.52 35.04
CA GLU J 55 -41.11 15.42 35.98
C GLU J 55 -40.86 14.06 35.34
N LEU J 56 -41.37 13.90 34.15
CA LEU J 56 -41.21 12.67 33.42
C LEU J 56 -39.79 12.44 33.06
N LEU J 57 -39.08 13.47 32.65
CA LEU J 57 -37.66 13.31 32.27
C LEU J 57 -36.85 12.83 33.44
N THR J 58 -37.28 13.21 34.63
CA THR J 58 -36.65 12.77 35.86
C THR J 58 -36.88 11.29 36.10
N LEU J 59 -38.10 10.81 35.80
CA LEU J 59 -38.37 9.38 35.94
C LEU J 59 -37.48 8.57 34.98
N VAL J 60 -37.29 9.12 33.76
CA VAL J 60 -36.41 8.54 32.78
C VAL J 60 -34.99 8.49 33.34
N ASN J 61 -34.53 9.62 33.88
CA ASN J 61 -33.23 9.66 34.53
C ASN J 61 -33.13 8.52 35.55
N ARG J 62 -34.20 8.16 36.26
CA ARG J 62 -34.05 7.13 37.29
C ARG J 62 -34.06 5.72 36.69
N LYS J 63 -34.93 5.52 35.71
CA LYS J 63 -35.10 4.20 35.10
C LYS J 63 -33.81 3.76 34.43
N VAL J 64 -33.22 4.69 33.70
CA VAL J 64 -31.95 4.46 33.08
C VAL J 64 -30.87 4.26 34.12
N SER J 65 -30.96 4.89 35.28
CA SER J 65 -29.90 4.71 36.26
C SER J 65 -29.96 3.28 36.92
N GLN J 66 -31.15 2.66 36.94
CA GLN J 66 -31.34 1.32 37.52
C GLN J 66 -30.65 0.24 36.70
N ARG J 67 -30.51 0.43 35.40
CA ARG J 67 -30.04 -0.62 34.50
C ARG J 67 -28.59 -1.09 34.79
N LYS J 81 -22.92 1.55 34.33
CA LYS J 81 -24.01 2.50 34.56
C LYS J 81 -24.03 3.54 33.44
N GLN J 82 -24.98 4.46 33.54
CA GLN J 82 -25.30 5.40 32.43
C GLN J 82 -26.39 6.34 32.99
N VAL J 83 -26.15 7.64 32.90
CA VAL J 83 -27.16 8.61 33.34
C VAL J 83 -27.43 9.70 32.32
N PRO J 84 -28.66 9.75 31.80
CA PRO J 84 -29.09 10.85 30.93
C PRO J 84 -29.27 12.18 31.67
N CYS J 85 -29.66 13.21 30.93
CA CYS J 85 -29.62 14.58 31.41
C CYS J 85 -30.64 15.37 30.65
N PHE J 86 -31.20 16.39 31.29
CA PHE J 86 -31.90 17.39 30.54
C PHE J 86 -31.54 18.75 31.06
N ALA J 87 -31.34 19.66 30.12
CA ALA J 87 -31.09 21.07 30.45
C ALA J 87 -32.32 21.88 30.05
N SER J 88 -32.81 22.69 30.98
CA SER J 88 -34.04 23.42 30.79
C SER J 88 -33.90 24.89 30.81
N MET J 89 -34.41 25.50 29.77
CA MET J 89 -34.62 26.93 29.72
C MET J 89 -36.11 27.23 29.66
N LEU J 90 -36.94 26.28 30.08
CA LEU J 90 -38.37 26.43 30.19
C LEU J 90 -38.72 27.43 31.30
N THR J 91 -39.84 28.13 31.06
CA THR J 91 -40.28 29.24 31.90
C THR J 91 -41.56 28.97 32.61
N LYS J 92 -42.26 27.92 32.19
CA LYS J 92 -43.46 27.46 32.86
C LYS J 92 -43.47 25.95 32.90
N LYS J 93 -44.42 25.40 33.68
CA LYS J 93 -44.69 23.96 33.68
C LYS J 93 -45.28 23.51 32.34
N LEU J 94 -45.04 22.28 31.96
CA LEU J 94 -45.44 21.81 30.61
C LEU J 94 -46.12 20.50 30.77
N HIS J 95 -47.28 20.36 30.16
CA HIS J 95 -48.01 19.11 30.28
C HIS J 95 -48.54 18.83 28.93
N PHE J 96 -48.84 17.55 28.66
CA PHE J 96 -49.41 17.16 27.38
C PHE J 96 -50.75 16.46 27.51
N PHE J 97 -51.66 17.05 28.28
CA PHE J 97 -53.02 16.54 28.40
C PHE J 97 -53.63 16.32 27.01
N PRO J 98 -54.48 15.30 26.88
CA PRO J 98 -55.23 15.11 25.64
C PRO J 98 -55.93 16.39 25.10
N LYS J 99 -55.73 16.67 23.81
CA LYS J 99 -56.36 17.84 23.19
C LYS J 99 -57.83 17.49 23.00
N SER J 100 -58.74 18.41 23.35
CA SER J 100 -60.19 18.25 23.09
C SER J 100 -60.51 18.24 21.59
N PHE K 31 -42.56 0.97 41.38
CA PHE K 31 -41.99 2.24 40.79
C PHE K 31 -42.93 3.48 40.85
N ASP K 32 -42.54 4.52 41.59
CA ASP K 32 -43.49 5.60 41.93
C ASP K 32 -43.14 7.01 41.42
N PRO K 33 -43.94 7.54 40.50
CA PRO K 33 -43.77 8.92 39.98
C PRO K 33 -43.66 10.06 41.02
N ALA K 34 -44.19 9.86 42.21
CA ALA K 34 -44.21 10.94 43.19
C ALA K 34 -43.02 10.80 44.14
N GLU K 35 -42.25 9.73 43.96
CA GLU K 35 -41.06 9.45 44.77
C GLU K 35 -40.21 10.71 44.98
N LYS K 36 -39.93 11.01 46.24
CA LYS K 36 -39.18 12.19 46.66
C LYS K 36 -37.84 11.71 47.17
N TYR K 37 -36.80 12.55 47.16
CA TYR K 37 -35.57 12.21 47.90
C TYR K 37 -35.85 12.28 49.41
N LYS K 38 -35.33 11.30 50.15
CA LYS K 38 -35.44 11.33 51.60
C LYS K 38 -34.62 12.47 52.19
N MET K 39 -35.31 13.35 52.90
CA MET K 39 -34.71 14.56 53.42
C MET K 39 -34.96 14.66 54.92
N ASP K 40 -34.92 13.51 55.58
CA ASP K 40 -35.12 13.38 57.04
C ASP K 40 -33.86 12.82 57.71
N HIS K 41 -32.70 13.19 57.18
CA HIS K 41 -31.44 12.87 57.85
C HIS K 41 -31.33 13.91 58.95
N ARG K 42 -30.35 13.73 59.83
CA ARG K 42 -30.17 14.64 60.97
C ARG K 42 -30.08 16.05 60.47
N ARG K 43 -29.23 16.26 59.47
CA ARG K 43 -29.02 17.58 58.91
C ARG K 43 -29.36 17.67 57.45
N ARG K 44 -29.43 18.92 56.99
CA ARG K 44 -29.66 19.22 55.59
C ARG K 44 -28.44 18.87 54.81
N GLY K 45 -27.29 19.15 55.39
CA GLY K 45 -26.01 19.08 54.73
C GLY K 45 -25.35 20.43 54.50
N ILE K 46 -24.16 20.44 53.91
CA ILE K 46 -23.36 21.64 53.78
C ILE K 46 -23.67 22.44 52.53
N ALA K 47 -23.73 23.76 52.69
CA ALA K 47 -23.82 24.65 51.54
C ALA K 47 -22.52 25.42 51.49
N LEU K 48 -21.79 25.22 50.42
CA LEU K 48 -20.45 25.70 50.32
C LEU K 48 -20.47 26.78 49.24
N ILE K 49 -19.98 27.98 49.57
CA ILE K 49 -19.99 29.09 48.59
C ILE K 49 -18.59 29.62 48.35
N PHE K 50 -18.18 29.68 47.08
CA PHE K 50 -16.88 30.27 46.72
C PHE K 50 -17.14 31.59 46.02
N ASN K 51 -16.83 32.68 46.73
CA ASN K 51 -17.10 34.03 46.26
C ASN K 51 -15.83 34.75 45.85
N HIS K 52 -15.86 35.28 44.62
CA HIS K 52 -14.71 35.99 44.05
C HIS K 52 -15.03 37.40 43.49
N GLU K 53 -14.33 38.42 44.03
CA GLU K 53 -14.53 39.81 43.61
C GLU K 53 -13.25 40.43 43.03
N ARG K 54 -12.15 40.38 43.79
CA ARG K 54 -10.87 40.91 43.32
C ARG K 54 -10.14 39.75 42.60
N PHE K 55 -9.17 40.07 41.75
CA PHE K 55 -8.35 39.04 41.12
C PHE K 55 -6.85 39.40 41.06
N PHE K 56 -6.01 38.39 40.85
CA PHE K 56 -4.57 38.62 40.75
C PHE K 56 -4.30 39.56 39.58
N TRP K 57 -3.42 40.52 39.83
CA TRP K 57 -3.21 41.71 38.97
C TRP K 57 -2.99 41.33 37.51
N HIS K 58 -2.01 40.46 37.30
CA HIS K 58 -1.62 40.07 35.97
C HIS K 58 -2.61 39.14 35.32
N LEU K 59 -3.70 38.80 36.01
CA LEU K 59 -4.81 38.11 35.33
C LEU K 59 -5.67 39.03 34.47
N THR K 60 -5.58 40.35 34.71
CA THR K 60 -6.26 41.38 33.88
C THR K 60 -7.79 41.26 33.83
N LEU K 61 -8.41 40.80 34.94
CA LEU K 61 -9.87 40.53 35.02
C LEU K 61 -10.56 41.55 35.91
N PRO K 62 -11.71 42.12 35.46
CA PRO K 62 -12.35 43.21 36.23
C PRO K 62 -12.94 42.74 37.55
N GLU K 63 -12.97 43.65 38.52
CA GLU K 63 -13.62 43.36 39.79
C GLU K 63 -15.07 42.98 39.47
N ARG K 64 -15.72 42.27 40.40
CA ARG K 64 -17.12 41.88 40.24
C ARG K 64 -17.94 42.51 41.36
N ARG K 65 -18.57 43.66 41.06
CA ARG K 65 -18.99 44.60 42.11
C ARG K 65 -20.05 44.03 43.06
N GLY K 66 -21.15 43.53 42.52
CA GLY K 66 -22.23 43.05 43.39
C GLY K 66 -22.11 41.63 43.89
N THR K 67 -20.90 41.04 43.79
CA THR K 67 -20.73 39.64 44.18
C THR K 67 -20.94 39.43 45.69
N CYS K 68 -20.50 40.40 46.50
CA CYS K 68 -20.69 40.32 47.95
C CYS K 68 -22.16 40.28 48.34
N ALA K 69 -22.99 41.02 47.65
CA ALA K 69 -24.42 41.01 47.97
C ALA K 69 -25.04 39.69 47.54
N ASP K 70 -24.69 39.19 46.35
CA ASP K 70 -25.08 37.82 45.99
C ASP K 70 -24.68 36.86 47.12
N ARG K 71 -23.44 36.94 47.59
CA ARG K 71 -22.97 36.03 48.64
C ARG K 71 -23.83 36.09 49.88
N ASP K 72 -24.13 37.30 50.32
CA ASP K 72 -24.90 37.43 51.54
C ASP K 72 -26.33 36.93 51.38
N ASN K 73 -26.83 36.99 50.15
CA ASN K 73 -28.22 36.71 49.88
C ASN K 73 -28.43 35.20 49.94
N LEU K 74 -27.47 34.48 49.38
CA LEU K 74 -27.50 33.03 49.29
C LEU K 74 -27.34 32.43 50.67
N THR K 75 -26.53 33.09 51.47
CA THR K 75 -26.18 32.60 52.77
C THR K 75 -27.44 32.59 53.60
N ARG K 76 -28.29 33.58 53.40
CA ARG K 76 -29.50 33.73 54.22
C ARG K 76 -30.55 32.72 53.76
N ARG K 77 -30.77 32.60 52.46
CA ARG K 77 -31.83 31.70 52.01
C ARG K 77 -31.47 30.26 52.29
N PHE K 78 -30.18 29.93 52.14
CA PHE K 78 -29.71 28.57 52.35
C PHE K 78 -29.66 28.30 53.84
N SER K 79 -29.29 29.29 54.64
CA SER K 79 -29.33 29.11 56.09
C SER K 79 -30.75 28.84 56.54
N ASP K 80 -31.71 29.54 55.94
CA ASP K 80 -33.12 29.45 56.35
C ASP K 80 -33.74 28.16 55.89
N LEU K 81 -33.12 27.56 54.88
CA LEU K 81 -33.48 26.23 54.43
C LEU K 81 -32.73 25.12 55.20
N GLY K 82 -31.95 25.51 56.21
CA GLY K 82 -31.34 24.54 57.15
C GLY K 82 -29.95 24.05 56.79
N PHE K 83 -29.43 24.50 55.65
CA PHE K 83 -28.10 24.16 55.26
C PHE K 83 -27.15 24.83 56.18
N GLU K 84 -26.05 24.16 56.49
CA GLU K 84 -24.89 24.81 57.13
C GLU K 84 -24.04 25.53 56.04
N VAL K 85 -24.02 26.87 56.08
CA VAL K 85 -23.37 27.67 55.02
C VAL K 85 -21.96 28.05 55.45
N LYS K 86 -21.01 27.71 54.59
CA LYS K 86 -19.57 27.98 54.81
C LYS K 86 -19.15 28.80 53.62
N CYS K 87 -18.70 30.04 53.81
CA CYS K 87 -18.32 30.91 52.68
C CYS K 87 -16.85 31.18 52.65
N PHE K 88 -16.32 31.24 51.43
CA PHE K 88 -14.93 31.58 51.22
C PHE K 88 -14.70 32.67 50.17
N ASN K 89 -13.82 33.61 50.50
CA ASN K 89 -13.65 34.83 49.73
C ASN K 89 -12.27 34.95 49.12
N ASP K 90 -12.22 34.90 47.79
CA ASP K 90 -11.04 35.30 47.02
C ASP K 90 -9.87 34.32 47.12
N LEU K 91 -10.19 33.05 47.37
CA LEU K 91 -9.20 31.99 47.56
C LEU K 91 -8.37 31.72 46.33
N LYS K 92 -7.06 31.53 46.51
CA LYS K 92 -6.19 31.02 45.45
C LYS K 92 -6.49 29.52 45.21
N ALA K 93 -6.03 28.99 44.09
CA ALA K 93 -6.42 27.65 43.63
C ALA K 93 -6.01 26.54 44.63
N GLU K 94 -4.85 26.71 45.24
CA GLU K 94 -4.44 25.80 46.29
C GLU K 94 -5.48 25.82 47.38
N GLU K 95 -5.79 27.01 47.86
CA GLU K 95 -6.75 27.19 48.94
C GLU K 95 -8.13 26.69 48.53
N LEU K 96 -8.57 26.99 47.33
CA LEU K 96 -9.88 26.50 46.94
C LEU K 96 -9.85 24.98 46.89
N LEU K 97 -8.74 24.41 46.41
CA LEU K 97 -8.72 22.98 46.21
C LEU K 97 -8.66 22.25 47.54
N LEU K 98 -7.81 22.70 48.47
CA LEU K 98 -7.76 21.99 49.71
C LEU K 98 -9.10 22.05 50.42
N LYS K 99 -9.87 23.11 50.22
CA LYS K 99 -11.16 23.21 50.87
C LYS K 99 -12.18 22.23 50.28
N ILE K 100 -12.42 22.24 48.96
CA ILE K 100 -13.34 21.30 48.35
C ILE K 100 -12.95 19.85 48.59
N HIS K 101 -11.66 19.57 48.67
CA HIS K 101 -11.22 18.19 48.99
C HIS K 101 -11.59 17.82 50.41
N GLU K 102 -11.38 18.76 51.31
CA GLU K 102 -11.65 18.53 52.73
C GLU K 102 -13.18 18.26 52.82
N VAL K 103 -13.99 19.17 52.31
CA VAL K 103 -15.42 18.97 52.41
C VAL K 103 -15.96 17.76 51.60
N SER K 104 -15.23 17.33 50.56
CA SER K 104 -15.69 16.20 49.75
C SER K 104 -15.47 14.88 50.44
N THR K 105 -14.43 14.79 51.25
CA THR K 105 -14.03 13.55 51.89
C THR K 105 -14.45 13.48 53.41
N VAL K 106 -15.14 14.52 53.88
CA VAL K 106 -15.89 14.42 55.13
C VAL K 106 -17.08 13.48 54.85
N SER K 107 -17.59 12.84 55.91
CA SER K 107 -18.78 12.01 55.85
C SER K 107 -20.02 12.89 55.77
N HIS K 108 -20.84 12.68 54.75
CA HIS K 108 -22.18 13.27 54.66
C HIS K 108 -23.22 12.20 54.99
N ALA K 109 -22.88 11.21 55.80
CA ALA K 109 -23.74 10.04 55.97
C ALA K 109 -25.12 10.41 56.54
N ASP K 110 -25.14 11.32 57.52
CA ASP K 110 -26.41 11.87 57.98
C ASP K 110 -26.66 13.31 57.46
N ALA K 111 -26.51 13.47 56.15
CA ALA K 111 -26.99 14.66 55.50
C ALA K 111 -27.96 14.33 54.39
N ASP K 112 -28.91 15.24 54.18
CA ASP K 112 -29.90 15.11 53.14
C ASP K 112 -29.24 15.26 51.79
N CYS K 113 -28.32 16.22 51.70
CA CYS K 113 -27.76 16.65 50.41
C CYS K 113 -26.57 17.63 50.54
N PHE K 114 -26.04 18.04 49.38
CA PHE K 114 -24.90 18.94 49.31
C PHE K 114 -25.05 20.07 48.27
N VAL K 115 -24.61 21.27 48.65
CA VAL K 115 -24.69 22.46 47.76
C VAL K 115 -23.35 23.13 47.60
N CYS K 116 -23.02 23.51 46.38
CA CYS K 116 -21.80 24.26 46.11
C CYS K 116 -22.09 25.40 45.16
N VAL K 117 -21.68 26.59 45.55
CA VAL K 117 -21.85 27.77 44.71
C VAL K 117 -20.50 28.38 44.37
N PHE K 118 -20.29 28.69 43.09
CA PHE K 118 -19.17 29.51 42.66
C PHE K 118 -19.70 30.79 42.07
N LEU K 119 -19.17 31.90 42.59
CA LEU K 119 -19.43 33.26 42.06
C LEU K 119 -18.06 33.79 41.71
N SER K 120 -17.78 33.82 40.41
CA SER K 120 -16.49 34.26 39.89
C SER K 120 -16.61 34.44 38.39
N HIS K 121 -15.50 34.54 37.70
CA HIS K 121 -15.52 34.64 36.26
C HIS K 121 -15.40 33.24 35.63
N GLY K 122 -15.70 33.14 34.34
CA GLY K 122 -15.65 31.84 33.68
C GLY K 122 -15.16 31.86 32.26
N GLU K 123 -13.91 31.41 32.03
CA GLU K 123 -13.42 31.06 30.68
C GLU K 123 -13.82 29.59 30.39
N GLY K 124 -14.53 29.40 29.29
CA GLY K 124 -14.87 28.07 28.82
C GLY K 124 -15.53 27.29 29.93
N ASN K 125 -15.08 26.04 30.13
CA ASN K 125 -15.57 25.15 31.20
C ASN K 125 -14.69 25.25 32.47
N HIS K 126 -14.08 26.41 32.72
CA HIS K 126 -13.33 26.67 33.95
C HIS K 126 -13.94 27.83 34.67
N ILE K 127 -14.06 27.75 36.00
CA ILE K 127 -14.18 28.95 36.85
C ILE K 127 -12.82 29.45 37.27
N TYR K 128 -12.74 30.73 37.61
CA TYR K 128 -11.55 31.31 38.20
C TYR K 128 -11.58 31.32 39.72
N ALA K 129 -10.45 30.90 40.28
CA ALA K 129 -10.03 31.31 41.61
C ALA K 129 -9.31 32.64 41.37
N TYR K 130 -8.62 33.15 42.38
CA TYR K 130 -8.01 34.50 42.33
C TYR K 130 -6.80 34.48 41.43
N ASP K 131 -6.21 33.30 41.43
CA ASP K 131 -4.85 32.97 41.07
C ASP K 131 -4.84 32.56 39.61
N ALA K 132 -5.82 31.74 39.24
CA ALA K 132 -5.77 30.94 38.03
C ALA K 132 -7.12 30.32 37.78
N LYS K 133 -7.29 29.69 36.62
CA LYS K 133 -8.53 28.96 36.34
C LYS K 133 -8.46 27.51 36.78
N ILE K 134 -9.62 26.91 36.95
CA ILE K 134 -9.68 25.51 37.35
C ILE K 134 -10.81 24.84 36.60
N GLU K 135 -10.54 23.67 36.00
CA GLU K 135 -11.64 22.95 35.29
C GLU K 135 -12.75 22.56 36.28
N ILE K 136 -13.99 22.88 35.92
CA ILE K 136 -15.15 22.52 36.73
C ILE K 136 -15.26 20.98 36.90
N GLN K 137 -15.12 20.21 35.82
CA GLN K 137 -15.17 18.73 35.95
C GLN K 137 -14.34 18.27 37.18
N THR K 138 -13.16 18.84 37.33
CA THR K 138 -12.25 18.51 38.39
C THR K 138 -12.88 18.66 39.76
N LEU K 139 -13.73 19.68 39.91
CA LEU K 139 -14.33 20.04 41.19
C LEU K 139 -15.52 19.16 41.43
N THR K 140 -16.41 19.07 40.44
CA THR K 140 -17.62 18.31 40.64
C THR K 140 -17.33 16.85 40.82
N GLY K 141 -16.35 16.34 40.06
CA GLY K 141 -16.05 14.94 40.08
C GLY K 141 -15.67 14.46 41.46
N LEU K 142 -15.25 15.38 42.33
CA LEU K 142 -14.93 15.02 43.70
C LEU K 142 -16.15 14.50 44.47
N PHE K 143 -17.36 14.79 44.01
CA PHE K 143 -18.54 14.29 44.70
C PHE K 143 -19.24 13.11 44.00
N LYS K 144 -18.56 12.45 43.06
CA LYS K 144 -19.18 11.31 42.41
C LYS K 144 -19.27 10.10 43.34
N GLY K 145 -20.18 9.19 43.00
CA GLY K 145 -20.42 8.01 43.81
C GLY K 145 -19.15 7.25 44.21
N ASP K 146 -18.23 7.10 43.27
CA ASP K 146 -17.04 6.29 43.50
C ASP K 146 -16.01 7.01 44.40
N LYS K 147 -16.22 8.29 44.67
CA LYS K 147 -15.25 9.11 45.44
C LYS K 147 -15.87 9.67 46.70
N CYS K 148 -17.20 9.77 46.74
CA CYS K 148 -17.97 10.19 47.93
C CYS K 148 -19.13 9.22 48.16
N HIS K 149 -18.87 8.08 48.84
CA HIS K 149 -19.93 7.07 49.09
C HIS K 149 -21.06 7.64 49.92
N SER K 150 -20.75 8.62 50.77
CA SER K 150 -21.76 9.12 51.70
C SER K 150 -22.78 10.06 51.05
N LEU K 151 -22.51 10.51 49.81
CA LEU K 151 -23.48 11.32 49.06
C LEU K 151 -24.25 10.52 48.00
N VAL K 152 -23.86 9.27 47.78
CA VAL K 152 -24.52 8.44 46.75
C VAL K 152 -26.03 8.40 46.94
N GLY K 153 -26.77 8.70 45.87
CA GLY K 153 -28.23 8.70 45.93
C GLY K 153 -28.80 9.92 46.67
N LYS K 154 -27.91 10.88 46.97
CA LYS K 154 -28.29 12.15 47.57
C LYS K 154 -28.06 13.21 46.55
N PRO K 155 -28.86 14.28 46.57
CA PRO K 155 -28.70 15.35 45.60
C PRO K 155 -27.42 16.14 45.79
N LYS K 156 -26.85 16.56 44.66
CA LYS K 156 -25.58 17.27 44.57
C LYS K 156 -25.85 18.45 43.61
N ILE K 157 -25.93 19.63 44.21
CA ILE K 157 -26.40 20.81 43.52
C ILE K 157 -25.24 21.76 43.40
N PHE K 158 -24.90 22.11 42.16
CA PHE K 158 -23.93 23.14 41.89
C PHE K 158 -24.62 24.29 41.17
N ILE K 159 -24.35 25.48 41.69
CA ILE K 159 -24.86 26.73 41.17
C ILE K 159 -23.65 27.56 40.77
N ILE K 160 -23.54 27.86 39.48
CA ILE K 160 -22.40 28.56 38.93
C ILE K 160 -22.80 29.91 38.39
N GLN K 161 -22.21 30.98 38.91
CA GLN K 161 -22.39 32.31 38.36
C GLN K 161 -21.07 32.77 37.79
N ALA K 162 -20.94 32.74 36.45
CA ALA K 162 -19.71 33.18 35.80
C ALA K 162 -19.88 33.84 34.44
N CYS K 163 -19.02 34.83 34.17
CA CYS K 163 -18.91 35.59 32.89
C CYS K 163 -19.10 34.78 31.60
N ALA L 10 -19.50 14.08 36.42
CA ALA L 10 -20.58 14.76 37.13
C ALA L 10 -21.86 14.12 36.62
N GLY L 11 -22.11 12.94 37.26
CA GLY L 11 -23.16 11.96 36.95
C GLY L 11 -24.40 11.91 37.87
N ALA L 12 -24.77 10.70 38.31
CA ALA L 12 -26.08 10.46 38.96
C ALA L 12 -26.42 11.41 40.09
N ASP L 13 -27.65 11.89 40.13
CA ASP L 13 -28.13 12.75 41.21
C ASP L 13 -27.46 14.15 41.28
N PHE L 14 -26.92 14.61 40.17
CA PHE L 14 -26.32 15.96 40.13
C PHE L 14 -27.33 16.97 39.59
N LEU L 15 -27.25 18.22 40.03
CA LEU L 15 -28.02 19.35 39.42
C LEU L 15 -27.13 20.56 39.25
N MET L 16 -26.90 20.94 38.00
CA MET L 16 -26.13 22.14 37.70
C MET L 16 -27.11 23.29 37.39
N CYS L 17 -26.94 24.41 38.11
CA CYS L 17 -27.74 25.58 37.86
C CYS L 17 -26.78 26.65 37.36
N TYR L 18 -27.00 27.12 36.13
CA TYR L 18 -26.13 28.11 35.48
C TYR L 18 -26.80 29.47 35.29
N SER L 19 -26.16 30.53 35.80
CA SER L 19 -26.56 31.94 35.65
C SER L 19 -26.96 32.30 34.25
N VAL L 20 -26.14 31.84 33.30
CA VAL L 20 -26.43 32.06 31.89
C VAL L 20 -26.28 30.76 31.11
N ASN L 32 -26.16 46.16 44.17
CA ASN L 32 -27.23 45.25 44.60
C ASN L 32 -27.25 43.85 43.96
N GLY L 33 -26.14 43.41 43.36
CA GLY L 33 -26.01 42.02 42.91
C GLY L 33 -26.71 41.56 41.62
N SER L 34 -26.40 40.32 41.22
CA SER L 34 -26.81 39.81 39.90
C SER L 34 -28.29 39.46 39.79
N TRP L 35 -28.83 39.85 38.64
CA TRP L 35 -30.15 39.42 38.18
C TRP L 35 -30.47 37.99 38.58
N TYR L 36 -29.51 37.10 38.51
CA TYR L 36 -29.85 35.70 38.66
C TYR L 36 -29.89 35.27 40.09
N ILE L 37 -28.95 35.77 40.86
CA ILE L 37 -28.89 35.33 42.24
C ILE L 37 -29.96 36.06 43.06
N GLN L 38 -30.26 37.30 42.69
CA GLN L 38 -31.39 38.01 43.29
C GLN L 38 -32.68 37.18 43.13
N ASP L 39 -32.87 36.65 41.94
CA ASP L 39 -34.15 36.04 41.59
C ASP L 39 -34.23 34.65 42.21
N LEU L 40 -33.13 33.90 42.13
CA LEU L 40 -33.03 32.63 42.85
C LEU L 40 -33.40 32.91 44.30
N CYS L 41 -32.66 33.80 44.95
CA CYS L 41 -32.88 34.01 46.38
C CYS L 41 -34.33 34.44 46.69
N GLU L 42 -34.85 35.43 45.96
CA GLU L 42 -36.21 35.87 46.18
C GLU L 42 -37.11 34.65 46.21
N MET L 43 -36.83 33.73 45.28
CA MET L 43 -37.70 32.61 45.03
C MET L 43 -37.48 31.53 46.08
N LEU L 44 -36.23 31.24 46.39
CA LEU L 44 -35.92 30.40 47.52
C LEU L 44 -36.73 30.82 48.78
N GLY L 45 -36.73 32.11 49.08
CA GLY L 45 -37.36 32.64 50.30
C GLY L 45 -38.87 32.55 50.31
N LYS L 46 -39.48 32.74 49.15
CA LYS L 46 -40.92 32.60 49.04
C LYS L 46 -41.31 31.11 49.03
N TYR L 47 -40.66 30.36 48.14
CA TYR L 47 -41.17 29.05 47.72
C TYR L 47 -40.28 27.85 48.12
N GLY L 48 -39.02 28.12 48.45
CA GLY L 48 -38.03 27.10 48.78
C GLY L 48 -38.51 26.07 49.74
N SER L 49 -39.24 26.49 50.75
CA SER L 49 -39.70 25.54 51.74
C SER L 49 -40.83 24.66 51.25
N SER L 50 -41.49 25.05 50.16
CA SER L 50 -42.65 24.33 49.69
C SER L 50 -42.45 23.71 48.30
N LEU L 51 -41.96 24.45 47.32
CA LEU L 51 -41.97 23.93 45.96
C LEU L 51 -40.90 22.88 45.76
N GLU L 52 -41.10 22.05 44.73
CA GLU L 52 -40.12 21.08 44.29
C GLU L 52 -39.04 21.89 43.62
N PHE L 53 -37.80 21.56 43.92
CA PHE L 53 -36.70 22.44 43.52
C PHE L 53 -36.52 22.67 42.01
N THR L 54 -36.84 21.69 41.19
CA THR L 54 -36.84 22.02 39.76
C THR L 54 -38.01 22.94 39.45
N GLU L 55 -39.21 22.66 40.00
CA GLU L 55 -40.38 23.60 39.88
C GLU L 55 -39.82 25.02 40.12
N LEU L 56 -39.11 25.18 41.24
CA LEU L 56 -38.64 26.49 41.66
C LEU L 56 -37.69 27.14 40.69
N LEU L 57 -36.70 26.38 40.17
CA LEU L 57 -35.71 26.94 39.26
C LEU L 57 -36.33 27.36 37.95
N THR L 58 -37.39 26.71 37.52
CA THR L 58 -38.10 27.12 36.30
C THR L 58 -38.68 28.51 36.49
N LEU L 59 -39.18 28.79 37.70
CA LEU L 59 -39.60 30.16 38.07
C LEU L 59 -38.47 31.13 37.93
N VAL L 60 -37.31 30.76 38.47
CA VAL L 60 -36.12 31.57 38.22
C VAL L 60 -35.94 31.84 36.72
N ASN L 61 -36.09 30.83 35.88
CA ASN L 61 -35.98 31.09 34.45
C ASN L 61 -37.00 32.10 33.93
N ARG L 62 -38.20 32.15 34.49
CA ARG L 62 -39.20 33.13 34.03
C ARG L 62 -38.87 34.56 34.47
N LYS L 63 -38.58 34.70 35.74
CA LYS L 63 -38.29 35.99 36.35
C LYS L 63 -37.11 36.68 35.66
N VAL L 64 -36.02 35.94 35.44
CA VAL L 64 -34.82 36.51 34.85
C VAL L 64 -35.04 36.91 33.40
N SER L 65 -35.90 36.16 32.70
CA SER L 65 -36.13 36.37 31.29
C SER L 65 -37.21 37.43 31.03
N GLN L 66 -37.69 38.10 32.06
CA GLN L 66 -38.60 39.22 31.86
C GLN L 66 -37.82 40.52 31.95
N ARG L 67 -36.75 40.51 32.74
CA ARG L 67 -35.79 41.60 32.82
C ARG L 67 -35.33 42.12 31.44
N ARG L 68 -35.29 43.46 31.28
CA ARG L 68 -34.85 44.14 30.04
C ARG L 68 -33.31 44.25 29.95
N GLN L 82 -31.16 37.94 28.39
CA GLN L 82 -30.49 36.75 28.92
C GLN L 82 -31.40 35.77 29.73
N VAL L 83 -31.26 34.45 29.47
CA VAL L 83 -32.03 33.41 30.21
C VAL L 83 -31.08 32.34 30.79
N PRO L 84 -31.31 31.95 32.05
CA PRO L 84 -30.42 31.00 32.69
C PRO L 84 -30.88 29.58 32.44
N CYS L 85 -30.27 28.65 33.14
CA CYS L 85 -30.37 27.25 32.78
C CYS L 85 -30.12 26.39 33.97
N PHE L 86 -30.79 25.26 34.03
CA PHE L 86 -30.33 24.16 34.83
C PHE L 86 -30.32 22.85 34.06
N ALA L 87 -29.35 22.02 34.40
CA ALA L 87 -29.24 20.66 33.86
C ALA L 87 -29.37 19.68 35.02
N SER L 88 -30.22 18.67 34.85
CA SER L 88 -30.54 17.80 35.98
C SER L 88 -30.26 16.34 35.66
N MET L 89 -29.55 15.71 36.56
CA MET L 89 -29.41 14.26 36.57
C MET L 89 -30.10 13.68 37.79
N LEU L 90 -31.08 14.42 38.30
CA LEU L 90 -31.80 13.99 39.48
C LEU L 90 -32.73 12.84 39.11
N THR L 91 -33.00 12.00 40.08
CA THR L 91 -33.71 10.76 39.83
C THR L 91 -35.03 10.83 40.55
N LYS L 92 -35.18 11.79 41.47
CA LYS L 92 -36.36 11.91 42.30
C LYS L 92 -36.78 13.38 42.47
N LYS L 93 -38.02 13.62 42.89
CA LYS L 93 -38.46 14.99 43.24
C LYS L 93 -37.70 15.47 44.46
N LEU L 94 -37.26 16.72 44.43
CA LEU L 94 -36.47 17.28 45.50
C LEU L 94 -37.18 18.48 46.16
N HIS L 95 -37.54 18.34 47.44
CA HIS L 95 -38.20 19.39 48.23
C HIS L 95 -37.34 19.71 49.44
N PHE L 96 -37.41 20.94 49.96
CA PHE L 96 -36.78 21.29 51.25
C PHE L 96 -37.82 21.74 52.26
N PHE L 97 -38.71 20.82 52.64
CA PHE L 97 -39.64 21.08 53.74
C PHE L 97 -38.83 21.28 55.03
N PRO L 98 -39.24 22.24 55.90
CA PRO L 98 -38.55 22.54 57.16
C PRO L 98 -38.28 21.32 58.03
N LYS L 99 -37.07 21.17 58.53
CA LYS L 99 -36.77 20.10 59.49
C LYS L 99 -37.07 20.51 60.92
N PHE M 31 26.14 10.43 10.39
CA PHE M 31 24.92 11.29 10.42
C PHE M 31 25.10 12.72 9.83
N ASP M 32 24.41 13.06 8.74
CA ASP M 32 24.80 14.24 7.93
C ASP M 32 23.90 15.48 7.98
N PRO M 33 24.27 16.48 8.79
CA PRO M 33 23.42 17.66 8.93
C PRO M 33 22.92 18.30 7.63
N ALA M 34 23.66 18.13 6.53
CA ALA M 34 23.22 18.74 5.28
C ALA M 34 22.50 17.74 4.36
N GLU M 35 21.84 16.75 4.95
CA GLU M 35 21.13 15.72 4.22
C GLU M 35 19.85 16.27 3.69
N LYS M 36 19.50 15.82 2.49
CA LYS M 36 18.32 16.29 1.79
C LYS M 36 17.49 15.10 1.29
N TYR M 37 16.17 15.26 1.31
CA TYR M 37 15.27 14.25 0.78
C TYR M 37 15.71 13.84 -0.63
N LYS M 38 15.62 12.55 -0.93
CA LYS M 38 15.82 12.07 -2.31
C LYS M 38 14.78 12.69 -3.18
N MET M 39 15.18 13.53 -4.13
CA MET M 39 14.21 14.23 -4.99
C MET M 39 14.41 13.91 -6.48
N ASP M 40 14.66 12.62 -6.74
CA ASP M 40 15.08 12.07 -8.02
C ASP M 40 14.32 10.79 -8.39
N HIS M 41 13.06 10.68 -7.94
CA HIS M 41 12.16 9.62 -8.37
C HIS M 41 11.67 10.02 -9.75
N ARG M 42 11.08 9.08 -10.48
CA ARG M 42 10.49 9.37 -11.82
C ARG M 42 9.60 10.61 -11.86
N ARG M 43 8.68 10.72 -10.92
CA ARG M 43 7.72 11.81 -10.91
C ARG M 43 8.00 12.73 -9.72
N ARG M 44 7.70 14.03 -9.84
CA ARG M 44 7.73 14.89 -8.68
C ARG M 44 6.63 14.54 -7.71
N GLY M 45 5.45 14.20 -8.21
CA GLY M 45 4.32 13.88 -7.33
C GLY M 45 3.12 14.78 -7.51
N ILE M 46 2.07 14.48 -6.75
CA ILE M 46 0.80 15.16 -6.95
C ILE M 46 0.70 16.44 -6.09
N ALA M 47 0.30 17.54 -6.71
CA ALA M 47 -0.21 18.71 -6.00
C ALA M 47 -1.75 18.81 -6.06
N LEU M 48 -2.42 18.46 -4.99
CA LEU M 48 -3.87 18.55 -4.93
C LEU M 48 -4.30 19.94 -4.44
N ILE M 49 -5.14 20.63 -5.20
CA ILE M 49 -5.76 21.88 -4.74
C ILE M 49 -7.31 21.75 -4.57
N PHE M 50 -7.80 21.98 -3.35
CA PHE M 50 -9.19 22.12 -3.08
C PHE M 50 -9.55 23.61 -3.00
N ASN M 51 -10.34 24.06 -3.99
CA ASN M 51 -10.69 25.46 -4.12
C ASN M 51 -12.18 25.74 -3.81
N HIS M 52 -12.44 26.56 -2.81
CA HIS M 52 -13.78 26.87 -2.37
C HIS M 52 -14.12 28.35 -2.49
N GLU M 53 -15.00 28.71 -3.42
CA GLU M 53 -15.42 30.08 -3.55
C GLU M 53 -16.84 30.30 -3.01
N ARG M 54 -17.76 29.41 -3.31
CA ARG M 54 -19.15 29.61 -2.91
C ARG M 54 -19.51 28.47 -1.94
N PHE M 55 -20.44 28.73 -1.04
CA PHE M 55 -20.81 27.72 -0.02
C PHE M 55 -22.31 27.51 0.02
N PHE M 56 -22.72 26.41 0.62
CA PHE M 56 -24.12 26.09 0.79
C PHE M 56 -24.80 27.23 1.52
N TRP M 57 -25.95 27.63 1.04
CA TRP M 57 -26.54 28.84 1.51
C TRP M 57 -26.70 28.83 3.02
N HIS M 58 -27.07 27.67 3.59
CA HIS M 58 -27.48 27.63 4.98
C HIS M 58 -26.28 27.68 5.90
N LEU M 59 -25.07 27.59 5.35
CA LEU M 59 -23.86 27.78 6.15
C LEU M 59 -23.61 29.25 6.49
N THR M 60 -24.19 30.17 5.75
CA THR M 60 -24.07 31.56 6.12
C THR M 60 -22.63 32.10 6.01
N LEU M 61 -21.89 31.57 5.04
CA LEU M 61 -20.52 32.01 4.82
C LEU M 61 -20.32 32.88 3.57
N PRO M 62 -19.52 33.93 3.68
CA PRO M 62 -19.29 34.76 2.52
C PRO M 62 -18.47 34.08 1.43
N GLU M 63 -18.65 34.56 0.22
CA GLU M 63 -17.91 34.15 -0.95
C GLU M 63 -16.47 34.50 -0.82
N ARG M 64 -15.64 33.67 -1.41
CA ARG M 64 -14.22 33.92 -1.38
C ARG M 64 -13.79 34.46 -2.73
N ARG M 65 -13.82 35.77 -2.82
CA ARG M 65 -13.79 36.53 -4.06
C ARG M 65 -12.53 36.30 -4.91
N GLY M 66 -11.37 36.43 -4.31
CA GLY M 66 -10.16 36.24 -5.08
C GLY M 66 -9.64 34.83 -5.20
N THR M 67 -10.42 33.82 -4.84
CA THR M 67 -9.85 32.49 -4.63
C THR M 67 -9.41 31.78 -5.90
N CYS M 68 -10.14 31.94 -6.98
CA CYS M 68 -9.74 31.30 -8.24
C CYS M 68 -8.37 31.79 -8.85
N ALA M 69 -8.09 33.10 -8.78
CA ALA M 69 -6.74 33.64 -9.02
C ALA M 69 -5.70 32.83 -8.24
N ASP M 70 -5.95 32.65 -6.94
CA ASP M 70 -5.04 31.91 -6.11
C ASP M 70 -4.95 30.51 -6.65
N ARG M 71 -6.07 29.89 -6.91
CA ARG M 71 -6.02 28.54 -7.38
C ARG M 71 -5.12 28.46 -8.59
N ASP M 72 -5.28 29.37 -9.54
CA ASP M 72 -4.53 29.28 -10.77
C ASP M 72 -3.08 29.69 -10.59
N ASN M 73 -2.81 30.65 -9.71
CA ASN M 73 -1.44 31.08 -9.43
C ASN M 73 -0.70 29.91 -8.84
N LEU M 74 -1.33 29.21 -7.90
CA LEU M 74 -0.70 28.01 -7.33
C LEU M 74 -0.44 26.97 -8.42
N THR M 75 -1.44 26.75 -9.27
CA THR M 75 -1.35 25.75 -10.35
C THR M 75 -0.17 26.04 -11.24
N ARG M 76 0.02 27.29 -11.61
CA ARG M 76 1.14 27.65 -12.42
C ARG M 76 2.46 27.27 -11.74
N ARG M 77 2.62 27.55 -10.45
CA ARG M 77 3.95 27.50 -9.85
C ARG M 77 4.34 26.08 -9.49
N PHE M 78 3.33 25.28 -9.13
CA PHE M 78 3.55 23.89 -8.79
C PHE M 78 3.79 23.06 -10.04
N SER M 79 3.16 23.40 -11.17
CA SER M 79 3.51 22.72 -12.43
C SER M 79 4.94 23.01 -12.82
N ASP M 80 5.35 24.26 -12.62
CA ASP M 80 6.65 24.70 -13.08
C ASP M 80 7.71 24.00 -12.26
N LEU M 81 7.33 23.56 -11.06
CA LEU M 81 8.15 22.76 -10.20
C LEU M 81 8.03 21.24 -10.43
N GLY M 82 7.24 20.83 -11.41
CA GLY M 82 7.15 19.44 -11.83
C GLY M 82 5.95 18.64 -11.36
N PHE M 83 5.08 19.21 -10.55
CA PHE M 83 4.00 18.43 -9.98
C PHE M 83 2.87 18.21 -10.98
N GLU M 84 2.12 17.15 -10.81
CA GLU M 84 0.87 16.99 -11.52
C GLU M 84 -0.17 17.61 -10.59
N VAL M 85 -0.86 18.61 -11.09
CA VAL M 85 -1.69 19.47 -10.29
C VAL M 85 -3.08 19.08 -10.64
N LYS M 86 -3.90 18.80 -9.63
CA LYS M 86 -5.28 18.53 -9.85
C LYS M 86 -6.10 19.46 -8.97
N CYS M 87 -6.88 20.32 -9.60
CA CYS M 87 -7.78 21.25 -8.92
C CYS M 87 -9.19 20.70 -8.76
N PHE M 88 -9.82 20.98 -7.64
CA PHE M 88 -11.23 20.69 -7.50
C PHE M 88 -11.90 21.91 -6.88
N ASN M 89 -13.05 22.28 -7.45
CA ASN M 89 -13.73 23.51 -7.14
C ASN M 89 -15.07 23.23 -6.45
N ASP M 90 -15.21 23.79 -5.24
CA ASP M 90 -16.39 23.72 -4.48
C ASP M 90 -16.89 22.32 -4.18
N LEU M 91 -16.01 21.40 -3.82
CA LEU M 91 -16.48 20.06 -3.43
C LEU M 91 -17.33 20.08 -2.14
N LYS M 92 -18.36 19.25 -2.10
CA LYS M 92 -19.13 18.96 -0.87
C LYS M 92 -18.37 17.90 -0.05
N ALA M 93 -18.61 17.82 1.25
CA ALA M 93 -17.72 17.07 2.12
C ALA M 93 -17.56 15.65 1.67
N GLU M 94 -18.62 15.07 1.18
CA GLU M 94 -18.53 13.69 0.68
C GLU M 94 -17.51 13.55 -0.44
N GLU M 95 -17.58 14.44 -1.42
CA GLU M 95 -16.75 14.30 -2.64
C GLU M 95 -15.33 14.59 -2.26
N LEU M 96 -15.11 15.55 -1.37
CA LEU M 96 -13.76 15.99 -1.03
C LEU M 96 -13.09 14.88 -0.27
N LEU M 97 -13.86 14.21 0.57
CA LEU M 97 -13.31 13.21 1.41
C LEU M 97 -12.96 11.94 0.62
N LEU M 98 -13.75 11.63 -0.38
CA LEU M 98 -13.37 10.50 -1.18
C LEU M 98 -12.22 10.74 -2.14
N LYS M 99 -11.97 11.98 -2.49
CA LYS M 99 -10.97 12.35 -3.44
C LYS M 99 -9.68 12.28 -2.72
N ILE M 100 -9.67 12.87 -1.54
CA ILE M 100 -8.45 12.93 -0.78
C ILE M 100 -8.11 11.54 -0.30
N HIS M 101 -9.11 10.74 0.03
CA HIS M 101 -8.88 9.35 0.42
C HIS M 101 -8.43 8.54 -0.80
N GLU M 102 -8.93 8.93 -1.97
CA GLU M 102 -8.49 8.33 -3.22
C GLU M 102 -6.99 8.63 -3.46
N VAL M 103 -6.60 9.91 -3.53
CA VAL M 103 -5.19 10.14 -3.79
C VAL M 103 -4.31 9.62 -2.69
N SER M 104 -4.81 9.37 -1.49
CA SER M 104 -3.93 8.77 -0.44
C SER M 104 -3.65 7.27 -0.59
N THR M 105 -4.49 6.58 -1.36
CA THR M 105 -4.35 5.14 -1.60
C THR M 105 -3.90 4.84 -3.03
N VAL M 106 -3.68 5.90 -3.79
CA VAL M 106 -2.77 5.90 -4.97
C VAL M 106 -1.35 5.55 -4.56
N SER M 107 -0.59 4.96 -5.49
CA SER M 107 0.85 4.69 -5.26
C SER M 107 1.72 5.87 -5.56
N HIS M 108 2.54 6.29 -4.59
CA HIS M 108 3.48 7.39 -4.76
C HIS M 108 4.92 6.80 -4.70
N ALA M 109 5.07 5.54 -5.11
CA ALA M 109 6.39 4.89 -5.05
C ALA M 109 7.38 5.72 -5.87
N ASP M 110 6.96 6.07 -7.08
CA ASP M 110 7.76 6.89 -8.00
C ASP M 110 7.69 8.40 -7.81
N ALA M 111 7.13 8.85 -6.71
CA ALA M 111 6.95 10.28 -6.52
C ALA M 111 7.98 10.74 -5.50
N ASP M 112 8.42 11.97 -5.68
CA ASP M 112 9.27 12.62 -4.73
C ASP M 112 8.52 13.03 -3.50
N CYS M 113 7.28 13.50 -3.68
CA CYS M 113 6.57 14.09 -2.55
C CYS M 113 5.11 14.37 -2.89
N PHE M 114 4.41 14.96 -1.93
CA PHE M 114 2.96 15.21 -2.05
C PHE M 114 2.59 16.56 -1.49
N VAL M 115 1.79 17.30 -2.24
CA VAL M 115 1.35 18.59 -1.77
C VAL M 115 -0.13 18.62 -1.77
N CYS M 116 -0.72 19.19 -0.73
CA CYS M 116 -2.14 19.39 -0.66
C CYS M 116 -2.50 20.79 -0.19
N VAL M 117 -3.38 21.49 -0.92
CA VAL M 117 -3.72 22.88 -0.63
C VAL M 117 -5.20 23.03 -0.43
N PHE M 118 -5.58 23.75 0.62
CA PHE M 118 -6.99 24.06 0.92
C PHE M 118 -7.15 25.52 0.92
N LEU M 119 -7.94 25.99 -0.04
CA LEU M 119 -8.37 27.39 -0.13
C LEU M 119 -9.82 27.46 0.28
N SER M 120 -10.11 27.84 1.51
CA SER M 120 -11.51 27.85 1.98
C SER M 120 -11.70 28.65 3.24
N HIS M 121 -12.91 28.68 3.79
CA HIS M 121 -13.05 29.11 5.19
C HIS M 121 -12.63 28.00 6.12
N GLY M 122 -12.40 28.33 7.39
CA GLY M 122 -12.02 27.38 8.45
C GLY M 122 -12.73 27.76 9.74
N GLU M 123 -12.69 26.86 10.72
CA GLU M 123 -13.44 27.06 11.97
C GLU M 123 -12.82 26.06 12.92
N GLY M 124 -12.15 26.57 13.95
CA GLY M 124 -11.35 25.73 14.81
C GLY M 124 -10.48 24.95 13.86
N ASN M 125 -10.28 23.68 14.19
CA ASN M 125 -9.36 22.84 13.47
C ASN M 125 -10.07 22.21 12.26
N HIS M 126 -10.98 22.93 11.67
CA HIS M 126 -11.77 22.36 10.61
C HIS M 126 -11.65 23.24 9.40
N ILE M 127 -11.94 22.65 8.25
CA ILE M 127 -11.94 23.36 7.00
C ILE M 127 -13.34 23.23 6.42
N TYR M 128 -13.87 24.23 5.72
CA TYR M 128 -15.17 24.02 5.12
C TYR M 128 -15.11 23.48 3.70
N ALA M 129 -15.87 22.42 3.46
CA ALA M 129 -16.22 22.03 2.11
C ALA M 129 -17.41 22.91 1.74
N TYR M 130 -18.10 22.59 0.64
CA TYR M 130 -19.24 23.39 0.22
C TYR M 130 -20.38 23.40 1.23
N ASP M 131 -20.59 22.27 1.90
CA ASP M 131 -21.80 22.04 2.72
C ASP M 131 -21.57 21.76 4.17
N ALA M 132 -20.33 21.52 4.57
CA ALA M 132 -20.00 21.22 5.96
C ALA M 132 -18.51 21.31 6.26
N LYS M 133 -18.21 21.35 7.52
CA LYS M 133 -16.85 21.39 7.97
C LYS M 133 -16.29 19.99 8.08
N ILE M 134 -14.97 19.85 7.91
CA ILE M 134 -14.25 18.62 8.14
C ILE M 134 -12.97 18.86 9.01
N GLU M 135 -12.62 17.94 9.92
CA GLU M 135 -11.41 18.12 10.75
C GLU M 135 -10.16 17.93 9.95
N ILE M 136 -9.32 18.92 9.93
CA ILE M 136 -8.03 18.84 9.26
C ILE M 136 -7.30 17.56 9.60
N GLN M 137 -7.28 17.15 10.85
CA GLN M 137 -6.52 15.95 11.28
C GLN M 137 -7.01 14.71 10.50
N THR M 138 -8.30 14.68 10.22
CA THR M 138 -8.93 13.64 9.47
C THR M 138 -8.36 13.59 8.06
N LEU M 139 -8.06 14.75 7.50
CA LEU M 139 -7.52 14.81 6.15
C LEU M 139 -6.00 14.50 6.11
N THR M 140 -5.25 15.04 7.07
CA THR M 140 -3.79 14.87 7.11
C THR M 140 -3.47 13.45 7.51
N GLY M 141 -4.26 12.90 8.43
CA GLY M 141 -4.05 11.57 8.96
C GLY M 141 -3.94 10.46 7.94
N LEU M 142 -4.63 10.63 6.84
CA LEU M 142 -4.68 9.69 5.81
C LEU M 142 -3.33 9.57 5.10
N PHE M 143 -2.42 10.50 5.32
CA PHE M 143 -1.11 10.36 4.70
C PHE M 143 -0.02 9.93 5.66
N LYS M 144 -0.43 9.58 6.88
CA LYS M 144 0.48 9.13 7.91
C LYS M 144 1.17 7.84 7.48
N GLY M 145 2.33 7.55 8.07
CA GLY M 145 3.12 6.41 7.73
C GLY M 145 2.39 5.08 7.74
N ASP M 146 1.51 4.87 8.72
CA ASP M 146 0.79 3.59 8.80
C ASP M 146 -0.43 3.52 7.90
N LYS M 147 -0.74 4.59 7.16
CA LYS M 147 -1.85 4.51 6.20
C LYS M 147 -1.46 4.75 4.74
N CYS M 148 -0.31 5.37 4.53
CA CYS M 148 0.17 5.62 3.19
C CYS M 148 1.61 5.22 3.02
N HIS M 149 1.85 3.90 2.99
CA HIS M 149 3.19 3.32 2.87
C HIS M 149 4.09 3.98 1.82
N SER M 150 3.57 4.21 0.63
CA SER M 150 4.36 4.75 -0.48
C SER M 150 4.82 6.20 -0.34
N LEU M 151 4.39 6.92 0.75
CA LEU M 151 4.94 8.24 1.09
C LEU M 151 5.78 8.27 2.38
N VAL M 152 6.10 7.12 2.94
CA VAL M 152 6.93 7.11 4.11
C VAL M 152 8.29 7.65 3.73
N GLY M 153 8.88 8.49 4.56
CA GLY M 153 10.22 9.05 4.28
C GLY M 153 10.14 10.20 3.29
N LYS M 154 8.95 10.44 2.71
CA LYS M 154 8.78 11.50 1.71
C LYS M 154 7.96 12.68 2.30
N PRO M 155 8.33 13.91 1.92
CA PRO M 155 7.65 15.04 2.47
C PRO M 155 6.24 15.08 2.02
N LYS M 156 5.37 15.45 2.95
CA LYS M 156 3.95 15.55 2.74
C LYS M 156 3.59 16.96 3.22
N ILE M 157 3.33 17.84 2.27
CA ILE M 157 3.20 19.27 2.44
C ILE M 157 1.74 19.76 2.36
N PHE M 158 1.26 20.49 3.35
CA PHE M 158 -0.13 20.96 3.36
C PHE M 158 -0.18 22.44 3.52
N ILE M 159 -0.81 23.09 2.60
CA ILE M 159 -0.89 24.54 2.65
C ILE M 159 -2.36 24.87 2.88
N ILE M 160 -2.65 25.61 3.95
CA ILE M 160 -4.02 25.89 4.36
C ILE M 160 -4.20 27.40 4.42
N GLN M 161 -5.03 27.93 3.53
CA GLN M 161 -5.48 29.31 3.64
C GLN M 161 -6.94 29.30 4.06
N ALA M 162 -7.18 29.61 5.33
CA ALA M 162 -8.51 29.51 5.98
C ALA M 162 -8.80 30.62 6.99
N CYS M 163 -9.84 30.45 7.81
CA CYS M 163 -10.51 31.60 8.47
C CYS M 163 -11.06 31.30 9.89
N ALA N 10 1.01 17.12 11.64
CA ALA N 10 1.70 16.09 12.40
C ALA N 10 1.36 14.65 11.97
N GLY N 11 2.41 14.00 11.44
CA GLY N 11 3.22 12.87 11.95
C GLY N 11 4.59 13.27 11.30
N ALA N 12 5.58 12.37 11.22
CA ALA N 12 6.92 12.66 10.63
C ALA N 12 6.88 12.99 9.13
N ASP N 13 7.71 13.94 8.70
CA ASP N 13 7.86 14.32 7.30
C ASP N 13 6.66 15.08 6.76
N PHE N 14 5.81 15.56 7.69
CA PHE N 14 4.78 16.56 7.39
C PHE N 14 5.29 17.99 7.54
N LEU N 15 4.87 18.83 6.58
CA LEU N 15 4.99 20.30 6.63
C LEU N 15 3.61 20.96 6.39
N MET N 16 3.16 21.69 7.42
CA MET N 16 1.95 22.52 7.42
C MET N 16 2.30 24.03 7.24
N CYS N 17 1.68 24.67 6.26
CA CYS N 17 1.91 26.09 5.97
C CYS N 17 0.61 26.81 6.18
N TYR N 18 0.51 27.66 7.19
CA TYR N 18 -0.74 28.32 7.50
C TYR N 18 -0.68 29.78 7.08
N SER N 19 -1.80 30.36 6.63
CA SER N 19 -1.79 31.77 6.21
C SER N 19 -1.85 32.77 7.35
N VAL N 20 -2.60 32.47 8.41
CA VAL N 20 -2.76 33.48 9.47
C VAL N 20 -2.32 32.99 10.88
N THR N 30 -9.13 41.42 -2.44
CA THR N 30 -9.23 41.72 -3.86
C THR N 30 -9.49 40.46 -4.69
N VAL N 31 -10.25 40.68 -5.78
CA VAL N 31 -10.63 39.66 -6.77
C VAL N 31 -9.41 39.14 -7.58
N ASN N 32 -8.22 39.69 -7.27
CA ASN N 32 -6.91 39.33 -7.89
C ASN N 32 -5.96 38.44 -7.06
N GLY N 33 -6.46 37.88 -5.94
CA GLY N 33 -5.68 36.97 -5.07
C GLY N 33 -5.72 37.36 -3.59
N SER N 34 -5.11 36.53 -2.73
CA SER N 34 -4.84 36.93 -1.35
C SER N 34 -3.35 37.14 -1.16
N TRP N 35 -3.03 37.93 -0.14
CA TRP N 35 -1.67 38.31 0.16
C TRP N 35 -0.74 37.13 0.29
N TYR N 36 -1.18 36.11 1.02
CA TYR N 36 -0.28 35.05 1.41
C TYR N 36 0.01 34.21 0.21
N ILE N 37 -1.02 33.98 -0.58
CA ILE N 37 -0.87 33.10 -1.73
C ILE N 37 -0.02 33.83 -2.78
N GLN N 38 -0.29 35.09 -3.01
CA GLN N 38 0.51 35.78 -4.01
C GLN N 38 1.98 35.79 -3.64
N ASP N 39 2.27 36.15 -2.40
CA ASP N 39 3.66 36.19 -1.92
C ASP N 39 4.27 34.78 -1.91
N LEU N 40 3.46 33.77 -1.62
CA LEU N 40 3.94 32.41 -1.69
C LEU N 40 4.34 32.16 -3.12
N CYS N 41 3.45 32.48 -4.05
CA CYS N 41 3.71 32.20 -5.46
C CYS N 41 4.88 33.05 -6.02
N GLU N 42 5.01 34.29 -5.57
CA GLU N 42 6.08 35.19 -6.06
C GLU N 42 7.38 34.52 -5.71
N MET N 43 7.48 34.06 -4.46
CA MET N 43 8.68 33.33 -4.00
C MET N 43 8.84 31.98 -4.69
N LEU N 44 7.77 31.28 -4.97
CA LEU N 44 7.96 30.02 -5.65
C LEU N 44 8.58 30.22 -7.04
N GLY N 45 8.03 31.14 -7.80
CA GLY N 45 8.55 31.38 -9.13
C GLY N 45 9.96 31.92 -9.14
N LYS N 46 10.31 32.72 -8.14
CA LYS N 46 11.60 33.39 -8.13
C LYS N 46 12.60 32.36 -7.66
N TYR N 47 12.28 31.68 -6.57
CA TYR N 47 13.25 30.90 -5.85
C TYR N 47 12.90 29.43 -5.66
N GLY N 48 11.71 29.01 -6.02
CA GLY N 48 11.28 27.64 -5.73
C GLY N 48 12.26 26.61 -6.25
N SER N 49 12.82 26.88 -7.40
CA SER N 49 13.66 25.92 -8.07
C SER N 49 15.08 25.84 -7.47
N SER N 50 15.46 26.73 -6.55
CA SER N 50 16.82 26.71 -5.95
C SER N 50 16.92 26.77 -4.43
N LEU N 51 16.02 27.46 -3.71
CA LEU N 51 16.14 27.53 -2.23
C LEU N 51 15.59 26.31 -1.48
N GLU N 52 16.04 26.12 -0.24
CA GLU N 52 15.46 25.09 0.62
C GLU N 52 14.02 25.54 1.00
N PHE N 53 13.08 24.63 0.96
CA PHE N 53 11.68 25.04 1.05
C PHE N 53 11.27 25.86 2.31
N THR N 54 11.90 25.58 3.45
CA THR N 54 11.56 26.29 4.70
C THR N 54 12.17 27.68 4.71
N GLU N 55 13.36 27.81 4.11
CA GLU N 55 14.00 29.09 3.79
C GLU N 55 13.02 29.94 2.99
N LEU N 56 12.46 29.33 1.97
CA LEU N 56 11.57 30.02 1.08
C LEU N 56 10.37 30.52 1.87
N LEU N 57 9.80 29.65 2.70
CA LEU N 57 8.60 29.99 3.44
C LEU N 57 8.93 31.02 4.50
N THR N 58 10.17 31.01 4.94
CA THR N 58 10.64 32.07 5.81
C THR N 58 10.61 33.39 5.05
N LEU N 59 10.99 33.41 3.79
CA LEU N 59 10.81 34.64 3.02
C LEU N 59 9.35 35.02 2.97
N VAL N 60 8.50 34.04 2.72
CA VAL N 60 7.09 34.32 2.66
C VAL N 60 6.63 34.99 3.95
N ASN N 61 7.10 34.56 5.11
CA ASN N 61 6.69 35.24 6.33
C ASN N 61 7.05 36.75 6.34
N ARG N 62 8.22 37.13 5.80
CA ARG N 62 8.67 38.52 5.81
C ARG N 62 7.89 39.36 4.80
N LYS N 63 7.84 38.86 3.57
CA LYS N 63 7.07 39.50 2.51
C LYS N 63 5.67 39.78 3.06
N VAL N 64 5.01 38.81 3.68
CA VAL N 64 3.67 39.08 4.20
C VAL N 64 3.68 40.08 5.35
N SER N 65 4.68 39.99 6.21
CA SER N 65 4.71 40.82 7.38
C SER N 65 5.08 42.25 7.03
N GLN N 66 5.63 42.46 5.83
CA GLN N 66 5.98 43.83 5.40
C GLN N 66 4.76 44.58 4.81
N ARG N 67 3.75 43.84 4.35
CA ARG N 67 2.42 44.40 4.01
C ARG N 67 1.60 44.77 5.24
N VAL N 83 1.13 38.13 9.88
CA VAL N 83 2.11 37.01 9.73
C VAL N 83 1.52 35.61 9.60
N PRO N 84 1.91 34.87 8.53
CA PRO N 84 1.65 33.45 8.43
C PRO N 84 2.73 32.69 9.18
N CYS N 85 2.71 31.38 9.01
CA CYS N 85 3.43 30.48 9.85
C CYS N 85 3.64 29.17 9.15
N PHE N 86 4.62 28.42 9.60
CA PHE N 86 4.75 27.06 9.13
C PHE N 86 5.30 26.16 10.19
N ALA N 87 4.77 24.95 10.23
CA ALA N 87 5.12 24.02 11.30
C ALA N 87 5.71 22.82 10.65
N SER N 88 6.96 22.54 11.01
CA SER N 88 7.69 21.49 10.34
C SER N 88 7.93 20.31 11.25
N MET N 89 7.68 19.14 10.68
CA MET N 89 8.17 17.90 11.22
C MET N 89 8.99 17.21 10.17
N LEU N 90 9.53 17.97 9.22
CA LEU N 90 10.47 17.44 8.22
C LEU N 90 11.69 17.02 8.96
N THR N 91 12.46 16.12 8.35
CA THR N 91 13.60 15.53 8.99
C THR N 91 14.85 15.81 8.19
N LYS N 92 14.69 16.55 7.08
CA LYS N 92 15.77 16.79 6.13
C LYS N 92 15.44 18.06 5.36
N LYS N 93 16.48 18.55 4.67
CA LYS N 93 16.37 19.70 3.84
C LYS N 93 15.63 19.31 2.58
N LEU N 94 14.73 20.21 2.13
CA LEU N 94 13.89 19.99 0.97
C LEU N 94 14.17 21.02 -0.15
N HIS N 95 14.41 20.52 -1.35
CA HIS N 95 14.60 21.32 -2.52
C HIS N 95 13.79 20.76 -3.69
N PHE N 96 13.45 21.61 -4.66
CA PHE N 96 12.82 21.16 -5.91
C PHE N 96 13.68 21.64 -7.05
N PHE N 97 14.86 21.02 -7.19
CA PHE N 97 15.71 21.33 -8.31
C PHE N 97 15.04 20.73 -9.53
N PRO N 98 15.21 21.35 -10.70
CA PRO N 98 14.65 20.81 -11.93
C PRO N 98 14.96 19.33 -12.13
N LYS N 99 13.94 18.52 -12.30
CA LYS N 99 14.14 17.11 -12.58
C LYS N 99 14.53 16.91 -14.04
N SER N 100 15.57 16.10 -14.27
CA SER N 100 15.77 15.48 -15.59
C SER N 100 14.47 14.78 -16.12
N PHE O 31 15.87 43.43 -1.34
CA PHE O 31 15.21 42.36 -0.55
C PHE O 31 15.85 40.96 -0.78
N ASP O 32 16.41 40.34 0.27
CA ASP O 32 17.51 39.38 0.09
C ASP O 32 17.40 38.02 0.81
N PRO O 33 17.43 36.93 0.04
CA PRO O 33 17.26 35.55 0.51
C PRO O 33 18.07 35.20 1.74
N ALA O 34 19.37 35.44 1.65
CA ALA O 34 20.32 35.10 2.69
C ALA O 34 20.18 35.98 3.96
N GLU O 35 19.24 36.93 3.97
CA GLU O 35 19.15 37.90 5.08
C GLU O 35 19.09 37.16 6.39
N LYS O 36 19.98 37.52 7.30
CA LYS O 36 20.15 36.88 8.58
C LYS O 36 19.95 37.91 9.73
N TYR O 37 19.34 37.48 10.83
CA TYR O 37 19.04 38.35 11.98
C TYR O 37 20.31 39.04 12.40
N LYS O 38 20.26 40.32 12.73
CA LYS O 38 21.47 40.98 13.21
C LYS O 38 21.73 40.44 14.63
N MET O 39 22.83 39.71 14.81
CA MET O 39 23.15 39.07 16.11
C MET O 39 24.45 39.59 16.76
N ASP O 40 24.87 40.81 16.40
CA ASP O 40 26.06 41.41 17.01
C ASP O 40 25.73 42.50 18.08
N HIS O 41 24.58 42.35 18.74
CA HIS O 41 24.24 43.16 19.92
C HIS O 41 25.20 42.84 21.06
N ARG O 42 25.13 43.63 22.12
CA ARG O 42 26.09 43.55 23.25
C ARG O 42 26.01 42.22 23.93
N ARG O 43 24.78 41.72 24.03
CA ARG O 43 24.42 40.53 24.77
C ARG O 43 23.63 39.62 23.83
N ARG O 44 23.58 38.33 24.16
CA ARG O 44 22.78 37.40 23.38
C ARG O 44 21.34 37.45 23.87
N GLY O 45 21.23 37.48 25.21
CA GLY O 45 19.98 37.70 25.88
C GLY O 45 19.72 36.60 26.89
N ILE O 46 18.71 36.83 27.71
CA ILE O 46 18.25 35.92 28.74
C ILE O 46 17.68 34.63 28.14
N ALA O 47 17.98 33.51 28.77
CA ALA O 47 17.31 32.24 28.43
C ALA O 47 16.59 31.78 29.67
N LEU O 48 15.29 31.94 29.70
CA LEU O 48 14.49 31.73 30.89
C LEU O 48 14.09 30.25 30.89
N ILE O 49 14.33 29.55 31.98
CA ILE O 49 13.94 28.16 32.07
C ILE O 49 13.00 27.94 33.24
N PHE O 50 11.75 27.58 32.92
CA PHE O 50 10.79 27.20 33.93
C PHE O 50 10.75 25.71 34.01
N ASN O 51 11.20 25.18 35.14
CA ASN O 51 11.38 23.75 35.32
C ASN O 51 10.48 23.19 36.39
N HIS O 52 9.71 22.16 36.09
CA HIS O 52 8.76 21.60 37.08
C HIS O 52 8.85 20.10 37.26
N GLU O 53 9.22 19.69 38.47
CA GLU O 53 9.35 18.29 38.82
C GLU O 53 8.11 17.72 39.56
N ARG O 54 7.57 18.49 40.49
CA ARG O 54 6.53 18.04 41.42
C ARG O 54 5.32 19.00 41.34
N PHE O 55 4.15 18.52 41.78
CA PHE O 55 2.96 19.32 41.71
C PHE O 55 2.13 19.18 42.97
N PHE O 56 1.51 20.29 43.33
CA PHE O 56 0.43 20.33 44.31
C PHE O 56 -0.37 19.02 44.32
N TRP O 57 -0.44 18.41 45.49
CA TRP O 57 -0.95 17.06 45.56
C TRP O 57 -2.33 16.88 44.92
N HIS O 58 -3.26 17.82 45.08
CA HIS O 58 -4.60 17.60 44.50
C HIS O 58 -4.69 17.68 42.99
N LEU O 59 -3.63 18.10 42.30
CA LEU O 59 -3.63 17.99 40.84
C LEU O 59 -3.46 16.53 40.37
N THR O 60 -3.04 15.64 41.27
CA THR O 60 -2.75 14.21 40.93
C THR O 60 -1.86 14.10 39.66
N LEU O 61 -0.82 14.92 39.58
CA LEU O 61 0.10 14.89 38.46
C LEU O 61 1.40 14.26 38.87
N PRO O 62 1.84 13.23 38.12
CA PRO O 62 3.08 12.51 38.48
C PRO O 62 4.33 13.36 38.49
N GLU O 63 5.28 12.93 39.28
CA GLU O 63 6.56 13.61 39.36
C GLU O 63 7.22 13.46 37.96
N ARG O 64 8.00 14.45 37.55
CA ARG O 64 8.68 14.42 36.24
C ARG O 64 10.19 14.21 36.46
N ARG O 65 10.62 12.95 36.53
CA ARG O 65 11.83 12.60 37.29
C ARG O 65 13.13 12.91 36.55
N GLY O 66 13.10 12.98 35.25
CA GLY O 66 14.32 13.42 34.57
C GLY O 66 14.48 14.91 34.37
N THR O 67 13.57 15.72 34.89
CA THR O 67 13.45 17.07 34.38
C THR O 67 14.62 17.96 34.77
N CYS O 68 15.29 17.67 35.90
CA CYS O 68 16.40 18.49 36.34
C CYS O 68 17.66 18.27 35.48
N ALA O 69 17.93 17.02 35.15
CA ALA O 69 18.93 16.69 34.11
C ALA O 69 18.71 17.53 32.83
N ASP O 70 17.48 17.58 32.30
CA ASP O 70 17.16 18.39 31.11
C ASP O 70 17.40 19.88 31.38
N ARG O 71 17.00 20.34 32.56
CA ARG O 71 17.14 21.75 32.91
C ARG O 71 18.62 22.13 33.00
N ASP O 72 19.46 21.25 33.56
CA ASP O 72 20.89 21.55 33.60
C ASP O 72 21.52 21.38 32.23
N ASN O 73 20.99 20.49 31.42
CA ASN O 73 21.51 20.24 30.10
C ASN O 73 21.31 21.49 29.26
N LEU O 74 20.09 22.04 29.29
CA LEU O 74 19.76 23.23 28.52
C LEU O 74 20.59 24.41 29.00
N THR O 75 20.78 24.49 30.31
CA THR O 75 21.59 25.52 30.91
C THR O 75 23.00 25.55 30.38
N ARG O 76 23.72 24.43 30.39
CA ARG O 76 25.08 24.48 29.89
C ARG O 76 25.13 24.59 28.37
N ARG O 77 24.15 24.04 27.67
CA ARG O 77 24.09 24.25 26.23
C ARG O 77 23.81 25.67 25.86
N PHE O 78 22.87 26.30 26.56
CA PHE O 78 22.60 27.69 26.19
C PHE O 78 23.74 28.57 26.69
N SER O 79 24.22 28.36 27.91
CA SER O 79 25.30 29.23 28.39
C SER O 79 26.46 29.24 27.43
N ASP O 80 26.82 28.08 26.89
CA ASP O 80 27.91 27.94 25.91
C ASP O 80 27.58 28.51 24.52
N LEU O 81 26.36 28.99 24.31
CA LEU O 81 26.11 29.85 23.16
C LEU O 81 25.97 31.30 23.64
N GLY O 82 26.39 31.58 24.88
CA GLY O 82 26.38 32.94 25.44
C GLY O 82 25.13 33.51 26.11
N PHE O 83 24.14 32.69 26.43
CA PHE O 83 22.88 33.17 27.01
C PHE O 83 23.01 33.36 28.51
N GLU O 84 22.31 34.35 29.04
CA GLU O 84 22.21 34.55 30.47
C GLU O 84 21.07 33.64 30.80
N VAL O 85 21.37 32.50 31.42
CA VAL O 85 20.35 31.49 31.69
C VAL O 85 19.89 31.66 33.11
N LYS O 86 18.57 31.62 33.30
CA LYS O 86 17.94 31.88 34.58
C LYS O 86 16.96 30.74 34.78
N CYS O 87 17.23 29.89 35.77
CA CYS O 87 16.40 28.74 36.01
C CYS O 87 15.48 29.01 37.13
N PHE O 88 14.27 28.46 37.09
CA PHE O 88 13.38 28.54 38.21
C PHE O 88 12.65 27.24 38.40
N ASN O 89 12.55 26.80 39.65
CA ASN O 89 12.04 25.48 39.96
C ASN O 89 10.73 25.55 40.69
N ASP O 90 9.78 24.75 40.21
CA ASP O 90 8.46 24.56 40.81
C ASP O 90 7.75 25.86 41.27
N LEU O 91 7.84 26.93 40.49
CA LEU O 91 7.16 28.15 40.87
C LEU O 91 5.69 27.86 40.82
N LYS O 92 4.93 28.46 41.76
CA LYS O 92 3.46 28.54 41.64
C LYS O 92 3.07 29.56 40.59
N ALA O 93 1.81 29.50 40.15
CA ALA O 93 1.26 30.41 39.14
C ALA O 93 1.59 31.91 39.37
N GLU O 94 1.15 32.44 40.51
CA GLU O 94 1.42 33.83 40.89
C GLU O 94 2.88 34.19 40.70
N GLU O 95 3.75 33.32 41.18
CA GLU O 95 5.20 33.55 41.09
C GLU O 95 5.64 33.52 39.61
N LEU O 96 5.22 32.50 38.88
CA LEU O 96 5.64 32.35 37.48
C LEU O 96 5.21 33.56 36.60
N LEU O 97 4.02 34.09 36.84
CA LEU O 97 3.62 35.25 36.05
C LEU O 97 4.44 36.46 36.51
N LEU O 98 4.62 36.60 37.83
CA LEU O 98 5.43 37.69 38.35
C LEU O 98 6.77 37.74 37.61
N LYS O 99 7.52 36.64 37.65
CA LYS O 99 8.90 36.64 37.09
C LYS O 99 8.85 36.76 35.57
N ILE O 100 7.89 36.09 34.95
CA ILE O 100 7.78 36.12 33.51
C ILE O 100 7.43 37.54 33.07
N HIS O 101 6.56 38.22 33.82
CA HIS O 101 6.12 39.59 33.48
C HIS O 101 7.16 40.66 33.84
N GLU O 102 8.01 40.38 34.85
CA GLU O 102 9.19 41.20 35.17
C GLU O 102 10.02 41.22 33.92
N VAL O 103 10.31 40.03 33.42
CA VAL O 103 11.29 39.84 32.40
C VAL O 103 10.78 40.45 31.11
N SER O 104 9.47 40.50 30.92
CA SER O 104 8.89 41.09 29.72
C SER O 104 8.93 42.62 29.70
N THR O 105 9.12 43.25 30.85
CA THR O 105 9.04 44.71 30.96
C THR O 105 10.39 45.35 31.26
N VAL O 106 11.33 44.56 31.76
CA VAL O 106 12.76 44.93 31.72
C VAL O 106 13.25 44.90 30.27
N SER O 107 14.24 45.73 29.95
CA SER O 107 14.63 46.06 28.56
C SER O 107 15.61 45.07 27.94
N HIS O 108 15.37 44.65 26.68
CA HIS O 108 16.29 43.74 25.96
C HIS O 108 17.05 44.40 24.79
N ALA O 109 17.19 45.71 24.83
CA ALA O 109 17.85 46.49 23.75
C ALA O 109 19.32 46.07 23.47
N ASP O 110 20.00 45.59 24.50
CA ASP O 110 21.37 45.08 24.37
C ASP O 110 21.40 43.69 23.76
N ALA O 111 20.25 43.02 23.77
CA ALA O 111 20.17 41.59 23.58
C ALA O 111 19.91 41.25 22.13
N ASP O 112 20.45 40.12 21.69
CA ASP O 112 20.23 39.66 20.31
C ASP O 112 18.82 39.15 20.24
N CYS O 113 18.56 38.12 21.02
CA CYS O 113 17.29 37.47 21.00
C CYS O 113 16.82 37.12 22.41
N PHE O 114 15.71 36.40 22.46
CA PHE O 114 15.17 35.86 23.68
C PHE O 114 14.63 34.42 23.55
N VAL O 115 14.97 33.61 24.56
CA VAL O 115 14.58 32.23 24.65
C VAL O 115 13.94 32.00 26.00
N CYS O 116 12.79 31.32 25.98
CA CYS O 116 12.08 30.92 27.20
C CYS O 116 11.71 29.45 27.05
N VAL O 117 12.05 28.63 28.03
CA VAL O 117 11.73 27.19 28.01
C VAL O 117 10.73 26.85 29.11
N PHE O 118 9.73 26.01 28.81
CA PHE O 118 8.91 25.38 29.85
C PHE O 118 9.08 23.88 29.82
N LEU O 119 9.51 23.33 30.97
CA LEU O 119 9.58 21.90 31.23
C LEU O 119 8.51 21.53 32.31
N SER O 120 7.33 21.10 31.82
CA SER O 120 6.22 20.73 32.70
C SER O 120 5.25 19.81 32.04
N HIS O 121 4.17 19.50 32.75
CA HIS O 121 3.03 18.85 32.14
C HIS O 121 2.23 19.90 31.40
N GLY O 122 1.48 19.48 30.41
CA GLY O 122 0.63 20.37 29.65
C GLY O 122 -0.79 19.89 29.75
N GLU O 123 -1.63 20.43 28.88
CA GLU O 123 -3.08 20.15 28.92
C GLU O 123 -3.73 21.08 27.91
N GLY O 124 -3.59 20.75 26.63
CA GLY O 124 -4.25 21.49 25.55
C GLY O 124 -3.43 22.70 25.15
N ASN O 125 -3.78 23.85 25.69
CA ASN O 125 -3.12 25.09 25.35
C ASN O 125 -2.48 25.68 26.59
N HIS O 126 -2.17 24.82 27.55
CA HIS O 126 -1.83 25.22 28.91
C HIS O 126 -0.57 24.53 29.36
N ILE O 127 0.31 25.18 30.07
CA ILE O 127 1.31 24.44 30.88
C ILE O 127 0.91 24.60 32.31
N TYR O 128 1.36 23.69 33.13
CA TYR O 128 1.04 23.69 34.51
C TYR O 128 2.16 24.37 35.24
N ALA O 129 1.83 25.22 36.22
CA ALA O 129 2.81 25.60 37.27
C ALA O 129 2.61 24.54 38.36
N TYR O 130 3.15 24.76 39.57
CA TYR O 130 3.06 23.77 40.65
C TYR O 130 1.64 23.38 41.05
N ASP O 131 0.69 24.12 40.52
CA ASP O 131 -0.29 24.83 41.29
C ASP O 131 -1.63 24.90 40.53
N ALA O 132 -1.52 25.25 39.25
CA ALA O 132 -2.67 25.35 38.36
C ALA O 132 -2.09 25.61 36.98
N LYS O 133 -2.94 25.55 35.96
CA LYS O 133 -2.51 25.81 34.57
C LYS O 133 -2.57 27.27 34.13
N ILE O 134 -1.63 27.66 33.28
CA ILE O 134 -1.63 28.96 32.63
C ILE O 134 -1.81 28.72 31.12
N GLU O 135 -2.60 29.56 30.47
CA GLU O 135 -2.65 29.53 29.01
C GLU O 135 -1.33 30.02 28.43
N ILE O 136 -0.67 29.18 27.64
CA ILE O 136 0.51 29.55 26.86
C ILE O 136 0.39 30.92 26.17
N GLN O 137 -0.75 31.19 25.51
CA GLN O 137 -0.94 32.46 24.81
C GLN O 137 -0.72 33.66 25.76
N THR O 138 -1.22 33.53 26.98
CA THR O 138 -0.98 34.52 28.01
C THR O 138 0.48 34.81 28.22
N LEU O 139 1.30 33.76 28.20
CA LEU O 139 2.73 33.89 28.49
C LEU O 139 3.53 34.43 27.29
N THR O 140 3.28 33.91 26.10
CA THR O 140 3.97 34.37 24.91
C THR O 140 3.59 35.79 24.57
N GLY O 141 2.31 36.09 24.78
CA GLY O 141 1.73 37.37 24.41
C GLY O 141 2.31 38.55 25.13
N LEU O 142 2.97 38.32 26.26
CA LEU O 142 3.69 39.39 26.95
C LEU O 142 4.89 39.91 26.18
N PHE O 143 5.31 39.24 25.10
CA PHE O 143 6.48 39.64 24.29
C PHE O 143 6.16 40.00 22.83
N LYS O 144 4.90 40.13 22.46
CA LYS O 144 4.57 40.37 21.06
C LYS O 144 5.21 41.65 20.50
N GLY O 145 5.23 42.71 21.29
CA GLY O 145 5.66 44.01 20.74
C GLY O 145 4.43 44.86 20.64
N ASP O 146 4.50 46.05 21.19
CA ASP O 146 3.29 46.76 21.64
C ASP O 146 3.27 46.53 23.14
N LYS O 147 3.73 45.34 23.53
CA LYS O 147 3.88 44.92 24.92
C LYS O 147 5.34 44.81 25.32
N CYS O 148 6.23 44.68 24.33
CA CYS O 148 7.68 44.54 24.58
C CYS O 148 8.49 45.14 23.43
N HIS O 149 8.50 46.47 23.35
CA HIS O 149 9.12 47.20 22.24
C HIS O 149 10.54 46.78 21.94
N SER O 150 11.31 46.47 22.98
CA SER O 150 12.73 46.23 22.83
C SER O 150 13.09 44.85 22.27
N LEU O 151 12.10 44.04 21.95
CA LEU O 151 12.34 42.78 21.23
C LEU O 151 11.74 42.77 19.82
N VAL O 152 11.20 43.89 19.39
CA VAL O 152 10.67 44.01 18.04
C VAL O 152 11.77 43.81 17.02
N GLY O 153 11.54 42.95 16.03
CA GLY O 153 12.57 42.61 15.05
C GLY O 153 13.45 41.45 15.51
N LYS O 154 13.52 41.20 16.81
CA LYS O 154 14.42 40.18 17.32
C LYS O 154 13.64 38.87 17.54
N PRO O 155 14.36 37.72 17.53
CA PRO O 155 13.74 36.42 17.60
C PRO O 155 13.34 36.03 18.99
N LYS O 156 12.14 35.47 19.10
CA LYS O 156 11.57 35.11 20.38
C LYS O 156 11.26 33.62 20.30
N ILE O 157 12.04 32.82 21.05
CA ILE O 157 12.14 31.38 20.89
C ILE O 157 11.68 30.68 22.17
N PHE O 158 10.59 29.93 22.07
CA PHE O 158 10.02 29.18 23.21
C PHE O 158 10.09 27.71 22.89
N ILE O 159 10.67 26.98 23.84
CA ILE O 159 10.76 25.54 23.79
C ILE O 159 9.88 24.97 24.88
N ILE O 160 8.91 24.16 24.50
CA ILE O 160 7.94 23.65 25.44
C ILE O 160 8.03 22.15 25.51
N GLN O 161 8.28 21.64 26.71
CA GLN O 161 8.30 20.22 26.89
C GLN O 161 7.10 19.92 27.73
N ALA O 162 6.01 19.52 27.08
CA ALA O 162 4.75 19.24 27.73
C ALA O 162 4.62 17.73 27.99
N PRO P 9 1.93 30.37 17.63
CA PRO P 9 2.89 31.50 17.82
C PRO P 9 2.27 32.90 17.67
N ALA P 10 2.54 33.79 18.61
CA ALA P 10 1.83 35.09 18.69
C ALA P 10 1.94 35.99 17.46
N GLY P 11 3.15 36.23 17.00
CA GLY P 11 3.36 37.25 15.99
C GLY P 11 4.69 37.07 15.30
N ALA P 12 5.06 38.10 14.57
CA ALA P 12 6.31 38.17 13.87
C ALA P 12 7.48 37.73 14.74
N ASP P 13 8.42 37.02 14.11
CA ASP P 13 9.69 36.69 14.73
C ASP P 13 9.60 35.77 15.99
N PHE P 14 8.47 35.11 16.20
CA PHE P 14 8.39 34.04 17.20
C PHE P 14 8.76 32.72 16.57
N LEU P 15 9.45 31.89 17.36
CA LEU P 15 9.66 30.50 17.00
C LEU P 15 9.21 29.59 18.13
N MET P 16 8.19 28.76 17.91
CA MET P 16 7.74 27.80 18.91
C MET P 16 8.32 26.40 18.65
N CYS P 17 8.96 25.83 19.66
CA CYS P 17 9.50 24.50 19.50
C CYS P 17 8.73 23.55 20.38
N TYR P 18 8.18 22.50 19.81
CA TYR P 18 7.33 21.59 20.55
C TYR P 18 7.97 20.23 20.61
N SER P 19 7.79 19.56 21.74
CA SER P 19 8.40 18.29 22.05
C SER P 19 7.64 17.13 21.48
N VAL P 20 6.30 17.14 21.56
CA VAL P 20 5.50 15.95 21.13
C VAL P 20 4.62 16.24 19.87
N ASN P 32 17.70 10.69 33.53
CA ASN P 32 18.73 11.15 32.55
C ASN P 32 18.19 12.16 31.54
N GLY P 33 16.86 12.29 31.51
CA GLY P 33 16.22 13.34 30.71
C GLY P 33 15.29 12.79 29.65
N SER P 34 14.69 13.68 28.90
CA SER P 34 13.71 13.27 27.89
C SER P 34 14.36 13.23 26.51
N TRP P 35 13.80 12.42 25.65
CA TRP P 35 14.44 12.21 24.35
C TRP P 35 14.64 13.52 23.64
N TYR P 36 13.63 14.36 23.74
CA TYR P 36 13.63 15.56 22.96
C TYR P 36 14.75 16.48 23.49
N ILE P 37 14.86 16.63 24.79
CA ILE P 37 15.85 17.54 25.30
C ILE P 37 17.25 16.94 25.03
N GLN P 38 17.44 15.66 25.31
CA GLN P 38 18.77 15.06 25.09
C GLN P 38 19.24 15.28 23.67
N ASP P 39 18.32 15.25 22.71
CA ASP P 39 18.65 15.50 21.30
C ASP P 39 18.69 16.97 20.92
N LEU P 40 17.83 17.80 21.46
CA LEU P 40 18.06 19.22 21.28
C LEU P 40 19.50 19.55 21.74
N CYS P 41 19.85 19.15 22.95
CA CYS P 41 21.13 19.54 23.51
C CYS P 41 22.37 18.99 22.77
N GLU P 42 22.31 17.74 22.32
CA GLU P 42 23.41 17.15 21.62
C GLU P 42 23.59 17.96 20.37
N MET P 43 22.49 18.32 19.72
CA MET P 43 22.61 19.11 18.53
C MET P 43 23.01 20.55 18.83
N LEU P 44 22.57 21.11 19.96
CA LEU P 44 23.01 22.44 20.24
C LEU P 44 24.51 22.37 20.35
N GLY P 45 25.01 21.38 21.10
CA GLY P 45 26.45 21.24 21.31
C GLY P 45 27.27 20.99 20.05
N LYS P 46 26.78 20.11 19.18
CA LYS P 46 27.50 19.76 17.95
C LYS P 46 27.43 20.88 16.93
N TYR P 47 26.26 21.46 16.77
CA TYR P 47 26.02 22.32 15.65
C TYR P 47 25.46 23.70 16.00
N GLY P 48 25.28 23.98 17.28
CA GLY P 48 24.67 25.21 17.72
C GLY P 48 25.43 26.38 17.21
N SER P 49 26.75 26.33 17.33
CA SER P 49 27.54 27.48 17.04
C SER P 49 27.64 27.76 15.54
N SER P 50 27.18 26.84 14.68
CA SER P 50 27.37 26.99 13.23
C SER P 50 26.06 27.01 12.40
N LEU P 51 25.25 25.95 12.47
CA LEU P 51 24.04 25.83 11.59
C LEU P 51 22.95 26.87 11.81
N GLU P 52 22.12 27.06 10.79
CA GLU P 52 20.95 27.91 10.93
C GLU P 52 20.00 27.20 11.90
N PHE P 53 19.40 27.95 12.80
CA PHE P 53 18.76 27.30 13.93
C PHE P 53 17.63 26.37 13.50
N THR P 54 16.82 26.76 12.51
CA THR P 54 15.75 25.86 12.06
C THR P 54 16.34 24.62 11.39
N GLU P 55 17.51 24.72 10.77
CA GLU P 55 18.18 23.56 10.18
C GLU P 55 18.50 22.57 11.28
N LEU P 56 18.89 23.12 12.41
CA LEU P 56 19.27 22.36 13.55
C LEU P 56 18.06 21.70 14.18
N LEU P 57 16.89 22.36 14.19
CA LEU P 57 15.68 21.73 14.77
C LEU P 57 15.23 20.62 13.89
N THR P 58 15.58 20.74 12.61
CA THR P 58 15.22 19.74 11.64
C THR P 58 16.02 18.48 11.89
N LEU P 59 17.27 18.59 12.34
CA LEU P 59 18.07 17.42 12.71
C LEU P 59 17.53 16.72 13.95
N VAL P 60 17.15 17.53 14.94
CA VAL P 60 16.49 17.07 16.18
C VAL P 60 15.20 16.32 15.88
N ASN P 61 14.47 16.75 14.84
CA ASN P 61 13.34 16.01 14.37
C ASN P 61 13.82 14.66 13.89
N ARG P 62 14.84 14.64 13.05
CA ARG P 62 15.30 13.38 12.45
C ARG P 62 15.80 12.44 13.53
N LYS P 63 16.39 13.02 14.56
CA LYS P 63 17.03 12.22 15.57
C LYS P 63 15.97 11.60 16.45
N VAL P 64 14.99 12.39 16.85
CA VAL P 64 13.95 11.88 17.74
C VAL P 64 13.12 10.88 17.01
N SER P 65 12.86 11.12 15.73
CA SER P 65 11.98 10.27 14.98
C SER P 65 12.61 8.92 14.85
N GLN P 66 13.94 8.91 14.73
CA GLN P 66 14.71 7.66 14.66
C GLN P 66 14.81 6.80 15.97
N ARG P 67 14.47 7.33 17.16
CA ARG P 67 14.54 6.51 18.40
C ARG P 67 13.43 5.43 18.43
N ARG P 68 13.69 4.30 19.12
CA ARG P 68 12.73 3.15 19.24
C ARG P 68 12.60 2.64 20.68
N GLN P 82 7.03 9.07 18.13
CA GLN P 82 7.23 10.48 18.56
C GLN P 82 8.03 11.37 17.61
N VAL P 83 7.38 12.27 16.91
CA VAL P 83 8.11 13.35 16.24
C VAL P 83 7.79 14.70 16.88
N PRO P 84 8.83 15.45 17.26
CA PRO P 84 8.70 16.84 17.65
C PRO P 84 8.43 17.74 16.45
N CYS P 85 8.38 19.03 16.74
CA CYS P 85 8.24 20.00 15.68
C CYS P 85 8.44 21.42 16.11
N PHE P 86 8.68 22.29 15.16
CA PHE P 86 8.77 23.70 15.44
C PHE P 86 7.82 24.47 14.56
N ALA P 87 7.30 25.57 15.06
CA ALA P 87 6.37 26.39 14.31
C ALA P 87 7.04 27.74 14.14
N SER P 88 7.23 28.16 12.89
CA SER P 88 8.07 29.33 12.63
C SER P 88 7.32 30.53 12.06
N MET P 89 7.43 31.65 12.77
CA MET P 89 7.06 32.95 12.24
C MET P 89 8.26 33.85 12.13
N LEU P 90 9.43 33.24 12.21
CA LEU P 90 10.66 33.95 11.99
C LEU P 90 10.64 34.53 10.57
N THR P 91 11.24 35.71 10.41
CA THR P 91 11.27 36.41 9.12
C THR P 91 12.62 36.41 8.42
N LYS P 92 13.67 35.99 9.11
CA LYS P 92 15.04 35.97 8.59
C LYS P 92 15.72 34.70 9.15
N LYS P 93 16.84 34.25 8.56
CA LYS P 93 17.64 33.14 9.11
C LYS P 93 18.25 33.48 10.47
N LEU P 94 18.52 32.44 11.27
CA LEU P 94 18.96 32.60 12.64
C LEU P 94 20.18 31.75 12.91
N HIS P 95 21.25 32.42 13.31
CA HIS P 95 22.52 31.78 13.54
C HIS P 95 23.04 32.16 14.91
N PHE P 96 23.68 31.21 15.58
CA PHE P 96 24.32 31.50 16.85
C PHE P 96 25.85 31.42 16.74
N PHE P 97 26.45 32.30 15.96
CA PHE P 97 27.90 32.29 15.84
C PHE P 97 28.49 32.92 17.10
N PRO P 98 29.68 32.47 17.53
CA PRO P 98 30.27 33.12 18.71
C PRO P 98 30.46 34.62 18.51
N LYS P 99 30.22 35.37 19.58
CA LYS P 99 30.26 36.84 19.54
C LYS P 99 31.62 37.37 20.01
N SER P 100 31.81 38.67 19.86
CA SER P 100 32.87 39.38 20.63
C SER P 100 32.78 39.00 22.11
#